data_1SQW
# 
_entry.id   1SQW 
# 
_audit_conform.dict_name       mmcif_pdbx.dic 
_audit_conform.dict_version    5.386 
_audit_conform.dict_location   http://mmcif.pdb.org/dictionaries/ascii/mmcif_pdbx.dic 
# 
loop_
_database_2.database_id 
_database_2.database_code 
_database_2.pdbx_database_accession 
_database_2.pdbx_DOI 
PDB   1SQW         pdb_00001sqw 10.2210/pdb1sqw/pdb 
RCSB  RCSB021933   ?            ?                   
WWPDB D_1000021933 ?            ?                   
# 
loop_
_pdbx_audit_revision_history.ordinal 
_pdbx_audit_revision_history.data_content_type 
_pdbx_audit_revision_history.major_revision 
_pdbx_audit_revision_history.minor_revision 
_pdbx_audit_revision_history.revision_date 
1 'Structure model' 1 0 2005-03-22 
2 'Structure model' 1 1 2008-04-29 
3 'Structure model' 1 2 2011-07-13 
4 'Structure model' 1 3 2024-02-14 
# 
_pdbx_audit_revision_details.ordinal             1 
_pdbx_audit_revision_details.revision_ordinal    1 
_pdbx_audit_revision_details.data_content_type   'Structure model' 
_pdbx_audit_revision_details.provider            repository 
_pdbx_audit_revision_details.type                'Initial release' 
_pdbx_audit_revision_details.description         ? 
_pdbx_audit_revision_details.details             ? 
# 
loop_
_pdbx_audit_revision_group.ordinal 
_pdbx_audit_revision_group.revision_ordinal 
_pdbx_audit_revision_group.data_content_type 
_pdbx_audit_revision_group.group 
1 2 'Structure model' 'Version format compliance' 
2 3 'Structure model' 'Version format compliance' 
3 4 'Structure model' 'Data collection'           
4 4 'Structure model' 'Database references'       
# 
loop_
_pdbx_audit_revision_category.ordinal 
_pdbx_audit_revision_category.revision_ordinal 
_pdbx_audit_revision_category.data_content_type 
_pdbx_audit_revision_category.category 
1 4 'Structure model' chem_comp_atom     
2 4 'Structure model' chem_comp_bond     
3 4 'Structure model' database_2         
4 4 'Structure model' struct_ref_seq_dif 
# 
loop_
_pdbx_audit_revision_item.ordinal 
_pdbx_audit_revision_item.revision_ordinal 
_pdbx_audit_revision_item.data_content_type 
_pdbx_audit_revision_item.item 
1 4 'Structure model' '_database_2.pdbx_DOI'                
2 4 'Structure model' '_database_2.pdbx_database_accession' 
3 4 'Structure model' '_struct_ref_seq_dif.details'         
# 
_pdbx_database_status.status_code                     REL 
_pdbx_database_status.entry_id                        1SQW 
_pdbx_database_status.recvd_initial_deposition_date   2004-03-19 
_pdbx_database_status.deposit_site                    RCSB 
_pdbx_database_status.process_site                    RCSB 
_pdbx_database_status.status_code_sf                  REL 
_pdbx_database_status.status_code_mr                  ? 
_pdbx_database_status.SG_entry                        N 
_pdbx_database_status.pdb_format_compatible           Y 
_pdbx_database_status.status_code_cs                  ? 
_pdbx_database_status.status_code_nmr_data            ? 
_pdbx_database_status.methods_development_category    ? 
# 
loop_
_audit_author.name 
_audit_author.pdbx_ordinal 
'Liu, J.F.'   1 
'Wang, X.Q.'  2 
'Wang, Z.X.'  3 
'Chen, J.R.'  4 
'Jiang, T.'   5 
'An, X.M.'    6 
'Chan, W.R.'  7 
'Liang, D.C.' 8 
# 
_citation.id                        primary 
_citation.title                     
'Crystal structure of KD93, a novel protein expressed in human hematopoietic stem/progenitor cells.' 
_citation.journal_abbrev            J.Struct.Biol. 
_citation.journal_volume            148 
_citation.page_first                370 
_citation.page_last                 374 
_citation.year                      2004 
_citation.journal_id_ASTM           JSBIEM 
_citation.country                   US 
_citation.journal_id_ISSN           1047-8477 
_citation.journal_id_CSD            0803 
_citation.book_publisher            ? 
_citation.pdbx_database_id_PubMed   15522784 
_citation.pdbx_database_id_DOI      10.1016/j.jsb.2004.06.010 
# 
loop_
_citation_author.citation_id 
_citation_author.name 
_citation_author.ordinal 
_citation_author.identifier_ORCID 
primary 'Liu, J.F.'   1 ? 
primary 'Wang, X.Q.'  2 ? 
primary 'Wang, Z.X.'  3 ? 
primary 'Chen, J.R.'  4 ? 
primary 'Jiang, T.'   5 ? 
primary 'An, X.M.'    6 ? 
primary 'Chang, W.R.' 7 ? 
primary 'Liang, D.C.' 8 ? 
# 
loop_
_entity.id 
_entity.type 
_entity.src_method 
_entity.pdbx_description 
_entity.formula_weight 
_entity.pdbx_number_of_molecules 
_entity.pdbx_ec 
_entity.pdbx_mutation 
_entity.pdbx_fragment 
_entity.details 
1 polymer man 'Saccharomyces cerevisiae Nip7p homolog' 21562.787 1   ? ? ? 
'novel protein expressed in human hematopoietic stem/progenitor cells' 
2 water   nat water                                    18.015    131 ? ? ? ? 
# 
_entity_poly.entity_id                      1 
_entity_poly.type                           'polypeptide(L)' 
_entity_poly.nstd_linkage                   no 
_entity_poly.nstd_monomer                   no 
_entity_poly.pdbx_seq_one_letter_code       
;MRPLTEEETRVMFEKIAKYIGENLQLLVDRPDGTYCFRLHNDRVYYVSEKIMKLAANISGDKLVSLGTCFGKFTKTHKFR
LHVTALDYLAPYAKYKVWIKPGAEQSFLYGNHVLKSGLGRITENTSQYQGVVVYSMADIPLGFGVAAKSTQDCRKVDPMA
IVVFHQADIGEYVRHEETLTLEHHHHHH
;
_entity_poly.pdbx_seq_one_letter_code_can   
;MRPLTEEETRVMFEKIAKYIGENLQLLVDRPDGTYCFRLHNDRVYYVSEKIMKLAANISGDKLVSLGTCFGKFTKTHKFR
LHVTALDYLAPYAKYKVWIKPGAEQSFLYGNHVLKSGLGRITENTSQYQGVVVYSMADIPLGFGVAAKSTQDCRKVDPMA
IVVFHQADIGEYVRHEETLTLEHHHHHH
;
_entity_poly.pdbx_strand_id                 A 
_entity_poly.pdbx_target_identifier         ? 
# 
_pdbx_entity_nonpoly.entity_id   2 
_pdbx_entity_nonpoly.name        water 
_pdbx_entity_nonpoly.comp_id     HOH 
# 
loop_
_entity_poly_seq.entity_id 
_entity_poly_seq.num 
_entity_poly_seq.mon_id 
_entity_poly_seq.hetero 
1 1   MET n 
1 2   ARG n 
1 3   PRO n 
1 4   LEU n 
1 5   THR n 
1 6   GLU n 
1 7   GLU n 
1 8   GLU n 
1 9   THR n 
1 10  ARG n 
1 11  VAL n 
1 12  MET n 
1 13  PHE n 
1 14  GLU n 
1 15  LYS n 
1 16  ILE n 
1 17  ALA n 
1 18  LYS n 
1 19  TYR n 
1 20  ILE n 
1 21  GLY n 
1 22  GLU n 
1 23  ASN n 
1 24  LEU n 
1 25  GLN n 
1 26  LEU n 
1 27  LEU n 
1 28  VAL n 
1 29  ASP n 
1 30  ARG n 
1 31  PRO n 
1 32  ASP n 
1 33  GLY n 
1 34  THR n 
1 35  TYR n 
1 36  CYS n 
1 37  PHE n 
1 38  ARG n 
1 39  LEU n 
1 40  HIS n 
1 41  ASN n 
1 42  ASP n 
1 43  ARG n 
1 44  VAL n 
1 45  TYR n 
1 46  TYR n 
1 47  VAL n 
1 48  SER n 
1 49  GLU n 
1 50  LYS n 
1 51  ILE n 
1 52  MET n 
1 53  LYS n 
1 54  LEU n 
1 55  ALA n 
1 56  ALA n 
1 57  ASN n 
1 58  ILE n 
1 59  SER n 
1 60  GLY n 
1 61  ASP n 
1 62  LYS n 
1 63  LEU n 
1 64  VAL n 
1 65  SER n 
1 66  LEU n 
1 67  GLY n 
1 68  THR n 
1 69  CYS n 
1 70  PHE n 
1 71  GLY n 
1 72  LYS n 
1 73  PHE n 
1 74  THR n 
1 75  LYS n 
1 76  THR n 
1 77  HIS n 
1 78  LYS n 
1 79  PHE n 
1 80  ARG n 
1 81  LEU n 
1 82  HIS n 
1 83  VAL n 
1 84  THR n 
1 85  ALA n 
1 86  LEU n 
1 87  ASP n 
1 88  TYR n 
1 89  LEU n 
1 90  ALA n 
1 91  PRO n 
1 92  TYR n 
1 93  ALA n 
1 94  LYS n 
1 95  TYR n 
1 96  LYS n 
1 97  VAL n 
1 98  TRP n 
1 99  ILE n 
1 100 LYS n 
1 101 PRO n 
1 102 GLY n 
1 103 ALA n 
1 104 GLU n 
1 105 GLN n 
1 106 SER n 
1 107 PHE n 
1 108 LEU n 
1 109 TYR n 
1 110 GLY n 
1 111 ASN n 
1 112 HIS n 
1 113 VAL n 
1 114 LEU n 
1 115 LYS n 
1 116 SER n 
1 117 GLY n 
1 118 LEU n 
1 119 GLY n 
1 120 ARG n 
1 121 ILE n 
1 122 THR n 
1 123 GLU n 
1 124 ASN n 
1 125 THR n 
1 126 SER n 
1 127 GLN n 
1 128 TYR n 
1 129 GLN n 
1 130 GLY n 
1 131 VAL n 
1 132 VAL n 
1 133 VAL n 
1 134 TYR n 
1 135 SER n 
1 136 MET n 
1 137 ALA n 
1 138 ASP n 
1 139 ILE n 
1 140 PRO n 
1 141 LEU n 
1 142 GLY n 
1 143 PHE n 
1 144 GLY n 
1 145 VAL n 
1 146 ALA n 
1 147 ALA n 
1 148 LYS n 
1 149 SER n 
1 150 THR n 
1 151 GLN n 
1 152 ASP n 
1 153 CYS n 
1 154 ARG n 
1 155 LYS n 
1 156 VAL n 
1 157 ASP n 
1 158 PRO n 
1 159 MET n 
1 160 ALA n 
1 161 ILE n 
1 162 VAL n 
1 163 VAL n 
1 164 PHE n 
1 165 HIS n 
1 166 GLN n 
1 167 ALA n 
1 168 ASP n 
1 169 ILE n 
1 170 GLY n 
1 171 GLU n 
1 172 TYR n 
1 173 VAL n 
1 174 ARG n 
1 175 HIS n 
1 176 GLU n 
1 177 GLU n 
1 178 THR n 
1 179 LEU n 
1 180 THR n 
1 181 LEU n 
1 182 GLU n 
1 183 HIS n 
1 184 HIS n 
1 185 HIS n 
1 186 HIS n 
1 187 HIS n 
1 188 HIS n 
# 
_entity_src_gen.entity_id                          1 
_entity_src_gen.pdbx_src_id                        1 
_entity_src_gen.pdbx_alt_source_flag               sample 
_entity_src_gen.pdbx_seq_type                      ? 
_entity_src_gen.pdbx_beg_seq_num                   ? 
_entity_src_gen.pdbx_end_seq_num                   ? 
_entity_src_gen.gene_src_common_name               human 
_entity_src_gen.gene_src_genus                     Homo 
_entity_src_gen.pdbx_gene_src_gene                 'novel gene' 
_entity_src_gen.gene_src_species                   ? 
_entity_src_gen.gene_src_strain                    ? 
_entity_src_gen.gene_src_tissue                    ? 
_entity_src_gen.gene_src_tissue_fraction           ? 
_entity_src_gen.gene_src_details                   ? 
_entity_src_gen.pdbx_gene_src_fragment             ? 
_entity_src_gen.pdbx_gene_src_scientific_name      'Homo sapiens' 
_entity_src_gen.pdbx_gene_src_ncbi_taxonomy_id     9606 
_entity_src_gen.pdbx_gene_src_variant              ? 
_entity_src_gen.pdbx_gene_src_cell_line            ? 
_entity_src_gen.pdbx_gene_src_atcc                 ? 
_entity_src_gen.pdbx_gene_src_organ                ? 
_entity_src_gen.pdbx_gene_src_organelle            ? 
_entity_src_gen.pdbx_gene_src_cell                 ? 
_entity_src_gen.pdbx_gene_src_cellular_location    ? 
_entity_src_gen.host_org_common_name               ? 
_entity_src_gen.pdbx_host_org_scientific_name      'Escherichia coli BL21(DE3)' 
_entity_src_gen.pdbx_host_org_ncbi_taxonomy_id     469008 
_entity_src_gen.host_org_genus                     Escherichia 
_entity_src_gen.pdbx_host_org_gene                 ? 
_entity_src_gen.pdbx_host_org_organ                ? 
_entity_src_gen.host_org_species                   'Escherichia coli' 
_entity_src_gen.pdbx_host_org_tissue               ? 
_entity_src_gen.pdbx_host_org_tissue_fraction      ? 
_entity_src_gen.pdbx_host_org_strain               'Bl21(DE3)' 
_entity_src_gen.pdbx_host_org_variant              ? 
_entity_src_gen.pdbx_host_org_cell_line            ? 
_entity_src_gen.pdbx_host_org_atcc                 ? 
_entity_src_gen.pdbx_host_org_culture_collection   ? 
_entity_src_gen.pdbx_host_org_cell                 ? 
_entity_src_gen.pdbx_host_org_organelle            ? 
_entity_src_gen.pdbx_host_org_cellular_location    ? 
_entity_src_gen.pdbx_host_org_vector_type          pET22b 
_entity_src_gen.pdbx_host_org_vector               ? 
_entity_src_gen.host_org_details                   ? 
_entity_src_gen.expression_system_id               ? 
_entity_src_gen.plasmid_name                       pET-kd93 
_entity_src_gen.plasmid_details                    ? 
_entity_src_gen.pdbx_description                   ? 
# 
loop_
_chem_comp.id 
_chem_comp.type 
_chem_comp.mon_nstd_flag 
_chem_comp.name 
_chem_comp.pdbx_synonyms 
_chem_comp.formula 
_chem_comp.formula_weight 
ALA 'L-peptide linking' y ALANINE         ? 'C3 H7 N O2'     89.093  
ARG 'L-peptide linking' y ARGININE        ? 'C6 H15 N4 O2 1' 175.209 
ASN 'L-peptide linking' y ASPARAGINE      ? 'C4 H8 N2 O3'    132.118 
ASP 'L-peptide linking' y 'ASPARTIC ACID' ? 'C4 H7 N O4'     133.103 
CYS 'L-peptide linking' y CYSTEINE        ? 'C3 H7 N O2 S'   121.158 
GLN 'L-peptide linking' y GLUTAMINE       ? 'C5 H10 N2 O3'   146.144 
GLU 'L-peptide linking' y 'GLUTAMIC ACID' ? 'C5 H9 N O4'     147.129 
GLY 'peptide linking'   y GLYCINE         ? 'C2 H5 N O2'     75.067  
HIS 'L-peptide linking' y HISTIDINE       ? 'C6 H10 N3 O2 1' 156.162 
HOH non-polymer         . WATER           ? 'H2 O'           18.015  
ILE 'L-peptide linking' y ISOLEUCINE      ? 'C6 H13 N O2'    131.173 
LEU 'L-peptide linking' y LEUCINE         ? 'C6 H13 N O2'    131.173 
LYS 'L-peptide linking' y LYSINE          ? 'C6 H15 N2 O2 1' 147.195 
MET 'L-peptide linking' y METHIONINE      ? 'C5 H11 N O2 S'  149.211 
PHE 'L-peptide linking' y PHENYLALANINE   ? 'C9 H11 N O2'    165.189 
PRO 'L-peptide linking' y PROLINE         ? 'C5 H9 N O2'     115.130 
SER 'L-peptide linking' y SERINE          ? 'C3 H7 N O3'     105.093 
THR 'L-peptide linking' y THREONINE       ? 'C4 H9 N O3'     119.119 
TRP 'L-peptide linking' y TRYPTOPHAN      ? 'C11 H12 N2 O2'  204.225 
TYR 'L-peptide linking' y TYROSINE        ? 'C9 H11 N O3'    181.189 
VAL 'L-peptide linking' y VALINE          ? 'C5 H11 N O2'    117.146 
# 
loop_
_pdbx_poly_seq_scheme.asym_id 
_pdbx_poly_seq_scheme.entity_id 
_pdbx_poly_seq_scheme.seq_id 
_pdbx_poly_seq_scheme.mon_id 
_pdbx_poly_seq_scheme.ndb_seq_num 
_pdbx_poly_seq_scheme.pdb_seq_num 
_pdbx_poly_seq_scheme.auth_seq_num 
_pdbx_poly_seq_scheme.pdb_mon_id 
_pdbx_poly_seq_scheme.auth_mon_id 
_pdbx_poly_seq_scheme.pdb_strand_id 
_pdbx_poly_seq_scheme.pdb_ins_code 
_pdbx_poly_seq_scheme.hetero 
A 1 1   MET 1   1   1   MET MET A . n 
A 1 2   ARG 2   2   2   ARG ARG A . n 
A 1 3   PRO 3   3   3   PRO PRO A . n 
A 1 4   LEU 4   4   4   LEU LEU A . n 
A 1 5   THR 5   5   5   THR THR A . n 
A 1 6   GLU 6   6   6   GLU GLU A . n 
A 1 7   GLU 7   7   7   GLU GLU A . n 
A 1 8   GLU 8   8   8   GLU GLU A . n 
A 1 9   THR 9   9   9   THR THR A . n 
A 1 10  ARG 10  10  10  ARG ARG A . n 
A 1 11  VAL 11  11  11  VAL VAL A . n 
A 1 12  MET 12  12  12  MET MET A . n 
A 1 13  PHE 13  13  13  PHE PHE A . n 
A 1 14  GLU 14  14  14  GLU GLU A . n 
A 1 15  LYS 15  15  15  LYS LYS A . n 
A 1 16  ILE 16  16  16  ILE ILE A . n 
A 1 17  ALA 17  17  17  ALA ALA A . n 
A 1 18  LYS 18  18  18  LYS LYS A . n 
A 1 19  TYR 19  19  19  TYR TYR A . n 
A 1 20  ILE 20  20  20  ILE ILE A . n 
A 1 21  GLY 21  21  21  GLY GLY A . n 
A 1 22  GLU 22  22  22  GLU GLU A . n 
A 1 23  ASN 23  23  23  ASN ASN A . n 
A 1 24  LEU 24  24  24  LEU LEU A . n 
A 1 25  GLN 25  25  25  GLN GLN A . n 
A 1 26  LEU 26  26  26  LEU LEU A . n 
A 1 27  LEU 27  27  27  LEU LEU A . n 
A 1 28  VAL 28  28  28  VAL VAL A . n 
A 1 29  ASP 29  29  29  ASP ASP A . n 
A 1 30  ARG 30  30  30  ARG ARG A . n 
A 1 31  PRO 31  31  31  PRO PRO A . n 
A 1 32  ASP 32  32  32  ASP ASP A . n 
A 1 33  GLY 33  33  33  GLY GLY A . n 
A 1 34  THR 34  34  34  THR THR A . n 
A 1 35  TYR 35  35  35  TYR TYR A . n 
A 1 36  CYS 36  36  36  CYS CYS A . n 
A 1 37  PHE 37  37  37  PHE PHE A . n 
A 1 38  ARG 38  38  38  ARG ARG A . n 
A 1 39  LEU 39  39  39  LEU LEU A . n 
A 1 40  HIS 40  40  40  HIS HIS A . n 
A 1 41  ASN 41  41  41  ASN ASN A . n 
A 1 42  ASP 42  42  42  ASP ASP A . n 
A 1 43  ARG 43  43  43  ARG ARG A . n 
A 1 44  VAL 44  44  44  VAL VAL A . n 
A 1 45  TYR 45  45  45  TYR TYR A . n 
A 1 46  TYR 46  46  46  TYR TYR A . n 
A 1 47  VAL 47  47  47  VAL VAL A . n 
A 1 48  SER 48  48  48  SER SER A . n 
A 1 49  GLU 49  49  49  GLU GLU A . n 
A 1 50  LYS 50  50  50  LYS LYS A . n 
A 1 51  ILE 51  51  51  ILE ILE A . n 
A 1 52  MET 52  52  52  MET MET A . n 
A 1 53  LYS 53  53  53  LYS LYS A . n 
A 1 54  LEU 54  54  54  LEU LEU A . n 
A 1 55  ALA 55  55  55  ALA ALA A . n 
A 1 56  ALA 56  56  56  ALA ALA A . n 
A 1 57  ASN 57  57  57  ASN ASN A . n 
A 1 58  ILE 58  58  58  ILE ILE A . n 
A 1 59  SER 59  59  59  SER SER A . n 
A 1 60  GLY 60  60  60  GLY GLY A . n 
A 1 61  ASP 61  61  61  ASP ASP A . n 
A 1 62  LYS 62  62  62  LYS LYS A . n 
A 1 63  LEU 63  63  63  LEU LEU A . n 
A 1 64  VAL 64  64  64  VAL VAL A . n 
A 1 65  SER 65  65  65  SER SER A . n 
A 1 66  LEU 66  66  66  LEU LEU A . n 
A 1 67  GLY 67  67  67  GLY GLY A . n 
A 1 68  THR 68  68  68  THR THR A . n 
A 1 69  CYS 69  69  69  CYS CYS A . n 
A 1 70  PHE 70  70  70  PHE PHE A . n 
A 1 71  GLY 71  71  71  GLY GLY A . n 
A 1 72  LYS 72  72  72  LYS LYS A . n 
A 1 73  PHE 73  73  73  PHE PHE A . n 
A 1 74  THR 74  74  74  THR THR A . n 
A 1 75  LYS 75  75  75  LYS LYS A . n 
A 1 76  THR 76  76  76  THR THR A . n 
A 1 77  HIS 77  77  77  HIS HIS A . n 
A 1 78  LYS 78  78  78  LYS LYS A . n 
A 1 79  PHE 79  79  79  PHE PHE A . n 
A 1 80  ARG 80  80  80  ARG ARG A . n 
A 1 81  LEU 81  81  81  LEU LEU A . n 
A 1 82  HIS 82  82  82  HIS HIS A . n 
A 1 83  VAL 83  83  83  VAL VAL A . n 
A 1 84  THR 84  84  84  THR THR A . n 
A 1 85  ALA 85  85  85  ALA ALA A . n 
A 1 86  LEU 86  86  86  LEU LEU A . n 
A 1 87  ASP 87  87  87  ASP ASP A . n 
A 1 88  TYR 88  88  88  TYR TYR A . n 
A 1 89  LEU 89  89  89  LEU LEU A . n 
A 1 90  ALA 90  90  90  ALA ALA A . n 
A 1 91  PRO 91  91  91  PRO PRO A . n 
A 1 92  TYR 92  92  92  TYR TYR A . n 
A 1 93  ALA 93  93  93  ALA ALA A . n 
A 1 94  LYS 94  94  94  LYS LYS A . n 
A 1 95  TYR 95  95  95  TYR TYR A . n 
A 1 96  LYS 96  96  96  LYS LYS A . n 
A 1 97  VAL 97  97  97  VAL VAL A . n 
A 1 98  TRP 98  98  98  TRP TRP A . n 
A 1 99  ILE 99  99  99  ILE ILE A . n 
A 1 100 LYS 100 100 100 LYS LYS A . n 
A 1 101 PRO 101 101 101 PRO PRO A . n 
A 1 102 GLY 102 102 102 GLY GLY A . n 
A 1 103 ALA 103 103 103 ALA ALA A . n 
A 1 104 GLU 104 104 104 GLU GLU A . n 
A 1 105 GLN 105 105 105 GLN GLN A . n 
A 1 106 SER 106 106 106 SER SER A . n 
A 1 107 PHE 107 107 107 PHE PHE A . n 
A 1 108 LEU 108 108 108 LEU LEU A . n 
A 1 109 TYR 109 109 109 TYR TYR A . n 
A 1 110 GLY 110 110 110 GLY GLY A . n 
A 1 111 ASN 111 111 111 ASN ASN A . n 
A 1 112 HIS 112 112 112 HIS HIS A . n 
A 1 113 VAL 113 113 113 VAL VAL A . n 
A 1 114 LEU 114 114 114 LEU LEU A . n 
A 1 115 LYS 115 115 115 LYS LYS A . n 
A 1 116 SER 116 116 116 SER SER A . n 
A 1 117 GLY 117 117 117 GLY GLY A . n 
A 1 118 LEU 118 118 118 LEU LEU A . n 
A 1 119 GLY 119 119 119 GLY GLY A . n 
A 1 120 ARG 120 120 120 ARG ARG A . n 
A 1 121 ILE 121 121 121 ILE ILE A . n 
A 1 122 THR 122 122 122 THR THR A . n 
A 1 123 GLU 123 123 123 GLU GLU A . n 
A 1 124 ASN 124 124 124 ASN ASN A . n 
A 1 125 THR 125 125 125 THR THR A . n 
A 1 126 SER 126 126 126 SER SER A . n 
A 1 127 GLN 127 127 127 GLN GLN A . n 
A 1 128 TYR 128 128 128 TYR TYR A . n 
A 1 129 GLN 129 129 129 GLN GLN A . n 
A 1 130 GLY 130 130 130 GLY GLY A . n 
A 1 131 VAL 131 131 131 VAL VAL A . n 
A 1 132 VAL 132 132 132 VAL VAL A . n 
A 1 133 VAL 133 133 133 VAL VAL A . n 
A 1 134 TYR 134 134 134 TYR TYR A . n 
A 1 135 SER 135 135 135 SER SER A . n 
A 1 136 MET 136 136 136 MET MET A . n 
A 1 137 ALA 137 137 137 ALA ALA A . n 
A 1 138 ASP 138 138 138 ASP ASP A . n 
A 1 139 ILE 139 139 139 ILE ILE A . n 
A 1 140 PRO 140 140 140 PRO PRO A . n 
A 1 141 LEU 141 141 141 LEU LEU A . n 
A 1 142 GLY 142 142 142 GLY GLY A . n 
A 1 143 PHE 143 143 143 PHE PHE A . n 
A 1 144 GLY 144 144 144 GLY GLY A . n 
A 1 145 VAL 145 145 145 VAL VAL A . n 
A 1 146 ALA 146 146 146 ALA ALA A . n 
A 1 147 ALA 147 147 147 ALA ALA A . n 
A 1 148 LYS 148 148 148 LYS LYS A . n 
A 1 149 SER 149 149 149 SER SER A . n 
A 1 150 THR 150 150 150 THR THR A . n 
A 1 151 GLN 151 151 151 GLN GLN A . n 
A 1 152 ASP 152 152 152 ASP ASP A . n 
A 1 153 CYS 153 153 153 CYS CYS A . n 
A 1 154 ARG 154 154 154 ARG ARG A . n 
A 1 155 LYS 155 155 155 LYS LYS A . n 
A 1 156 VAL 156 156 156 VAL VAL A . n 
A 1 157 ASP 157 157 157 ASP ASP A . n 
A 1 158 PRO 158 158 158 PRO PRO A . n 
A 1 159 MET 159 159 159 MET MET A . n 
A 1 160 ALA 160 160 160 ALA ALA A . n 
A 1 161 ILE 161 161 161 ILE ILE A . n 
A 1 162 VAL 162 162 162 VAL VAL A . n 
A 1 163 VAL 163 163 163 VAL VAL A . n 
A 1 164 PHE 164 164 164 PHE PHE A . n 
A 1 165 HIS 165 165 165 HIS HIS A . n 
A 1 166 GLN 166 166 166 GLN GLN A . n 
A 1 167 ALA 167 167 167 ALA ALA A . n 
A 1 168 ASP 168 168 168 ASP ASP A . n 
A 1 169 ILE 169 169 169 ILE ILE A . n 
A 1 170 GLY 170 170 170 GLY GLY A . n 
A 1 171 GLU 171 171 171 GLU GLU A . n 
A 1 172 TYR 172 172 172 TYR TYR A . n 
A 1 173 VAL 173 173 173 VAL VAL A . n 
A 1 174 ARG 174 174 174 ARG ARG A . n 
A 1 175 HIS 175 175 175 HIS HIS A . n 
A 1 176 GLU 176 176 176 GLU GLU A . n 
A 1 177 GLU 177 177 ?   ?   ?   A . n 
A 1 178 THR 178 178 ?   ?   ?   A . n 
A 1 179 LEU 179 179 ?   ?   ?   A . n 
A 1 180 THR 180 180 ?   ?   ?   A . n 
A 1 181 LEU 181 181 ?   ?   ?   A . n 
A 1 182 GLU 182 182 ?   ?   ?   A . n 
A 1 183 HIS 183 183 ?   ?   ?   A . n 
A 1 184 HIS 184 184 ?   ?   ?   A . n 
A 1 185 HIS 185 185 ?   ?   ?   A . n 
A 1 186 HIS 186 186 ?   ?   ?   A . n 
A 1 187 HIS 187 187 ?   ?   ?   A . n 
A 1 188 HIS 188 188 ?   ?   ?   A . n 
# 
loop_
_pdbx_nonpoly_scheme.asym_id 
_pdbx_nonpoly_scheme.entity_id 
_pdbx_nonpoly_scheme.mon_id 
_pdbx_nonpoly_scheme.ndb_seq_num 
_pdbx_nonpoly_scheme.pdb_seq_num 
_pdbx_nonpoly_scheme.auth_seq_num 
_pdbx_nonpoly_scheme.pdb_mon_id 
_pdbx_nonpoly_scheme.auth_mon_id 
_pdbx_nonpoly_scheme.pdb_strand_id 
_pdbx_nonpoly_scheme.pdb_ins_code 
B 2 HOH 1   189 1   HOH HOH A . 
B 2 HOH 2   190 2   HOH HOH A . 
B 2 HOH 3   191 3   HOH HOH A . 
B 2 HOH 4   192 4   HOH HOH A . 
B 2 HOH 5   193 5   HOH HOH A . 
B 2 HOH 6   194 6   HOH HOH A . 
B 2 HOH 7   195 7   HOH HOH A . 
B 2 HOH 8   196 8   HOH HOH A . 
B 2 HOH 9   197 9   HOH HOH A . 
B 2 HOH 10  198 10  HOH HOH A . 
B 2 HOH 11  199 11  HOH HOH A . 
B 2 HOH 12  200 12  HOH HOH A . 
B 2 HOH 13  201 13  HOH HOH A . 
B 2 HOH 14  202 14  HOH HOH A . 
B 2 HOH 15  203 15  HOH HOH A . 
B 2 HOH 16  204 16  HOH HOH A . 
B 2 HOH 17  205 17  HOH HOH A . 
B 2 HOH 18  206 18  HOH HOH A . 
B 2 HOH 19  207 19  HOH HOH A . 
B 2 HOH 20  208 20  HOH HOH A . 
B 2 HOH 21  209 21  HOH HOH A . 
B 2 HOH 22  210 22  HOH HOH A . 
B 2 HOH 23  211 23  HOH HOH A . 
B 2 HOH 24  212 24  HOH HOH A . 
B 2 HOH 25  213 25  HOH HOH A . 
B 2 HOH 26  214 26  HOH HOH A . 
B 2 HOH 27  215 27  HOH HOH A . 
B 2 HOH 28  216 28  HOH HOH A . 
B 2 HOH 29  217 29  HOH HOH A . 
B 2 HOH 30  218 30  HOH HOH A . 
B 2 HOH 31  219 31  HOH HOH A . 
B 2 HOH 32  220 32  HOH HOH A . 
B 2 HOH 33  221 33  HOH HOH A . 
B 2 HOH 34  222 34  HOH HOH A . 
B 2 HOH 35  223 35  HOH HOH A . 
B 2 HOH 36  224 36  HOH HOH A . 
B 2 HOH 37  225 37  HOH HOH A . 
B 2 HOH 38  226 38  HOH HOH A . 
B 2 HOH 39  227 39  HOH HOH A . 
B 2 HOH 40  228 40  HOH HOH A . 
B 2 HOH 41  229 41  HOH HOH A . 
B 2 HOH 42  230 42  HOH HOH A . 
B 2 HOH 43  231 43  HOH HOH A . 
B 2 HOH 44  232 44  HOH HOH A . 
B 2 HOH 45  233 45  HOH HOH A . 
B 2 HOH 46  234 46  HOH HOH A . 
B 2 HOH 47  235 47  HOH HOH A . 
B 2 HOH 48  236 48  HOH HOH A . 
B 2 HOH 49  237 49  HOH HOH A . 
B 2 HOH 50  238 50  HOH HOH A . 
B 2 HOH 51  239 51  HOH HOH A . 
B 2 HOH 52  240 52  HOH HOH A . 
B 2 HOH 53  241 53  HOH HOH A . 
B 2 HOH 54  242 54  HOH HOH A . 
B 2 HOH 55  243 55  HOH HOH A . 
B 2 HOH 56  244 56  HOH HOH A . 
B 2 HOH 57  245 57  HOH HOH A . 
B 2 HOH 58  246 58  HOH HOH A . 
B 2 HOH 59  247 59  HOH HOH A . 
B 2 HOH 60  248 60  HOH HOH A . 
B 2 HOH 61  249 61  HOH HOH A . 
B 2 HOH 62  250 62  HOH HOH A . 
B 2 HOH 63  251 63  HOH HOH A . 
B 2 HOH 64  252 64  HOH HOH A . 
B 2 HOH 65  253 65  HOH HOH A . 
B 2 HOH 66  254 66  HOH HOH A . 
B 2 HOH 67  255 67  HOH HOH A . 
B 2 HOH 68  256 68  HOH HOH A . 
B 2 HOH 69  257 69  HOH HOH A . 
B 2 HOH 70  258 70  HOH HOH A . 
B 2 HOH 71  259 71  HOH HOH A . 
B 2 HOH 72  260 72  HOH HOH A . 
B 2 HOH 73  261 73  HOH HOH A . 
B 2 HOH 74  262 74  HOH HOH A . 
B 2 HOH 75  263 75  HOH HOH A . 
B 2 HOH 76  264 76  HOH HOH A . 
B 2 HOH 77  265 77  HOH HOH A . 
B 2 HOH 78  266 78  HOH HOH A . 
B 2 HOH 79  267 79  HOH HOH A . 
B 2 HOH 80  268 80  HOH HOH A . 
B 2 HOH 81  269 81  HOH HOH A . 
B 2 HOH 82  270 82  HOH HOH A . 
B 2 HOH 83  271 83  HOH HOH A . 
B 2 HOH 84  272 84  HOH HOH A . 
B 2 HOH 85  273 85  HOH HOH A . 
B 2 HOH 86  274 86  HOH HOH A . 
B 2 HOH 87  275 87  HOH HOH A . 
B 2 HOH 88  276 88  HOH HOH A . 
B 2 HOH 89  277 89  HOH HOH A . 
B 2 HOH 90  278 90  HOH HOH A . 
B 2 HOH 91  279 91  HOH HOH A . 
B 2 HOH 92  280 92  HOH HOH A . 
B 2 HOH 93  281 93  HOH HOH A . 
B 2 HOH 94  282 94  HOH HOH A . 
B 2 HOH 95  283 95  HOH HOH A . 
B 2 HOH 96  284 96  HOH HOH A . 
B 2 HOH 97  285 97  HOH HOH A . 
B 2 HOH 98  286 98  HOH HOH A . 
B 2 HOH 99  287 99  HOH HOH A . 
B 2 HOH 100 288 100 HOH HOH A . 
B 2 HOH 101 289 101 HOH HOH A . 
B 2 HOH 102 290 102 HOH HOH A . 
B 2 HOH 103 291 103 HOH HOH A . 
B 2 HOH 104 292 104 HOH HOH A . 
B 2 HOH 105 293 105 HOH HOH A . 
B 2 HOH 106 294 106 HOH HOH A . 
B 2 HOH 107 295 107 HOH HOH A . 
B 2 HOH 108 296 108 HOH HOH A . 
B 2 HOH 109 297 109 HOH HOH A . 
B 2 HOH 110 298 110 HOH HOH A . 
B 2 HOH 111 299 111 HOH HOH A . 
B 2 HOH 112 300 112 HOH HOH A . 
B 2 HOH 113 301 113 HOH HOH A . 
B 2 HOH 114 302 114 HOH HOH A . 
B 2 HOH 115 303 115 HOH HOH A . 
B 2 HOH 116 304 116 HOH HOH A . 
B 2 HOH 117 305 117 HOH HOH A . 
B 2 HOH 118 306 118 HOH HOH A . 
B 2 HOH 119 307 119 HOH HOH A . 
B 2 HOH 120 308 120 HOH HOH A . 
B 2 HOH 121 309 121 HOH HOH A . 
B 2 HOH 122 310 122 HOH HOH A . 
B 2 HOH 123 311 123 HOH HOH A . 
B 2 HOH 124 312 124 HOH HOH A . 
B 2 HOH 125 313 125 HOH HOH A . 
B 2 HOH 126 314 126 HOH HOH A . 
B 2 HOH 127 315 127 HOH HOH A . 
B 2 HOH 128 316 128 HOH HOH A . 
B 2 HOH 129 317 129 HOH HOH A . 
B 2 HOH 130 318 130 HOH HOH A . 
B 2 HOH 131 319 131 HOH HOH A . 
# 
loop_
_software.name 
_software.classification 
_software.version 
_software.citation_id 
_software.pdbx_ordinal 
DENZO     'data reduction' . ? 1 
SCALEPACK 'data scaling'   . ? 2 
SOLVE     phasing          . ? 3 
CNS       refinement       . ? 4 
# 
_cell.entry_id           1SQW 
_cell.length_a           57.203 
_cell.length_b           57.203 
_cell.length_c           132.048 
_cell.angle_alpha        90.00 
_cell.angle_beta         90.00 
_cell.angle_gamma        90.00 
_cell.Z_PDB              8 
_cell.pdbx_unique_axis   ? 
# 
_symmetry.entry_id                         1SQW 
_symmetry.space_group_name_H-M             'P 41 21 2' 
_symmetry.pdbx_full_space_group_name_H-M   ? 
_symmetry.cell_setting                     ? 
_symmetry.Int_Tables_number                92 
_symmetry.space_group_name_Hall            ? 
# 
_exptl.entry_id          1SQW 
_exptl.method            'X-RAY DIFFRACTION' 
_exptl.crystals_number   1 
# 
_exptl_crystal.id                    1 
_exptl_crystal.density_meas          ? 
_exptl_crystal.density_percent_sol   50.89 
_exptl_crystal.description           ? 
_exptl_crystal.density_Matthews      2.50 
_exptl_crystal.F_000                 ? 
_exptl_crystal.preparation           ? 
# 
_exptl_crystal_grow.crystal_id      1 
_exptl_crystal_grow.method          'VAPOR DIFFUSION, HANGING DROP' 
_exptl_crystal_grow.temp            291 
_exptl_crystal_grow.temp_details    ? 
_exptl_crystal_grow.pH              5.6 
_exptl_crystal_grow.pdbx_details    
'28% PEG 4000, 0.2M MgCl2, 0.1M sodium acetate buffer, pH 5.6, VAPOR DIFFUSION, HANGING DROP, temperature 291K' 
_exptl_crystal_grow.pdbx_pH_range   . 
# 
_diffrn.id                     1 
_diffrn.ambient_temp           100 
_diffrn.ambient_temp_details   ? 
_diffrn.crystal_id             1 
# 
_diffrn_detector.diffrn_id              1 
_diffrn_detector.detector               'IMAGE PLATE' 
_diffrn_detector.type                   RIGAKU 
_diffrn_detector.pdbx_collection_date   ? 
_diffrn_detector.details                ? 
# 
_diffrn_radiation.diffrn_id                        1 
_diffrn_radiation.wavelength_id                    1 
_diffrn_radiation.pdbx_monochromatic_or_laue_m_l   M 
_diffrn_radiation.monochromator                    ? 
_diffrn_radiation.pdbx_diffrn_protocol             MAD 
_diffrn_radiation.pdbx_scattering_type             x-ray 
# 
loop_
_diffrn_radiation_wavelength.id 
_diffrn_radiation_wavelength.wavelength 
_diffrn_radiation_wavelength.wt 
1 0.9793 1.0 
2 0.9799 1.0 
3 0.9712 1.0 
# 
_diffrn_source.diffrn_id                   1 
_diffrn_source.source                      SYNCHROTRON 
_diffrn_source.type                        'PHOTON FACTORY BEAMLINE BL-6B' 
_diffrn_source.pdbx_synchrotron_site       'Photon Factory' 
_diffrn_source.pdbx_synchrotron_beamline   BL-6B 
_diffrn_source.pdbx_wavelength             ? 
_diffrn_source.pdbx_wavelength_list        '0.9793, 0.9799, 0.9712' 
# 
_reflns.entry_id                     1SQW 
_reflns.observed_criterion_sigma_F   ? 
_reflns.observed_criterion_sigma_I   ? 
_reflns.d_resolution_high            1.9 
_reflns.d_resolution_low             50.0 
_reflns.number_all                   ? 
_reflns.number_obs                   17749 
_reflns.percent_possible_obs         98.9 
_reflns.pdbx_Rmerge_I_obs            ? 
_reflns.pdbx_Rsym_value              ? 
_reflns.pdbx_netI_over_sigmaI        ? 
_reflns.B_iso_Wilson_estimate        ? 
_reflns.pdbx_redundancy              ? 
_reflns.R_free_details               ? 
_reflns.limit_h_max                  ? 
_reflns.limit_h_min                  ? 
_reflns.limit_k_max                  ? 
_reflns.limit_k_min                  ? 
_reflns.limit_l_max                  ? 
_reflns.limit_l_min                  ? 
_reflns.observed_criterion_F_max     ? 
_reflns.observed_criterion_F_min     ? 
_reflns.pdbx_chi_squared             ? 
_reflns.pdbx_scaling_rejects         ? 
_reflns.pdbx_diffrn_id               1 
_reflns.pdbx_ordinal                 1 
# 
_refine.entry_id                                 1SQW 
_refine.ls_d_res_high                            1.9 
_refine.ls_d_res_low                             6.0 
_refine.pdbx_ls_sigma_F                          ? 
_refine.pdbx_ls_sigma_I                          ? 
_refine.ls_number_reflns_all                     ? 
_refine.ls_number_reflns_obs                     15378 
_refine.ls_number_reflns_R_free                  ? 
_refine.ls_percent_reflns_obs                    ? 
_refine.ls_R_factor_all                          ? 
_refine.ls_R_factor_obs                          ? 
_refine.ls_R_factor_R_work                       0.225 
_refine.ls_R_factor_R_free                       0.261 
_refine.ls_redundancy_reflns_obs                 ? 
_refine.pdbx_data_cutoff_high_absF               ? 
_refine.pdbx_data_cutoff_low_absF                ? 
_refine.ls_number_parameters                     ? 
_refine.ls_number_restraints                     ? 
_refine.ls_percent_reflns_R_free                 ? 
_refine.ls_R_factor_R_free_error                 ? 
_refine.ls_R_factor_R_free_error_details         ? 
_refine.pdbx_method_to_determine_struct          MAD 
_refine.pdbx_starting_model                      ? 
_refine.pdbx_ls_cross_valid_method               ? 
_refine.pdbx_R_Free_selection_details            ? 
_refine.pdbx_stereochem_target_val_spec_case     ? 
_refine.pdbx_stereochemistry_target_values       ? 
_refine.solvent_model_details                    ? 
_refine.solvent_model_param_bsol                 ? 
_refine.solvent_model_param_ksol                 ? 
_refine.occupancy_max                            ? 
_refine.occupancy_min                            ? 
_refine.pdbx_isotropic_thermal_model             ? 
_refine.B_iso_mean                               ? 
_refine.aniso_B[1][1]                            0.163 
_refine.aniso_B[1][2]                            0.000 
_refine.aniso_B[1][3]                            0.000 
_refine.aniso_B[2][2]                            0.163 
_refine.aniso_B[2][3]                            0.000 
_refine.aniso_B[3][3]                            -0.327 
_refine.details                                  ? 
_refine.B_iso_min                                ? 
_refine.B_iso_max                                ? 
_refine.correlation_coeff_Fo_to_Fc               ? 
_refine.correlation_coeff_Fo_to_Fc_free          ? 
_refine.pdbx_solvent_vdw_probe_radii             ? 
_refine.pdbx_solvent_ion_probe_radii             ? 
_refine.pdbx_solvent_shrinkage_radii             ? 
_refine.overall_SU_R_Cruickshank_DPI             ? 
_refine.overall_SU_R_free                        ? 
_refine.overall_SU_B                             ? 
_refine.overall_SU_ML                            ? 
_refine.pdbx_overall_ESU_R                       ? 
_refine.pdbx_overall_ESU_R_Free                  ? 
_refine.pdbx_data_cutoff_high_rms_absF           ? 
_refine.ls_wR_factor_R_free                      ? 
_refine.ls_wR_factor_R_work                      ? 
_refine.overall_FOM_free_R_set                   ? 
_refine.overall_FOM_work_R_set                   ? 
_refine.pdbx_refine_id                           'X-RAY DIFFRACTION' 
_refine.pdbx_diffrn_id                           1 
_refine.pdbx_TLS_residual_ADP_flag               ? 
_refine.pdbx_overall_phase_error                 ? 
_refine.pdbx_overall_SU_R_free_Cruickshank_DPI   ? 
_refine.pdbx_overall_SU_R_Blow_DPI               ? 
_refine.pdbx_overall_SU_R_free_Blow_DPI          ? 
# 
_refine_hist.pdbx_refine_id                   'X-RAY DIFFRACTION' 
_refine_hist.cycle_id                         LAST 
_refine_hist.pdbx_number_atoms_protein        1409 
_refine_hist.pdbx_number_atoms_nucleic_acid   0 
_refine_hist.pdbx_number_atoms_ligand         0 
_refine_hist.number_atoms_solvent             131 
_refine_hist.number_atoms_total               1540 
_refine_hist.d_res_high                       1.9 
_refine_hist.d_res_low                        6.0 
# 
loop_
_refine_ls_restr.type 
_refine_ls_restr.dev_ideal 
_refine_ls_restr.dev_ideal_target 
_refine_ls_restr.weight 
_refine_ls_restr.number 
_refine_ls_restr.pdbx_refine_id 
_refine_ls_restr.pdbx_restraint_function 
c_bond_d    0.010973 ? ? ? 'X-RAY DIFFRACTION' ? 
c_angle_deg 1.41766  ? ? ? 'X-RAY DIFFRACTION' ? 
# 
loop_
_pdbx_xplor_file.serial_no 
_pdbx_xplor_file.param_file 
_pdbx_xplor_file.topol_file 
_pdbx_xplor_file.pdbx_refine_id 
1 protein_rep.param ? 'X-RAY DIFFRACTION' 
2 water_rep.param   ? 'X-RAY DIFFRACTION' 
# 
_struct.entry_id                  1SQW 
_struct.title                     'Crystal structure of KD93, a novel protein expressed in the human pro' 
_struct.pdbx_model_details        ? 
_struct.pdbx_CASP_flag            ? 
_struct.pdbx_model_type_details   ? 
# 
_struct_keywords.entry_id        1SQW 
_struct_keywords.pdbx_keywords   'UNKNOWN FUNCTION' 
_struct_keywords.text            'PUA, UNKNOWN FUNCTION' 
# 
loop_
_struct_asym.id 
_struct_asym.pdbx_blank_PDB_chainid_flag 
_struct_asym.pdbx_modified 
_struct_asym.entity_id 
_struct_asym.details 
A N N 1 ? 
B N N 2 ? 
# 
_struct_ref.id                         1 
_struct_ref.db_name                    UNP 
_struct_ref.db_code                    NIP7_HUMAN 
_struct_ref.pdbx_db_accession          Q9Y221 
_struct_ref.entity_id                  1 
_struct_ref.pdbx_seq_one_letter_code   
;MRPLTEEETRVMFEKIAKYIGENLQLLVDRPDGTYCFRLHNDRVYYVSEKIMKLAANISGDKLVSLGTCFGKFTKTHKFR
LHVTALDYLAPYAKYKVWIKPGAEQSFLYGNHVLKSGLGRITENTSQYQGVVVYSMADIPLGFGVAAKSTQDCRKVDPMA
IVVFHQADIGEYVRHEETLT
;
_struct_ref.pdbx_align_begin           1 
_struct_ref.pdbx_db_isoform            ? 
# 
_struct_ref_seq.align_id                      1 
_struct_ref_seq.ref_id                        1 
_struct_ref_seq.pdbx_PDB_id_code              1SQW 
_struct_ref_seq.pdbx_strand_id                A 
_struct_ref_seq.seq_align_beg                 1 
_struct_ref_seq.pdbx_seq_align_beg_ins_code   ? 
_struct_ref_seq.seq_align_end                 180 
_struct_ref_seq.pdbx_seq_align_end_ins_code   ? 
_struct_ref_seq.pdbx_db_accession             Q9Y221 
_struct_ref_seq.db_align_beg                  1 
_struct_ref_seq.pdbx_db_align_beg_ins_code    ? 
_struct_ref_seq.db_align_end                  180 
_struct_ref_seq.pdbx_db_align_end_ins_code    ? 
_struct_ref_seq.pdbx_auth_seq_align_beg       1 
_struct_ref_seq.pdbx_auth_seq_align_end       180 
# 
loop_
_struct_ref_seq_dif.align_id 
_struct_ref_seq_dif.pdbx_pdb_id_code 
_struct_ref_seq_dif.mon_id 
_struct_ref_seq_dif.pdbx_pdb_strand_id 
_struct_ref_seq_dif.seq_num 
_struct_ref_seq_dif.pdbx_pdb_ins_code 
_struct_ref_seq_dif.pdbx_seq_db_name 
_struct_ref_seq_dif.pdbx_seq_db_accession_code 
_struct_ref_seq_dif.db_mon_id 
_struct_ref_seq_dif.pdbx_seq_db_seq_num 
_struct_ref_seq_dif.details 
_struct_ref_seq_dif.pdbx_auth_seq_num 
_struct_ref_seq_dif.pdbx_ordinal 
1 1SQW LEU A 181 ? UNP Q9Y221 ? ? 'cloning artifact' 181 1 
1 1SQW GLU A 182 ? UNP Q9Y221 ? ? 'cloning artifact' 182 2 
1 1SQW HIS A 183 ? UNP Q9Y221 ? ? 'cloning artifact' 183 3 
1 1SQW HIS A 184 ? UNP Q9Y221 ? ? 'cloning artifact' 184 4 
1 1SQW HIS A 185 ? UNP Q9Y221 ? ? 'cloning artifact' 185 5 
1 1SQW HIS A 186 ? UNP Q9Y221 ? ? 'cloning artifact' 186 6 
1 1SQW HIS A 187 ? UNP Q9Y221 ? ? 'cloning artifact' 187 7 
1 1SQW HIS A 188 ? UNP Q9Y221 ? ? 'cloning artifact' 188 8 
# 
_pdbx_struct_assembly.id                   1 
_pdbx_struct_assembly.details              author_defined_assembly 
_pdbx_struct_assembly.method_details       ? 
_pdbx_struct_assembly.oligomeric_details   monomeric 
_pdbx_struct_assembly.oligomeric_count     1 
# 
_pdbx_struct_assembly_gen.assembly_id       1 
_pdbx_struct_assembly_gen.oper_expression   1 
_pdbx_struct_assembly_gen.asym_id_list      A,B 
# 
_pdbx_struct_oper_list.id                   1 
_pdbx_struct_oper_list.type                 'identity operation' 
_pdbx_struct_oper_list.name                 1_555 
_pdbx_struct_oper_list.symmetry_operation   x,y,z 
_pdbx_struct_oper_list.matrix[1][1]         1.0000000000 
_pdbx_struct_oper_list.matrix[1][2]         0.0000000000 
_pdbx_struct_oper_list.matrix[1][3]         0.0000000000 
_pdbx_struct_oper_list.vector[1]            0.0000000000 
_pdbx_struct_oper_list.matrix[2][1]         0.0000000000 
_pdbx_struct_oper_list.matrix[2][2]         1.0000000000 
_pdbx_struct_oper_list.matrix[2][3]         0.0000000000 
_pdbx_struct_oper_list.vector[2]            0.0000000000 
_pdbx_struct_oper_list.matrix[3][1]         0.0000000000 
_pdbx_struct_oper_list.matrix[3][2]         0.0000000000 
_pdbx_struct_oper_list.matrix[3][3]         1.0000000000 
_pdbx_struct_oper_list.vector[3]            0.0000000000 
# 
_struct_biol.id                    1 
_struct_biol.pdbx_parent_biol_id   ? 
_struct_biol.details               ? 
# 
loop_
_struct_conf.conf_type_id 
_struct_conf.id 
_struct_conf.pdbx_PDB_helix_id 
_struct_conf.beg_label_comp_id 
_struct_conf.beg_label_asym_id 
_struct_conf.beg_label_seq_id 
_struct_conf.pdbx_beg_PDB_ins_code 
_struct_conf.end_label_comp_id 
_struct_conf.end_label_asym_id 
_struct_conf.end_label_seq_id 
_struct_conf.pdbx_end_PDB_ins_code 
_struct_conf.beg_auth_comp_id 
_struct_conf.beg_auth_asym_id 
_struct_conf.beg_auth_seq_id 
_struct_conf.end_auth_comp_id 
_struct_conf.end_auth_asym_id 
_struct_conf.end_auth_seq_id 
_struct_conf.pdbx_PDB_helix_class 
_struct_conf.details 
_struct_conf.pdbx_PDB_helix_length 
HELX_P HELX_P1 1 THR A 5   ? GLY A 21  ? THR A 5   GLY A 21  1 ? 17 
HELX_P HELX_P2 2 LEU A 24  ? VAL A 28  ? LEU A 24  VAL A 28  1 ? 5  
HELX_P HELX_P3 3 GLU A 49  ? LEU A 54  ? GLU A 49  LEU A 54  1 ? 6  
HELX_P HELX_P4 4 SER A 59  ? GLY A 67  ? SER A 59  GLY A 67  1 ? 9  
HELX_P HELX_P5 5 ALA A 85  ? ALA A 90  ? ALA A 85  ALA A 90  1 ? 6  
HELX_P HELX_P6 6 PRO A 91  ? ALA A 93  ? PRO A 91  ALA A 93  5 ? 3  
HELX_P HELX_P7 7 LYS A 100 ? LEU A 108 ? LYS A 100 LEU A 108 1 ? 9  
HELX_P HELX_P8 8 SER A 149 ? VAL A 156 ? SER A 149 VAL A 156 1 ? 8  
HELX_P HELX_P9 9 GLY A 170 ? TYR A 172 ? GLY A 170 TYR A 172 5 ? 3  
# 
_struct_conf_type.id          HELX_P 
_struct_conf_type.criteria    ? 
_struct_conf_type.reference   ? 
# 
loop_
_struct_sheet.id 
_struct_sheet.type 
_struct_sheet.number_strands 
_struct_sheet.details 
A ? 3 ? 
B ? 5 ? 
C ? 6 ? 
# 
loop_
_struct_sheet_order.sheet_id 
_struct_sheet_order.range_id_1 
_struct_sheet_order.range_id_2 
_struct_sheet_order.offset 
_struct_sheet_order.sense 
A 1 2 ? anti-parallel 
A 2 3 ? anti-parallel 
B 1 2 ? anti-parallel 
B 2 3 ? anti-parallel 
B 3 4 ? anti-parallel 
B 4 5 ? anti-parallel 
C 1 2 ? anti-parallel 
C 2 3 ? anti-parallel 
C 3 4 ? anti-parallel 
C 4 5 ? parallel      
C 5 6 ? anti-parallel 
# 
loop_
_struct_sheet_range.sheet_id 
_struct_sheet_range.id 
_struct_sheet_range.beg_label_comp_id 
_struct_sheet_range.beg_label_asym_id 
_struct_sheet_range.beg_label_seq_id 
_struct_sheet_range.pdbx_beg_PDB_ins_code 
_struct_sheet_range.end_label_comp_id 
_struct_sheet_range.end_label_asym_id 
_struct_sheet_range.end_label_seq_id 
_struct_sheet_range.pdbx_end_PDB_ins_code 
_struct_sheet_range.beg_auth_comp_id 
_struct_sheet_range.beg_auth_asym_id 
_struct_sheet_range.beg_auth_seq_id 
_struct_sheet_range.end_auth_comp_id 
_struct_sheet_range.end_auth_asym_id 
_struct_sheet_range.end_auth_seq_id 
A 1 ARG A 2   ? PRO A 3   ? ARG A 2   PRO A 3   
A 2 GLY A 33  ? HIS A 40  ? GLY A 33  HIS A 40  
A 3 ASP A 29  ? ARG A 30  ? ASP A 29  ARG A 30  
B 1 ARG A 2   ? PRO A 3   ? ARG A 2   PRO A 3   
B 2 GLY A 33  ? HIS A 40  ? GLY A 33  HIS A 40  
B 3 ARG A 43  ? SER A 48  ? ARG A 43  SER A 48  
B 4 THR A 68  ? PHE A 73  ? THR A 68  PHE A 73  
B 5 PHE A 79  ? LEU A 81  ? PHE A 79  LEU A 81  
C 1 VAL A 113 ? LEU A 114 ? VAL A 113 LEU A 114 
C 2 ILE A 161 ? ASP A 168 ? ILE A 161 ASP A 168 
C 3 PRO A 140 ? ALA A 146 ? PRO A 140 ALA A 146 
C 4 GLY A 130 ? SER A 135 ? GLY A 130 SER A 135 
C 5 LYS A 96  ? ILE A 99  ? LYS A 96  ILE A 99  
C 6 LEU A 118 ? ILE A 121 ? LEU A 118 ILE A 121 
# 
loop_
_pdbx_struct_sheet_hbond.sheet_id 
_pdbx_struct_sheet_hbond.range_id_1 
_pdbx_struct_sheet_hbond.range_id_2 
_pdbx_struct_sheet_hbond.range_1_label_atom_id 
_pdbx_struct_sheet_hbond.range_1_label_comp_id 
_pdbx_struct_sheet_hbond.range_1_label_asym_id 
_pdbx_struct_sheet_hbond.range_1_label_seq_id 
_pdbx_struct_sheet_hbond.range_1_PDB_ins_code 
_pdbx_struct_sheet_hbond.range_1_auth_atom_id 
_pdbx_struct_sheet_hbond.range_1_auth_comp_id 
_pdbx_struct_sheet_hbond.range_1_auth_asym_id 
_pdbx_struct_sheet_hbond.range_1_auth_seq_id 
_pdbx_struct_sheet_hbond.range_2_label_atom_id 
_pdbx_struct_sheet_hbond.range_2_label_comp_id 
_pdbx_struct_sheet_hbond.range_2_label_asym_id 
_pdbx_struct_sheet_hbond.range_2_label_seq_id 
_pdbx_struct_sheet_hbond.range_2_PDB_ins_code 
_pdbx_struct_sheet_hbond.range_2_auth_atom_id 
_pdbx_struct_sheet_hbond.range_2_auth_comp_id 
_pdbx_struct_sheet_hbond.range_2_auth_asym_id 
_pdbx_struct_sheet_hbond.range_2_auth_seq_id 
A 1 2 N ARG A 2   ? N ARG A 2   O LEU A 39  ? O LEU A 39  
A 2 3 N GLY A 33  ? N GLY A 33  O ARG A 30  ? O ARG A 30  
B 1 2 N ARG A 2   ? N ARG A 2   O LEU A 39  ? O LEU A 39  
B 2 3 N CYS A 36  ? N CYS A 36  O VAL A 47  ? O VAL A 47  
B 3 4 N TYR A 46  ? N TYR A 46  O THR A 68  ? O THR A 68  
B 4 5 N LYS A 72  ? N LYS A 72  O ARG A 80  ? O ARG A 80  
C 1 2 N VAL A 113 ? N VAL A 113 O VAL A 162 ? O VAL A 162 
C 2 3 O PHE A 164 ? O PHE A 164 N VAL A 145 ? N VAL A 145 
C 3 4 O LEU A 141 ? O LEU A 141 N VAL A 133 ? N VAL A 133 
C 4 5 O TYR A 134 ? O TYR A 134 N ILE A 99  ? N ILE A 99  
C 5 6 N TRP A 98  ? N TRP A 98  O ARG A 120 ? O ARG A 120 
# 
loop_
_pdbx_validate_torsion.id 
_pdbx_validate_torsion.PDB_model_num 
_pdbx_validate_torsion.auth_comp_id 
_pdbx_validate_torsion.auth_asym_id 
_pdbx_validate_torsion.auth_seq_id 
_pdbx_validate_torsion.PDB_ins_code 
_pdbx_validate_torsion.label_alt_id 
_pdbx_validate_torsion.phi 
_pdbx_validate_torsion.psi 
1 1 ASP A 42  ? ? 66.04   -4.63  
2 1 TYR A 172 ? ? -142.88 -32.20 
3 1 VAL A 173 ? ? -67.65  31.14  
4 1 ARG A 174 ? ? -56.79  0.35   
5 1 HIS A 175 ? ? 91.44   1.03   
# 
loop_
_pdbx_unobs_or_zero_occ_residues.id 
_pdbx_unobs_or_zero_occ_residues.PDB_model_num 
_pdbx_unobs_or_zero_occ_residues.polymer_flag 
_pdbx_unobs_or_zero_occ_residues.occupancy_flag 
_pdbx_unobs_or_zero_occ_residues.auth_asym_id 
_pdbx_unobs_or_zero_occ_residues.auth_comp_id 
_pdbx_unobs_or_zero_occ_residues.auth_seq_id 
_pdbx_unobs_or_zero_occ_residues.PDB_ins_code 
_pdbx_unobs_or_zero_occ_residues.label_asym_id 
_pdbx_unobs_or_zero_occ_residues.label_comp_id 
_pdbx_unobs_or_zero_occ_residues.label_seq_id 
1  1 Y 1 A GLU 177 ? A GLU 177 
2  1 Y 1 A THR 178 ? A THR 178 
3  1 Y 1 A LEU 179 ? A LEU 179 
4  1 Y 1 A THR 180 ? A THR 180 
5  1 Y 1 A LEU 181 ? A LEU 181 
6  1 Y 1 A GLU 182 ? A GLU 182 
7  1 Y 1 A HIS 183 ? A HIS 183 
8  1 Y 1 A HIS 184 ? A HIS 184 
9  1 Y 1 A HIS 185 ? A HIS 185 
10 1 Y 1 A HIS 186 ? A HIS 186 
11 1 Y 1 A HIS 187 ? A HIS 187 
12 1 Y 1 A HIS 188 ? A HIS 188 
# 
loop_
_chem_comp_atom.comp_id 
_chem_comp_atom.atom_id 
_chem_comp_atom.type_symbol 
_chem_comp_atom.pdbx_aromatic_flag 
_chem_comp_atom.pdbx_stereo_config 
_chem_comp_atom.pdbx_ordinal 
ALA N    N N N 1   
ALA CA   C N S 2   
ALA C    C N N 3   
ALA O    O N N 4   
ALA CB   C N N 5   
ALA OXT  O N N 6   
ALA H    H N N 7   
ALA H2   H N N 8   
ALA HA   H N N 9   
ALA HB1  H N N 10  
ALA HB2  H N N 11  
ALA HB3  H N N 12  
ALA HXT  H N N 13  
ARG N    N N N 14  
ARG CA   C N S 15  
ARG C    C N N 16  
ARG O    O N N 17  
ARG CB   C N N 18  
ARG CG   C N N 19  
ARG CD   C N N 20  
ARG NE   N N N 21  
ARG CZ   C N N 22  
ARG NH1  N N N 23  
ARG NH2  N N N 24  
ARG OXT  O N N 25  
ARG H    H N N 26  
ARG H2   H N N 27  
ARG HA   H N N 28  
ARG HB2  H N N 29  
ARG HB3  H N N 30  
ARG HG2  H N N 31  
ARG HG3  H N N 32  
ARG HD2  H N N 33  
ARG HD3  H N N 34  
ARG HE   H N N 35  
ARG HH11 H N N 36  
ARG HH12 H N N 37  
ARG HH21 H N N 38  
ARG HH22 H N N 39  
ARG HXT  H N N 40  
ASN N    N N N 41  
ASN CA   C N S 42  
ASN C    C N N 43  
ASN O    O N N 44  
ASN CB   C N N 45  
ASN CG   C N N 46  
ASN OD1  O N N 47  
ASN ND2  N N N 48  
ASN OXT  O N N 49  
ASN H    H N N 50  
ASN H2   H N N 51  
ASN HA   H N N 52  
ASN HB2  H N N 53  
ASN HB3  H N N 54  
ASN HD21 H N N 55  
ASN HD22 H N N 56  
ASN HXT  H N N 57  
ASP N    N N N 58  
ASP CA   C N S 59  
ASP C    C N N 60  
ASP O    O N N 61  
ASP CB   C N N 62  
ASP CG   C N N 63  
ASP OD1  O N N 64  
ASP OD2  O N N 65  
ASP OXT  O N N 66  
ASP H    H N N 67  
ASP H2   H N N 68  
ASP HA   H N N 69  
ASP HB2  H N N 70  
ASP HB3  H N N 71  
ASP HD2  H N N 72  
ASP HXT  H N N 73  
CYS N    N N N 74  
CYS CA   C N R 75  
CYS C    C N N 76  
CYS O    O N N 77  
CYS CB   C N N 78  
CYS SG   S N N 79  
CYS OXT  O N N 80  
CYS H    H N N 81  
CYS H2   H N N 82  
CYS HA   H N N 83  
CYS HB2  H N N 84  
CYS HB3  H N N 85  
CYS HG   H N N 86  
CYS HXT  H N N 87  
GLN N    N N N 88  
GLN CA   C N S 89  
GLN C    C N N 90  
GLN O    O N N 91  
GLN CB   C N N 92  
GLN CG   C N N 93  
GLN CD   C N N 94  
GLN OE1  O N N 95  
GLN NE2  N N N 96  
GLN OXT  O N N 97  
GLN H    H N N 98  
GLN H2   H N N 99  
GLN HA   H N N 100 
GLN HB2  H N N 101 
GLN HB3  H N N 102 
GLN HG2  H N N 103 
GLN HG3  H N N 104 
GLN HE21 H N N 105 
GLN HE22 H N N 106 
GLN HXT  H N N 107 
GLU N    N N N 108 
GLU CA   C N S 109 
GLU C    C N N 110 
GLU O    O N N 111 
GLU CB   C N N 112 
GLU CG   C N N 113 
GLU CD   C N N 114 
GLU OE1  O N N 115 
GLU OE2  O N N 116 
GLU OXT  O N N 117 
GLU H    H N N 118 
GLU H2   H N N 119 
GLU HA   H N N 120 
GLU HB2  H N N 121 
GLU HB3  H N N 122 
GLU HG2  H N N 123 
GLU HG3  H N N 124 
GLU HE2  H N N 125 
GLU HXT  H N N 126 
GLY N    N N N 127 
GLY CA   C N N 128 
GLY C    C N N 129 
GLY O    O N N 130 
GLY OXT  O N N 131 
GLY H    H N N 132 
GLY H2   H N N 133 
GLY HA2  H N N 134 
GLY HA3  H N N 135 
GLY HXT  H N N 136 
HIS N    N N N 137 
HIS CA   C N S 138 
HIS C    C N N 139 
HIS O    O N N 140 
HIS CB   C N N 141 
HIS CG   C Y N 142 
HIS ND1  N Y N 143 
HIS CD2  C Y N 144 
HIS CE1  C Y N 145 
HIS NE2  N Y N 146 
HIS OXT  O N N 147 
HIS H    H N N 148 
HIS H2   H N N 149 
HIS HA   H N N 150 
HIS HB2  H N N 151 
HIS HB3  H N N 152 
HIS HD1  H N N 153 
HIS HD2  H N N 154 
HIS HE1  H N N 155 
HIS HE2  H N N 156 
HIS HXT  H N N 157 
HOH O    O N N 158 
HOH H1   H N N 159 
HOH H2   H N N 160 
ILE N    N N N 161 
ILE CA   C N S 162 
ILE C    C N N 163 
ILE O    O N N 164 
ILE CB   C N S 165 
ILE CG1  C N N 166 
ILE CG2  C N N 167 
ILE CD1  C N N 168 
ILE OXT  O N N 169 
ILE H    H N N 170 
ILE H2   H N N 171 
ILE HA   H N N 172 
ILE HB   H N N 173 
ILE HG12 H N N 174 
ILE HG13 H N N 175 
ILE HG21 H N N 176 
ILE HG22 H N N 177 
ILE HG23 H N N 178 
ILE HD11 H N N 179 
ILE HD12 H N N 180 
ILE HD13 H N N 181 
ILE HXT  H N N 182 
LEU N    N N N 183 
LEU CA   C N S 184 
LEU C    C N N 185 
LEU O    O N N 186 
LEU CB   C N N 187 
LEU CG   C N N 188 
LEU CD1  C N N 189 
LEU CD2  C N N 190 
LEU OXT  O N N 191 
LEU H    H N N 192 
LEU H2   H N N 193 
LEU HA   H N N 194 
LEU HB2  H N N 195 
LEU HB3  H N N 196 
LEU HG   H N N 197 
LEU HD11 H N N 198 
LEU HD12 H N N 199 
LEU HD13 H N N 200 
LEU HD21 H N N 201 
LEU HD22 H N N 202 
LEU HD23 H N N 203 
LEU HXT  H N N 204 
LYS N    N N N 205 
LYS CA   C N S 206 
LYS C    C N N 207 
LYS O    O N N 208 
LYS CB   C N N 209 
LYS CG   C N N 210 
LYS CD   C N N 211 
LYS CE   C N N 212 
LYS NZ   N N N 213 
LYS OXT  O N N 214 
LYS H    H N N 215 
LYS H2   H N N 216 
LYS HA   H N N 217 
LYS HB2  H N N 218 
LYS HB3  H N N 219 
LYS HG2  H N N 220 
LYS HG3  H N N 221 
LYS HD2  H N N 222 
LYS HD3  H N N 223 
LYS HE2  H N N 224 
LYS HE3  H N N 225 
LYS HZ1  H N N 226 
LYS HZ2  H N N 227 
LYS HZ3  H N N 228 
LYS HXT  H N N 229 
MET N    N N N 230 
MET CA   C N S 231 
MET C    C N N 232 
MET O    O N N 233 
MET CB   C N N 234 
MET CG   C N N 235 
MET SD   S N N 236 
MET CE   C N N 237 
MET OXT  O N N 238 
MET H    H N N 239 
MET H2   H N N 240 
MET HA   H N N 241 
MET HB2  H N N 242 
MET HB3  H N N 243 
MET HG2  H N N 244 
MET HG3  H N N 245 
MET HE1  H N N 246 
MET HE2  H N N 247 
MET HE3  H N N 248 
MET HXT  H N N 249 
PHE N    N N N 250 
PHE CA   C N S 251 
PHE C    C N N 252 
PHE O    O N N 253 
PHE CB   C N N 254 
PHE CG   C Y N 255 
PHE CD1  C Y N 256 
PHE CD2  C Y N 257 
PHE CE1  C Y N 258 
PHE CE2  C Y N 259 
PHE CZ   C Y N 260 
PHE OXT  O N N 261 
PHE H    H N N 262 
PHE H2   H N N 263 
PHE HA   H N N 264 
PHE HB2  H N N 265 
PHE HB3  H N N 266 
PHE HD1  H N N 267 
PHE HD2  H N N 268 
PHE HE1  H N N 269 
PHE HE2  H N N 270 
PHE HZ   H N N 271 
PHE HXT  H N N 272 
PRO N    N N N 273 
PRO CA   C N S 274 
PRO C    C N N 275 
PRO O    O N N 276 
PRO CB   C N N 277 
PRO CG   C N N 278 
PRO CD   C N N 279 
PRO OXT  O N N 280 
PRO H    H N N 281 
PRO HA   H N N 282 
PRO HB2  H N N 283 
PRO HB3  H N N 284 
PRO HG2  H N N 285 
PRO HG3  H N N 286 
PRO HD2  H N N 287 
PRO HD3  H N N 288 
PRO HXT  H N N 289 
SER N    N N N 290 
SER CA   C N S 291 
SER C    C N N 292 
SER O    O N N 293 
SER CB   C N N 294 
SER OG   O N N 295 
SER OXT  O N N 296 
SER H    H N N 297 
SER H2   H N N 298 
SER HA   H N N 299 
SER HB2  H N N 300 
SER HB3  H N N 301 
SER HG   H N N 302 
SER HXT  H N N 303 
THR N    N N N 304 
THR CA   C N S 305 
THR C    C N N 306 
THR O    O N N 307 
THR CB   C N R 308 
THR OG1  O N N 309 
THR CG2  C N N 310 
THR OXT  O N N 311 
THR H    H N N 312 
THR H2   H N N 313 
THR HA   H N N 314 
THR HB   H N N 315 
THR HG1  H N N 316 
THR HG21 H N N 317 
THR HG22 H N N 318 
THR HG23 H N N 319 
THR HXT  H N N 320 
TRP N    N N N 321 
TRP CA   C N S 322 
TRP C    C N N 323 
TRP O    O N N 324 
TRP CB   C N N 325 
TRP CG   C Y N 326 
TRP CD1  C Y N 327 
TRP CD2  C Y N 328 
TRP NE1  N Y N 329 
TRP CE2  C Y N 330 
TRP CE3  C Y N 331 
TRP CZ2  C Y N 332 
TRP CZ3  C Y N 333 
TRP CH2  C Y N 334 
TRP OXT  O N N 335 
TRP H    H N N 336 
TRP H2   H N N 337 
TRP HA   H N N 338 
TRP HB2  H N N 339 
TRP HB3  H N N 340 
TRP HD1  H N N 341 
TRP HE1  H N N 342 
TRP HE3  H N N 343 
TRP HZ2  H N N 344 
TRP HZ3  H N N 345 
TRP HH2  H N N 346 
TRP HXT  H N N 347 
TYR N    N N N 348 
TYR CA   C N S 349 
TYR C    C N N 350 
TYR O    O N N 351 
TYR CB   C N N 352 
TYR CG   C Y N 353 
TYR CD1  C Y N 354 
TYR CD2  C Y N 355 
TYR CE1  C Y N 356 
TYR CE2  C Y N 357 
TYR CZ   C Y N 358 
TYR OH   O N N 359 
TYR OXT  O N N 360 
TYR H    H N N 361 
TYR H2   H N N 362 
TYR HA   H N N 363 
TYR HB2  H N N 364 
TYR HB3  H N N 365 
TYR HD1  H N N 366 
TYR HD2  H N N 367 
TYR HE1  H N N 368 
TYR HE2  H N N 369 
TYR HH   H N N 370 
TYR HXT  H N N 371 
VAL N    N N N 372 
VAL CA   C N S 373 
VAL C    C N N 374 
VAL O    O N N 375 
VAL CB   C N N 376 
VAL CG1  C N N 377 
VAL CG2  C N N 378 
VAL OXT  O N N 379 
VAL H    H N N 380 
VAL H2   H N N 381 
VAL HA   H N N 382 
VAL HB   H N N 383 
VAL HG11 H N N 384 
VAL HG12 H N N 385 
VAL HG13 H N N 386 
VAL HG21 H N N 387 
VAL HG22 H N N 388 
VAL HG23 H N N 389 
VAL HXT  H N N 390 
# 
loop_
_chem_comp_bond.comp_id 
_chem_comp_bond.atom_id_1 
_chem_comp_bond.atom_id_2 
_chem_comp_bond.value_order 
_chem_comp_bond.pdbx_aromatic_flag 
_chem_comp_bond.pdbx_stereo_config 
_chem_comp_bond.pdbx_ordinal 
ALA N   CA   sing N N 1   
ALA N   H    sing N N 2   
ALA N   H2   sing N N 3   
ALA CA  C    sing N N 4   
ALA CA  CB   sing N N 5   
ALA CA  HA   sing N N 6   
ALA C   O    doub N N 7   
ALA C   OXT  sing N N 8   
ALA CB  HB1  sing N N 9   
ALA CB  HB2  sing N N 10  
ALA CB  HB3  sing N N 11  
ALA OXT HXT  sing N N 12  
ARG N   CA   sing N N 13  
ARG N   H    sing N N 14  
ARG N   H2   sing N N 15  
ARG CA  C    sing N N 16  
ARG CA  CB   sing N N 17  
ARG CA  HA   sing N N 18  
ARG C   O    doub N N 19  
ARG C   OXT  sing N N 20  
ARG CB  CG   sing N N 21  
ARG CB  HB2  sing N N 22  
ARG CB  HB3  sing N N 23  
ARG CG  CD   sing N N 24  
ARG CG  HG2  sing N N 25  
ARG CG  HG3  sing N N 26  
ARG CD  NE   sing N N 27  
ARG CD  HD2  sing N N 28  
ARG CD  HD3  sing N N 29  
ARG NE  CZ   sing N N 30  
ARG NE  HE   sing N N 31  
ARG CZ  NH1  sing N N 32  
ARG CZ  NH2  doub N N 33  
ARG NH1 HH11 sing N N 34  
ARG NH1 HH12 sing N N 35  
ARG NH2 HH21 sing N N 36  
ARG NH2 HH22 sing N N 37  
ARG OXT HXT  sing N N 38  
ASN N   CA   sing N N 39  
ASN N   H    sing N N 40  
ASN N   H2   sing N N 41  
ASN CA  C    sing N N 42  
ASN CA  CB   sing N N 43  
ASN CA  HA   sing N N 44  
ASN C   O    doub N N 45  
ASN C   OXT  sing N N 46  
ASN CB  CG   sing N N 47  
ASN CB  HB2  sing N N 48  
ASN CB  HB3  sing N N 49  
ASN CG  OD1  doub N N 50  
ASN CG  ND2  sing N N 51  
ASN ND2 HD21 sing N N 52  
ASN ND2 HD22 sing N N 53  
ASN OXT HXT  sing N N 54  
ASP N   CA   sing N N 55  
ASP N   H    sing N N 56  
ASP N   H2   sing N N 57  
ASP CA  C    sing N N 58  
ASP CA  CB   sing N N 59  
ASP CA  HA   sing N N 60  
ASP C   O    doub N N 61  
ASP C   OXT  sing N N 62  
ASP CB  CG   sing N N 63  
ASP CB  HB2  sing N N 64  
ASP CB  HB3  sing N N 65  
ASP CG  OD1  doub N N 66  
ASP CG  OD2  sing N N 67  
ASP OD2 HD2  sing N N 68  
ASP OXT HXT  sing N N 69  
CYS N   CA   sing N N 70  
CYS N   H    sing N N 71  
CYS N   H2   sing N N 72  
CYS CA  C    sing N N 73  
CYS CA  CB   sing N N 74  
CYS CA  HA   sing N N 75  
CYS C   O    doub N N 76  
CYS C   OXT  sing N N 77  
CYS CB  SG   sing N N 78  
CYS CB  HB2  sing N N 79  
CYS CB  HB3  sing N N 80  
CYS SG  HG   sing N N 81  
CYS OXT HXT  sing N N 82  
GLN N   CA   sing N N 83  
GLN N   H    sing N N 84  
GLN N   H2   sing N N 85  
GLN CA  C    sing N N 86  
GLN CA  CB   sing N N 87  
GLN CA  HA   sing N N 88  
GLN C   O    doub N N 89  
GLN C   OXT  sing N N 90  
GLN CB  CG   sing N N 91  
GLN CB  HB2  sing N N 92  
GLN CB  HB3  sing N N 93  
GLN CG  CD   sing N N 94  
GLN CG  HG2  sing N N 95  
GLN CG  HG3  sing N N 96  
GLN CD  OE1  doub N N 97  
GLN CD  NE2  sing N N 98  
GLN NE2 HE21 sing N N 99  
GLN NE2 HE22 sing N N 100 
GLN OXT HXT  sing N N 101 
GLU N   CA   sing N N 102 
GLU N   H    sing N N 103 
GLU N   H2   sing N N 104 
GLU CA  C    sing N N 105 
GLU CA  CB   sing N N 106 
GLU CA  HA   sing N N 107 
GLU C   O    doub N N 108 
GLU C   OXT  sing N N 109 
GLU CB  CG   sing N N 110 
GLU CB  HB2  sing N N 111 
GLU CB  HB3  sing N N 112 
GLU CG  CD   sing N N 113 
GLU CG  HG2  sing N N 114 
GLU CG  HG3  sing N N 115 
GLU CD  OE1  doub N N 116 
GLU CD  OE2  sing N N 117 
GLU OE2 HE2  sing N N 118 
GLU OXT HXT  sing N N 119 
GLY N   CA   sing N N 120 
GLY N   H    sing N N 121 
GLY N   H2   sing N N 122 
GLY CA  C    sing N N 123 
GLY CA  HA2  sing N N 124 
GLY CA  HA3  sing N N 125 
GLY C   O    doub N N 126 
GLY C   OXT  sing N N 127 
GLY OXT HXT  sing N N 128 
HIS N   CA   sing N N 129 
HIS N   H    sing N N 130 
HIS N   H2   sing N N 131 
HIS CA  C    sing N N 132 
HIS CA  CB   sing N N 133 
HIS CA  HA   sing N N 134 
HIS C   O    doub N N 135 
HIS C   OXT  sing N N 136 
HIS CB  CG   sing N N 137 
HIS CB  HB2  sing N N 138 
HIS CB  HB3  sing N N 139 
HIS CG  ND1  sing Y N 140 
HIS CG  CD2  doub Y N 141 
HIS ND1 CE1  doub Y N 142 
HIS ND1 HD1  sing N N 143 
HIS CD2 NE2  sing Y N 144 
HIS CD2 HD2  sing N N 145 
HIS CE1 NE2  sing Y N 146 
HIS CE1 HE1  sing N N 147 
HIS NE2 HE2  sing N N 148 
HIS OXT HXT  sing N N 149 
HOH O   H1   sing N N 150 
HOH O   H2   sing N N 151 
ILE N   CA   sing N N 152 
ILE N   H    sing N N 153 
ILE N   H2   sing N N 154 
ILE CA  C    sing N N 155 
ILE CA  CB   sing N N 156 
ILE CA  HA   sing N N 157 
ILE C   O    doub N N 158 
ILE C   OXT  sing N N 159 
ILE CB  CG1  sing N N 160 
ILE CB  CG2  sing N N 161 
ILE CB  HB   sing N N 162 
ILE CG1 CD1  sing N N 163 
ILE CG1 HG12 sing N N 164 
ILE CG1 HG13 sing N N 165 
ILE CG2 HG21 sing N N 166 
ILE CG2 HG22 sing N N 167 
ILE CG2 HG23 sing N N 168 
ILE CD1 HD11 sing N N 169 
ILE CD1 HD12 sing N N 170 
ILE CD1 HD13 sing N N 171 
ILE OXT HXT  sing N N 172 
LEU N   CA   sing N N 173 
LEU N   H    sing N N 174 
LEU N   H2   sing N N 175 
LEU CA  C    sing N N 176 
LEU CA  CB   sing N N 177 
LEU CA  HA   sing N N 178 
LEU C   O    doub N N 179 
LEU C   OXT  sing N N 180 
LEU CB  CG   sing N N 181 
LEU CB  HB2  sing N N 182 
LEU CB  HB3  sing N N 183 
LEU CG  CD1  sing N N 184 
LEU CG  CD2  sing N N 185 
LEU CG  HG   sing N N 186 
LEU CD1 HD11 sing N N 187 
LEU CD1 HD12 sing N N 188 
LEU CD1 HD13 sing N N 189 
LEU CD2 HD21 sing N N 190 
LEU CD2 HD22 sing N N 191 
LEU CD2 HD23 sing N N 192 
LEU OXT HXT  sing N N 193 
LYS N   CA   sing N N 194 
LYS N   H    sing N N 195 
LYS N   H2   sing N N 196 
LYS CA  C    sing N N 197 
LYS CA  CB   sing N N 198 
LYS CA  HA   sing N N 199 
LYS C   O    doub N N 200 
LYS C   OXT  sing N N 201 
LYS CB  CG   sing N N 202 
LYS CB  HB2  sing N N 203 
LYS CB  HB3  sing N N 204 
LYS CG  CD   sing N N 205 
LYS CG  HG2  sing N N 206 
LYS CG  HG3  sing N N 207 
LYS CD  CE   sing N N 208 
LYS CD  HD2  sing N N 209 
LYS CD  HD3  sing N N 210 
LYS CE  NZ   sing N N 211 
LYS CE  HE2  sing N N 212 
LYS CE  HE3  sing N N 213 
LYS NZ  HZ1  sing N N 214 
LYS NZ  HZ2  sing N N 215 
LYS NZ  HZ3  sing N N 216 
LYS OXT HXT  sing N N 217 
MET N   CA   sing N N 218 
MET N   H    sing N N 219 
MET N   H2   sing N N 220 
MET CA  C    sing N N 221 
MET CA  CB   sing N N 222 
MET CA  HA   sing N N 223 
MET C   O    doub N N 224 
MET C   OXT  sing N N 225 
MET CB  CG   sing N N 226 
MET CB  HB2  sing N N 227 
MET CB  HB3  sing N N 228 
MET CG  SD   sing N N 229 
MET CG  HG2  sing N N 230 
MET CG  HG3  sing N N 231 
MET SD  CE   sing N N 232 
MET CE  HE1  sing N N 233 
MET CE  HE2  sing N N 234 
MET CE  HE3  sing N N 235 
MET OXT HXT  sing N N 236 
PHE N   CA   sing N N 237 
PHE N   H    sing N N 238 
PHE N   H2   sing N N 239 
PHE CA  C    sing N N 240 
PHE CA  CB   sing N N 241 
PHE CA  HA   sing N N 242 
PHE C   O    doub N N 243 
PHE C   OXT  sing N N 244 
PHE CB  CG   sing N N 245 
PHE CB  HB2  sing N N 246 
PHE CB  HB3  sing N N 247 
PHE CG  CD1  doub Y N 248 
PHE CG  CD2  sing Y N 249 
PHE CD1 CE1  sing Y N 250 
PHE CD1 HD1  sing N N 251 
PHE CD2 CE2  doub Y N 252 
PHE CD2 HD2  sing N N 253 
PHE CE1 CZ   doub Y N 254 
PHE CE1 HE1  sing N N 255 
PHE CE2 CZ   sing Y N 256 
PHE CE2 HE2  sing N N 257 
PHE CZ  HZ   sing N N 258 
PHE OXT HXT  sing N N 259 
PRO N   CA   sing N N 260 
PRO N   CD   sing N N 261 
PRO N   H    sing N N 262 
PRO CA  C    sing N N 263 
PRO CA  CB   sing N N 264 
PRO CA  HA   sing N N 265 
PRO C   O    doub N N 266 
PRO C   OXT  sing N N 267 
PRO CB  CG   sing N N 268 
PRO CB  HB2  sing N N 269 
PRO CB  HB3  sing N N 270 
PRO CG  CD   sing N N 271 
PRO CG  HG2  sing N N 272 
PRO CG  HG3  sing N N 273 
PRO CD  HD2  sing N N 274 
PRO CD  HD3  sing N N 275 
PRO OXT HXT  sing N N 276 
SER N   CA   sing N N 277 
SER N   H    sing N N 278 
SER N   H2   sing N N 279 
SER CA  C    sing N N 280 
SER CA  CB   sing N N 281 
SER CA  HA   sing N N 282 
SER C   O    doub N N 283 
SER C   OXT  sing N N 284 
SER CB  OG   sing N N 285 
SER CB  HB2  sing N N 286 
SER CB  HB3  sing N N 287 
SER OG  HG   sing N N 288 
SER OXT HXT  sing N N 289 
THR N   CA   sing N N 290 
THR N   H    sing N N 291 
THR N   H2   sing N N 292 
THR CA  C    sing N N 293 
THR CA  CB   sing N N 294 
THR CA  HA   sing N N 295 
THR C   O    doub N N 296 
THR C   OXT  sing N N 297 
THR CB  OG1  sing N N 298 
THR CB  CG2  sing N N 299 
THR CB  HB   sing N N 300 
THR OG1 HG1  sing N N 301 
THR CG2 HG21 sing N N 302 
THR CG2 HG22 sing N N 303 
THR CG2 HG23 sing N N 304 
THR OXT HXT  sing N N 305 
TRP N   CA   sing N N 306 
TRP N   H    sing N N 307 
TRP N   H2   sing N N 308 
TRP CA  C    sing N N 309 
TRP CA  CB   sing N N 310 
TRP CA  HA   sing N N 311 
TRP C   O    doub N N 312 
TRP C   OXT  sing N N 313 
TRP CB  CG   sing N N 314 
TRP CB  HB2  sing N N 315 
TRP CB  HB3  sing N N 316 
TRP CG  CD1  doub Y N 317 
TRP CG  CD2  sing Y N 318 
TRP CD1 NE1  sing Y N 319 
TRP CD1 HD1  sing N N 320 
TRP CD2 CE2  doub Y N 321 
TRP CD2 CE3  sing Y N 322 
TRP NE1 CE2  sing Y N 323 
TRP NE1 HE1  sing N N 324 
TRP CE2 CZ2  sing Y N 325 
TRP CE3 CZ3  doub Y N 326 
TRP CE3 HE3  sing N N 327 
TRP CZ2 CH2  doub Y N 328 
TRP CZ2 HZ2  sing N N 329 
TRP CZ3 CH2  sing Y N 330 
TRP CZ3 HZ3  sing N N 331 
TRP CH2 HH2  sing N N 332 
TRP OXT HXT  sing N N 333 
TYR N   CA   sing N N 334 
TYR N   H    sing N N 335 
TYR N   H2   sing N N 336 
TYR CA  C    sing N N 337 
TYR CA  CB   sing N N 338 
TYR CA  HA   sing N N 339 
TYR C   O    doub N N 340 
TYR C   OXT  sing N N 341 
TYR CB  CG   sing N N 342 
TYR CB  HB2  sing N N 343 
TYR CB  HB3  sing N N 344 
TYR CG  CD1  doub Y N 345 
TYR CG  CD2  sing Y N 346 
TYR CD1 CE1  sing Y N 347 
TYR CD1 HD1  sing N N 348 
TYR CD2 CE2  doub Y N 349 
TYR CD2 HD2  sing N N 350 
TYR CE1 CZ   doub Y N 351 
TYR CE1 HE1  sing N N 352 
TYR CE2 CZ   sing Y N 353 
TYR CE2 HE2  sing N N 354 
TYR CZ  OH   sing N N 355 
TYR OH  HH   sing N N 356 
TYR OXT HXT  sing N N 357 
VAL N   CA   sing N N 358 
VAL N   H    sing N N 359 
VAL N   H2   sing N N 360 
VAL CA  C    sing N N 361 
VAL CA  CB   sing N N 362 
VAL CA  HA   sing N N 363 
VAL C   O    doub N N 364 
VAL C   OXT  sing N N 365 
VAL CB  CG1  sing N N 366 
VAL CB  CG2  sing N N 367 
VAL CB  HB   sing N N 368 
VAL CG1 HG11 sing N N 369 
VAL CG1 HG12 sing N N 370 
VAL CG1 HG13 sing N N 371 
VAL CG2 HG21 sing N N 372 
VAL CG2 HG22 sing N N 373 
VAL CG2 HG23 sing N N 374 
VAL OXT HXT  sing N N 375 
# 
_atom_sites.entry_id                    1SQW 
_atom_sites.fract_transf_matrix[1][1]   0.01231851 
_atom_sites.fract_transf_matrix[1][2]   0.01173496 
_atom_sites.fract_transf_matrix[1][3]   0.00402062 
_atom_sites.fract_transf_matrix[2][1]   0.01145315 
_atom_sites.fract_transf_matrix[2][2]   -0.01293599 
_atom_sites.fract_transf_matrix[2][3]   0.00266565 
_atom_sites.fract_transf_matrix[3][1]   0.00206390 
_atom_sites.fract_transf_matrix[3][2]   0.00032738 
_atom_sites.fract_transf_matrix[3][3]   -0.00727897 
_atom_sites.fract_transf_vector[1]      0.003922 
_atom_sites.fract_transf_vector[2]      0.315446 
_atom_sites.fract_transf_vector[3]      0.184576 
# 
loop_
_atom_type.symbol 
C 
N 
O 
S 
# 
loop_
_atom_site.group_PDB 
_atom_site.id 
_atom_site.type_symbol 
_atom_site.label_atom_id 
_atom_site.label_alt_id 
_atom_site.label_comp_id 
_atom_site.label_asym_id 
_atom_site.label_entity_id 
_atom_site.label_seq_id 
_atom_site.pdbx_PDB_ins_code 
_atom_site.Cartn_x 
_atom_site.Cartn_y 
_atom_site.Cartn_z 
_atom_site.occupancy 
_atom_site.B_iso_or_equiv 
_atom_site.pdbx_formal_charge 
_atom_site.auth_seq_id 
_atom_site.auth_comp_id 
_atom_site.auth_asym_id 
_atom_site.auth_atom_id 
_atom_site.pdbx_PDB_model_num 
ATOM   1    N N   . MET A 1 1   ? 2.632   22.320  -2.472  1.00 42.42 ? 1   MET A N   1 
ATOM   2    C CA  . MET A 1 1   ? 2.300   21.131  -3.331  1.00 43.13 ? 1   MET A CA  1 
ATOM   3    C C   . MET A 1 1   ? 3.310   21.070  -4.482  1.00 42.16 ? 1   MET A C   1 
ATOM   4    O O   . MET A 1 1   ? 2.941   21.236  -5.651  1.00 43.95 ? 1   MET A O   1 
ATOM   5    C CB  . MET A 1 1   ? 0.859   21.276  -3.875  1.00 44.42 ? 1   MET A CB  1 
ATOM   6    C CG  . MET A 1 1   ? 0.239   20.072  -4.568  1.00 46.67 ? 1   MET A CG  1 
ATOM   7    S SD  . MET A 1 1   ? 0.016   18.599  -3.541  1.00 57.18 ? 1   MET A SD  1 
ATOM   8    C CE  . MET A 1 1   ? -1.657  18.638  -3.128  1.00 51.13 ? 1   MET A CE  1 
ATOM   9    N N   . ARG A 1 2   ? 4.568   20.792  -4.144  1.00 37.33 ? 2   ARG A N   1 
ATOM   10   C CA  . ARG A 1 2   ? 5.660   20.790  -5.105  1.00 33.18 ? 2   ARG A CA  1 
ATOM   11   C C   . ARG A 1 2   ? 6.063   19.417  -5.604  1.00 30.82 ? 2   ARG A C   1 
ATOM   12   O O   . ARG A 1 2   ? 5.671   18.400  -5.038  1.00 28.97 ? 2   ARG A O   1 
ATOM   13   C CB  . ARG A 1 2   ? 6.893   21.433  -4.442  1.00 32.56 ? 2   ARG A CB  1 
ATOM   14   C CG  . ARG A 1 2   ? 7.469   20.647  -3.251  1.00 33.31 ? 2   ARG A CG  1 
ATOM   15   C CD  . ARG A 1 2   ? 8.861   21.133  -2.896  1.00 33.78 ? 2   ARG A CD  1 
ATOM   16   N NE  . ARG A 1 2   ? 9.409   20.444  -1.734  1.00 33.41 ? 2   ARG A NE  1 
ATOM   17   C CZ  . ARG A 1 2   ? 9.849   19.193  -1.728  1.00 33.75 ? 2   ARG A CZ  1 
ATOM   18   N NH1 . ARG A 1 2   ? 9.809   18.464  -2.827  1.00 30.76 ? 2   ARG A NH1 1 
ATOM   19   N NH2 . ARG A 1 2   ? 10.357  18.680  -0.619  1.00 34.57 ? 2   ARG A NH2 1 
ATOM   20   N N   . PRO A 1 3   ? 6.834   19.375  -6.704  1.00 29.52 ? 3   PRO A N   1 
ATOM   21   C CA  . PRO A 1 3   ? 7.293   18.094  -7.233  1.00 28.18 ? 3   PRO A CA  1 
ATOM   22   C C   . PRO A 1 3   ? 8.267   17.520  -6.185  1.00 26.93 ? 3   PRO A C   1 
ATOM   23   O O   . PRO A 1 3   ? 8.843   18.268  -5.382  1.00 25.58 ? 3   PRO A O   1 
ATOM   24   C CB  . PRO A 1 3   ? 8.032   18.501  -8.518  1.00 29.96 ? 3   PRO A CB  1 
ATOM   25   C CG  . PRO A 1 3   ? 7.340   19.755  -8.945  1.00 29.52 ? 3   PRO A CG  1 
ATOM   26   C CD  . PRO A 1 3   ? 7.198   20.473  -7.625  1.00 30.71 ? 3   PRO A CD  1 
ATOM   27   N N   . LEU A 1 4   ? 8.419   16.201  -6.165  1.00 25.12 ? 4   LEU A N   1 
ATOM   28   C CA  . LEU A 1 4   ? 9.361   15.599  -5.253  1.00 25.72 ? 4   LEU A CA  1 
ATOM   29   C C   . LEU A 1 4   ? 10.788  15.753  -5.810  1.00 27.02 ? 4   LEU A C   1 
ATOM   30   O O   . LEU A 1 4   ? 10.988  15.836  -7.030  1.00 26.67 ? 4   LEU A O   1 
ATOM   31   C CB  . LEU A 1 4   ? 9.040   14.111  -5.077  1.00 26.17 ? 4   LEU A CB  1 
ATOM   32   C CG  . LEU A 1 4   ? 7.943   13.678  -4.109  1.00 26.74 ? 4   LEU A CG  1 
ATOM   33   C CD1 . LEU A 1 4   ? 6.625   14.303  -4.484  1.00 26.51 ? 4   LEU A CD1 1 
ATOM   34   C CD2 . LEU A 1 4   ? 7.856   12.169  -4.164  1.00 27.40 ? 4   LEU A CD2 1 
ATOM   35   N N   . THR A 1 5   ? 11.782  15.782  -4.931  1.00 28.75 ? 5   THR A N   1 
ATOM   36   C CA  . THR A 1 5   ? 13.145  15.850  -5.415  1.00 32.15 ? 5   THR A CA  1 
ATOM   37   C C   . THR A 1 5   ? 13.471  14.467  -5.973  1.00 33.96 ? 5   THR A C   1 
ATOM   38   O O   . THR A 1 5   ? 12.709  13.511  -5.781  1.00 31.64 ? 5   THR A O   1 
ATOM   39   C CB  . THR A 1 5   ? 14.097  16.133  -4.294  1.00 32.54 ? 5   THR A CB  1 
ATOM   40   O OG1 . THR A 1 5   ? 14.036  15.059  -3.358  1.00 30.55 ? 5   THR A OG1 1 
ATOM   41   C CG2 . THR A 1 5   ? 13.719  17.410  -3.604  1.00 31.39 ? 5   THR A CG2 1 
ATOM   42   N N   . GLU A 1 6   ? 14.599  14.357  -6.667  1.00 34.48 ? 6   GLU A N   1 
ATOM   43   C CA  . GLU A 1 6   ? 15.006  13.076  -7.220  1.00 35.78 ? 6   GLU A CA  1 
ATOM   44   C C   . GLU A 1 6   ? 15.199  12.062  -6.114  1.00 34.56 ? 6   GLU A C   1 
ATOM   45   O O   . GLU A 1 6   ? 14.835  10.908  -6.273  1.00 33.60 ? 6   GLU A O   1 
ATOM   46   C CB  . GLU A 1 6   ? 16.286  13.230  -8.044  1.00 38.65 ? 6   GLU A CB  1 
ATOM   47   C CG  . GLU A 1 6   ? 16.020  13.953  -9.342  1.00 43.44 ? 6   GLU A CG  1 
ATOM   48   C CD  . GLU A 1 6   ? 15.642  13.004  -10.471 1.00 54.21 ? 6   GLU A CD  1 
ATOM   49   O OE1 . GLU A 1 6   ? 15.062  11.924  -10.181 1.00 53.81 ? 6   GLU A OE1 1 
ATOM   50   O OE2 . GLU A 1 6   ? 15.921  13.346  -11.648 1.00 60.74 ? 6   GLU A OE2 1 
ATOM   51   N N   . GLU A 1 7   ? 15.756  12.491  -4.989  1.00 32.37 ? 7   GLU A N   1 
ATOM   52   C CA  . GLU A 1 7   ? 15.968  11.572  -3.886  1.00 34.13 ? 7   GLU A CA  1 
ATOM   53   C C   . GLU A 1 7   ? 14.643  11.168  -3.255  1.00 32.57 ? 7   GLU A C   1 
ATOM   54   O O   . GLU A 1 7   ? 14.473  10.004  -2.893  1.00 32.56 ? 7   GLU A O   1 
ATOM   55   C CB  . GLU A 1 7   ? 16.868  12.194  -2.826  1.00 35.94 ? 7   GLU A CB  1 
ATOM   56   C CG  . GLU A 1 7   ? 17.267  11.236  -1.716  1.00 42.06 ? 7   GLU A CG  1 
ATOM   57   C CD  . GLU A 1 7   ? 17.978  9.991   -2.224  1.00 46.35 ? 7   GLU A CD  1 
ATOM   58   O OE1 . GLU A 1 7   ? 18.333  9.929   -3.425  1.00 49.68 ? 7   GLU A OE1 1 
ATOM   59   O OE2 . GLU A 1 7   ? 18.176  9.065   -1.410  1.00 52.92 ? 7   GLU A OE2 1 
ATOM   60   N N   . GLU A 1 8   ? 13.710  12.114  -3.103  1.00 31.25 ? 8   GLU A N   1 
ATOM   61   C CA  . GLU A 1 8   ? 12.405  11.782  -2.525  1.00 30.17 ? 8   GLU A CA  1 
ATOM   62   C C   . GLU A 1 8   ? 11.735  10.765  -3.453  1.00 29.02 ? 8   GLU A C   1 
ATOM   63   O O   . GLU A 1 8   ? 11.212  9.746   -3.004  1.00 30.00 ? 8   GLU A O   1 
ATOM   64   C CB  . GLU A 1 8   ? 11.540  13.034  -2.378  1.00 31.53 ? 8   GLU A CB  1 
ATOM   65   C CG  . GLU A 1 8   ? 12.060  13.985  -1.320  1.00 32.46 ? 8   GLU A CG  1 
ATOM   66   C CD  . GLU A 1 8   ? 11.402  15.342  -1.371  1.00 31.05 ? 8   GLU A CD  1 
ATOM   67   O OE1 . GLU A 1 8   ? 10.932  15.737  -2.455  1.00 29.31 ? 8   GLU A OE1 1 
ATOM   68   O OE2 . GLU A 1 8   ? 11.361  16.015  -0.322  1.00 32.58 ? 8   GLU A OE2 1 
ATOM   69   N N   . THR A 1 9   ? 11.776  11.027  -4.752  1.00 26.99 ? 9   THR A N   1 
ATOM   70   C CA  . THR A 1 9   ? 11.180  10.123  -5.715  1.00 27.20 ? 9   THR A CA  1 
ATOM   71   C C   . THR A 1 9   ? 11.738  8.709   -5.617  1.00 29.42 ? 9   THR A C   1 
ATOM   72   O O   . THR A 1 9   ? 10.994  7.730   -5.651  1.00 26.64 ? 9   THR A O   1 
ATOM   73   C CB  . THR A 1 9   ? 11.417  10.640  -7.120  1.00 27.12 ? 9   THR A CB  1 
ATOM   74   O OG1 . THR A 1 9   ? 10.778  11.908  -7.256  1.00 28.54 ? 9   THR A OG1 1 
ATOM   75   C CG2 . THR A 1 9   ? 10.844  9.701   -8.151  1.00 27.01 ? 9   THR A CG2 1 
ATOM   76   N N   . ARG A 1 10  ? 13.055  8.604   -5.510  1.00 30.75 ? 10  ARG A N   1 
ATOM   77   C CA  . ARG A 1 10  ? 13.692  7.301   -5.429  1.00 31.30 ? 10  ARG A CA  1 
ATOM   78   C C   . ARG A 1 10  ? 13.196  6.538   -4.228  1.00 31.07 ? 10  ARG A C   1 
ATOM   79   O O   . ARG A 1 10  ? 12.801  5.379   -4.312  1.00 29.93 ? 10  ARG A O   1 
ATOM   80   C CB  . ARG A 1 10  ? 15.200  7.458   -5.309  1.00 33.02 ? 10  ARG A CB  1 
ATOM   81   C CG  . ARG A 1 10  ? 15.959  6.150   -5.276  1.00 35.12 ? 10  ARG A CG  1 
ATOM   82   C CD  . ARG A 1 10  ? 17.418  6.413   -4.963  1.00 38.96 ? 10  ARG A CD  1 
ATOM   83   N NE  . ARG A 1 10  ? 17.618  6.820   -3.572  1.00 39.65 ? 10  ARG A NE  1 
ATOM   84   C CZ  . ARG A 1 10  ? 17.539  5.987   -2.536  1.00 43.03 ? 10  ARG A CZ  1 
ATOM   85   N NH1 . ARG A 1 10  ? 17.265  4.703   -2.738  1.00 49.09 ? 10  ARG A NH1 1 
ATOM   86   N NH2 . ARG A 1 10  ? 17.747  6.427   -1.298  1.00 44.16 ? 10  ARG A NH2 1 
ATOM   87   N N   . VAL A 1 11  ? 13.224  7.208   -3.095  1.00 30.60 ? 11  VAL A N   1 
ATOM   88   C CA  . VAL A 1 11  ? 12.819  6.574   -1.868  1.00 31.27 ? 11  VAL A CA  1 
ATOM   89   C C   . VAL A 1 11  ? 11.378  6.098   -1.935  1.00 30.50 ? 11  VAL A C   1 
ATOM   90   O O   . VAL A 1 11  ? 11.089  4.945   -1.599  1.00 29.21 ? 11  VAL A O   1 
ATOM   91   C CB  . VAL A 1 11  ? 13.039  7.529   -0.691  1.00 31.18 ? 11  VAL A CB  1 
ATOM   92   C CG1 . VAL A 1 11  ? 12.480  6.934   0.594   1.00 33.70 ? 11  VAL A CG1 1 
ATOM   93   C CG2 . VAL A 1 11  ? 14.532  7.800   -0.530  1.00 34.97 ? 11  VAL A CG2 1 
ATOM   94   N N   . MET A 1 12  ? 10.473  6.951   -2.404  1.00 29.31 ? 12  MET A N   1 
ATOM   95   C CA  . MET A 1 12  ? 9.073   6.531   -2.488  1.00 30.08 ? 12  MET A CA  1 
ATOM   96   C C   . MET A 1 12  ? 8.898   5.439   -3.518  1.00 29.05 ? 12  MET A C   1 
ATOM   97   O O   . MET A 1 12  ? 8.087   4.547   -3.321  1.00 30.76 ? 12  MET A O   1 
ATOM   98   C CB  . MET A 1 12  ? 8.142   7.696   -2.830  1.00 30.89 ? 12  MET A CB  1 
ATOM   99   C CG  . MET A 1 12  ? 8.289   8.224   -4.234  1.00 34.09 ? 12  MET A CG  1 
ATOM   100  S SD  . MET A 1 12  ? 6.857   7.941   -5.246  1.00 42.51 ? 12  MET A SD  1 
ATOM   101  C CE  . MET A 1 12  ? 5.666   8.728   -4.225  1.00 27.20 ? 12  MET A CE  1 
ATOM   102  N N   . PHE A 1 13  ? 9.657   5.509   -4.610  1.00 28.52 ? 13  PHE A N   1 
ATOM   103  C CA  . PHE A 1 13  ? 9.567   4.516   -5.676  1.00 29.22 ? 13  PHE A CA  1 
ATOM   104  C C   . PHE A 1 13  ? 9.995   3.147   -5.163  1.00 29.90 ? 13  PHE A C   1 
ATOM   105  O O   . PHE A 1 13  ? 9.376   2.132   -5.477  1.00 26.54 ? 13  PHE A O   1 
ATOM   106  C CB  . PHE A 1 13  ? 10.456  4.948   -6.850  1.00 30.37 ? 13  PHE A CB  1 
ATOM   107  C CG  . PHE A 1 13  ? 10.379  4.057   -8.074  1.00 33.63 ? 13  PHE A CG  1 
ATOM   108  C CD1 . PHE A 1 13  ? 9.619   4.445   -9.186  1.00 38.55 ? 13  PHE A CD1 1 
ATOM   109  C CD2 . PHE A 1 13  ? 11.064  2.826   -8.124  1.00 38.17 ? 13  PHE A CD2 1 
ATOM   110  C CE1 . PHE A 1 13  ? 9.567   3.645   -10.352 1.00 41.07 ? 13  PHE A CE1 1 
ATOM   111  C CE2 . PHE A 1 13  ? 11.024  2.013   -9.279  1.00 43.64 ? 13  PHE A CE2 1 
ATOM   112  C CZ  . PHE A 1 13  ? 10.256  2.418   -10.398 1.00 43.05 ? 13  PHE A CZ  1 
ATOM   113  N N   . GLU A 1 14  ? 11.053  3.119   -4.367  1.00 29.57 ? 14  GLU A N   1 
ATOM   114  C CA  . GLU A 1 14  ? 11.533  1.853   -3.843  1.00 32.17 ? 14  GLU A CA  1 
ATOM   115  C C   . GLU A 1 14  ? 10.540  1.225   -2.895  1.00 31.53 ? 14  GLU A C   1 
ATOM   116  O O   . GLU A 1 14  ? 10.318  0.022   -2.951  1.00 33.02 ? 14  GLU A O   1 
ATOM   117  C CB  . GLU A 1 14  ? 12.882  2.030   -3.153  1.00 34.60 ? 14  GLU A CB  1 
ATOM   118  C CG  . GLU A 1 14  ? 14.022  2.296   -4.129  1.00 39.47 ? 14  GLU A CG  1 
ATOM   119  C CD  . GLU A 1 14  ? 15.391  2.367   -3.458  1.00 49.67 ? 14  GLU A CD  1 
ATOM   120  O OE1 . GLU A 1 14  ? 16.392  2.234   -4.193  1.00 55.26 ? 14  GLU A OE1 1 
ATOM   121  O OE2 . GLU A 1 14  ? 15.476  2.556   -2.220  1.00 51.81 ? 14  GLU A OE2 1 
ATOM   122  N N   . LYS A 1 15  ? 9.940   2.036   -2.028  1.00 29.41 ? 15  LYS A N   1 
ATOM   123  C CA  . LYS A 1 15  ? 8.933   1.530   -1.092  1.00 29.86 ? 15  LYS A CA  1 
ATOM   124  C C   . LYS A 1 15  ? 7.714   0.979   -1.840  1.00 30.28 ? 15  LYS A C   1 
ATOM   125  O O   . LYS A 1 15  ? 7.281   -0.140  -1.583  1.00 28.63 ? 15  LYS A O   1 
ATOM   126  C CB  . LYS A 1 15  ? 8.512   2.628   -0.101  1.00 30.19 ? 15  LYS A CB  1 
ATOM   127  C CG  . LYS A 1 15  ? 7.336   2.266   0.823   1.00 33.15 ? 15  LYS A CG  1 
ATOM   128  C CD  . LYS A 1 15  ? 7.538   0.964   1.617   1.00 34.79 ? 15  LYS A CD  1 
ATOM   129  C CE  . LYS A 1 15  ? 8.692   1.029   2.600   1.00 36.05 ? 15  LYS A CE  1 
ATOM   130  N NZ  . LYS A 1 15  ? 8.473   1.989   3.697   1.00 37.07 ? 15  LYS A NZ  1 
ATOM   131  N N   . ILE A 1 16  ? 7.177   1.758   -2.773  1.00 29.05 ? 16  ILE A N   1 
ATOM   132  C CA  . ILE A 1 16  ? 6.031   1.324   -3.564  1.00 28.04 ? 16  ILE A CA  1 
ATOM   133  C C   . ILE A 1 16  ? 6.381   0.058   -4.320  1.00 27.17 ? 16  ILE A C   1 
ATOM   134  O O   . ILE A 1 16  ? 5.566   -0.850  -4.416  1.00 25.93 ? 16  ILE A O   1 
ATOM   135  C CB  . ILE A 1 16  ? 5.581   2.428   -4.550  1.00 26.37 ? 16  ILE A CB  1 
ATOM   136  C CG1 . ILE A 1 16  ? 4.976   3.581   -3.754  1.00 28.62 ? 16  ILE A CG1 1 
ATOM   137  C CG2 . ILE A 1 16  ? 4.582   1.881   -5.548  1.00 26.47 ? 16  ILE A CG2 1 
ATOM   138  C CD1 . ILE A 1 16  ? 4.736   4.839   -4.545  1.00 35.12 ? 16  ILE A CD1 1 
ATOM   139  N N   . ALA A 1 17  ? 7.607   -0.014  -4.831  1.00 27.50 ? 17  ALA A N   1 
ATOM   140  C CA  . ALA A 1 17  ? 8.045   -1.192  -5.560  1.00 27.76 ? 17  ALA A CA  1 
ATOM   141  C C   . ALA A 1 17  ? 8.041   -2.412  -4.657  1.00 27.52 ? 17  ALA A C   1 
ATOM   142  O O   . ALA A 1 17  ? 7.918   -3.527  -5.140  1.00 26.50 ? 17  ALA A O   1 
ATOM   143  C CB  . ALA A 1 17  ? 9.429   -0.988  -6.132  1.00 27.76 ? 17  ALA A CB  1 
ATOM   144  N N   . LYS A 1 18  ? 8.179   -2.222  -3.349  1.00 27.93 ? 18  LYS A N   1 
ATOM   145  C CA  . LYS A 1 18  ? 8.165   -3.372  -2.441  1.00 29.80 ? 18  LYS A CA  1 
ATOM   146  C C   . LYS A 1 18  ? 6.805   -4.086  -2.472  1.00 28.19 ? 18  LYS A C   1 
ATOM   147  O O   . LYS A 1 18  ? 6.682   -5.239  -2.043  1.00 26.85 ? 18  LYS A O   1 
ATOM   148  C CB  . LYS A 1 18  ? 8.511   -2.932  -1.012  1.00 30.95 ? 18  LYS A CB  1 
ATOM   149  C CG  . LYS A 1 18  ? 9.864   -2.217  -0.950  1.00 38.93 ? 18  LYS A CG  1 
ATOM   150  C CD  . LYS A 1 18  ? 10.801  -2.773  0.123   1.00 45.65 ? 18  LYS A CD  1 
ATOM   151  C CE  . LYS A 1 18  ? 12.227  -2.184  0.002   1.00 51.75 ? 18  LYS A CE  1 
ATOM   152  N NZ  . LYS A 1 18  ? 13.006  -2.647  -1.203  1.00 53.14 ? 18  LYS A NZ  1 
ATOM   153  N N   . TYR A 1 19  ? 5.795   -3.408  -3.005  1.00 25.54 ? 19  TYR A N   1 
ATOM   154  C CA  . TYR A 1 19  ? 4.468   -3.989  -3.093  1.00 25.19 ? 19  TYR A CA  1 
ATOM   155  C C   . TYR A 1 19  ? 4.002   -4.207  -4.529  1.00 24.72 ? 19  TYR A C   1 
ATOM   156  O O   . TYR A 1 19  ? 3.284   -5.161  -4.789  1.00 24.29 ? 19  TYR A O   1 
ATOM   157  C CB  . TYR A 1 19  ? 3.456   -3.113  -2.348  1.00 24.53 ? 19  TYR A CB  1 
ATOM   158  C CG  . TYR A 1 19  ? 3.656   -3.097  -0.860  1.00 24.54 ? 19  TYR A CG  1 
ATOM   159  C CD1 . TYR A 1 19  ? 3.049   -4.060  -0.038  1.00 21.73 ? 19  TYR A CD1 1 
ATOM   160  C CD2 . TYR A 1 19  ? 4.476   -2.138  -0.261  1.00 29.51 ? 19  TYR A CD2 1 
ATOM   161  C CE1 . TYR A 1 19  ? 3.256   -4.065  1.350   1.00 23.71 ? 19  TYR A CE1 1 
ATOM   162  C CE2 . TYR A 1 19  ? 4.690   -2.135  1.122   1.00 31.52 ? 19  TYR A CE2 1 
ATOM   163  C CZ  . TYR A 1 19  ? 4.075   -3.106  1.919   1.00 31.63 ? 19  TYR A CZ  1 
ATOM   164  O OH  . TYR A 1 19  ? 4.278   -3.112  3.278   1.00 29.32 ? 19  TYR A OH  1 
ATOM   165  N N   . ILE A 1 20  ? 4.392   -3.345  -5.465  1.00 24.49 ? 20  ILE A N   1 
ATOM   166  C CA  . ILE A 1 20  ? 3.935   -3.526  -6.827  1.00 22.56 ? 20  ILE A CA  1 
ATOM   167  C C   . ILE A 1 20  ? 5.039   -3.758  -7.849  1.00 24.42 ? 20  ILE A C   1 
ATOM   168  O O   . ILE A 1 20  ? 4.787   -3.796  -9.055  1.00 22.63 ? 20  ILE A O   1 
ATOM   169  C CB  . ILE A 1 20  ? 2.979   -2.369  -7.277  1.00 23.90 ? 20  ILE A CB  1 
ATOM   170  C CG1 . ILE A 1 20  ? 3.664   -1.002  -7.280  1.00 21.25 ? 20  ILE A CG1 1 
ATOM   171  C CG2 . ILE A 1 20  ? 1.818   -2.295  -6.355  1.00 24.12 ? 20  ILE A CG2 1 
ATOM   172  C CD1 . ILE A 1 20  ? 4.681   -0.876  -8.351  1.00 35.52 ? 20  ILE A CD1 1 
ATOM   173  N N   . GLY A 1 21  ? 6.258   -3.950  -7.368  1.00 25.62 ? 21  GLY A N   1 
ATOM   174  C CA  . GLY A 1 21  ? 7.355   -4.248  -8.270  1.00 28.75 ? 21  GLY A CA  1 
ATOM   175  C C   . GLY A 1 21  ? 7.561   -3.189  -9.317  1.00 29.76 ? 21  GLY A C   1 
ATOM   176  O O   . GLY A 1 21  ? 7.697   -2.016  -8.982  1.00 29.31 ? 21  GLY A O   1 
ATOM   177  N N   . GLU A 1 22  ? 7.566   -3.579  -10.585 1.00 30.78 ? 22  GLU A N   1 
ATOM   178  C CA  . GLU A 1 22  ? 7.773   -2.601  -11.649 1.00 34.07 ? 22  GLU A CA  1 
ATOM   179  C C   . GLU A 1 22  ? 6.465   -2.052  -12.191 1.00 33.34 ? 22  GLU A C   1 
ATOM   180  O O   . GLU A 1 22  ? 6.419   -1.533  -13.304 1.00 36.46 ? 22  GLU A O   1 
ATOM   181  C CB  . GLU A 1 22  ? 8.596   -3.229  -12.782 1.00 37.71 ? 22  GLU A CB  1 
ATOM   182  C CG  . GLU A 1 22  ? 7.779   -3.880  -13.897 1.00 41.52 ? 22  GLU A CG  1 
ATOM   183  C CD  . GLU A 1 22  ? 8.642   -4.731  -14.831 1.00 46.93 ? 22  GLU A CD  1 
ATOM   184  O OE1 . GLU A 1 22  ? 9.885   -4.522  -14.869 1.00 47.85 ? 22  GLU A OE1 1 
ATOM   185  O OE2 . GLU A 1 22  ? 8.075   -5.610  -15.528 1.00 42.03 ? 22  GLU A OE2 1 
ATOM   186  N N   . ASN A 1 23  ? 5.406   -2.129  -11.394 1.00 30.12 ? 23  ASN A N   1 
ATOM   187  C CA  . ASN A 1 23  ? 4.114   -1.673  -11.866 1.00 27.50 ? 23  ASN A CA  1 
ATOM   188  C C   . ASN A 1 23  ? 3.740   -0.261  -11.540 1.00 26.50 ? 23  ASN A C   1 
ATOM   189  O O   . ASN A 1 23  ? 2.644   0.156   -11.892 1.00 28.05 ? 23  ASN A O   1 
ATOM   190  C CB  . ASN A 1 23  ? 2.986   -2.592  -11.379 1.00 25.59 ? 23  ASN A CB  1 
ATOM   191  C CG  . ASN A 1 23  ? 3.057   -3.992  -11.983 1.00 30.27 ? 23  ASN A CG  1 
ATOM   192  O OD1 . ASN A 1 23  ? 3.626   -4.183  -13.051 1.00 27.88 ? 23  ASN A OD1 1 
ATOM   193  N ND2 . ASN A 1 23  ? 2.448   -4.968  -11.311 1.00 23.00 ? 23  ASN A ND2 1 
ATOM   194  N N   . LEU A 1 24  ? 4.616   0.495   -10.889 1.00 30.61 ? 24  LEU A N   1 
ATOM   195  C CA  . LEU A 1 24  ? 4.242   1.873   -10.568 1.00 30.11 ? 24  LEU A CA  1 
ATOM   196  C C   . LEU A 1 24  ? 3.911   2.634   -11.837 1.00 28.52 ? 24  LEU A C   1 
ATOM   197  O O   . LEU A 1 24  ? 3.053   3.520   -11.826 1.00 30.32 ? 24  LEU A O   1 
ATOM   198  C CB  . LEU A 1 24  ? 5.342   2.637   -9.812  1.00 32.57 ? 24  LEU A CB  1 
ATOM   199  C CG  . LEU A 1 24  ? 4.904   4.102   -9.526  1.00 33.00 ? 24  LEU A CG  1 
ATOM   200  C CD1 . LEU A 1 24  ? 3.527   4.143   -8.815  1.00 36.90 ? 24  LEU A CD1 1 
ATOM   201  C CD2 . LEU A 1 24  ? 5.948   4.826   -8.678  1.00 33.93 ? 24  LEU A CD2 1 
ATOM   202  N N   . GLN A 1 25  ? 4.582   2.281   -12.933 1.00 26.36 ? 25  GLN A N   1 
ATOM   203  C CA  . GLN A 1 25  ? 4.346   2.949   -14.215 1.00 24.40 ? 25  GLN A CA  1 
ATOM   204  C C   . GLN A 1 25  ? 2.877   2.868   -14.605 1.00 23.69 ? 25  GLN A C   1 
ATOM   205  O O   . GLN A 1 25  ? 2.355   3.746   -15.294 1.00 25.65 ? 25  GLN A O   1 
ATOM   206  C CB  . GLN A 1 25  ? 5.235   2.354   -15.328 1.00 22.22 ? 25  GLN A CB  1 
ATOM   207  C CG  . GLN A 1 25  ? 4.967   0.902   -15.696 1.00 20.82 ? 25  GLN A CG  1 
ATOM   208  C CD  . GLN A 1 25  ? 5.940   0.407   -16.738 1.00 23.52 ? 25  GLN A CD  1 
ATOM   209  O OE1 . GLN A 1 25  ? 5.799   0.703   -17.924 1.00 23.47 ? 25  GLN A OE1 1 
ATOM   210  N NE2 . GLN A 1 25  ? 6.957   -0.328  -16.298 1.00 27.60 ? 25  GLN A NE2 1 
ATOM   211  N N   . LEU A 1 26  ? 2.205   1.814   -14.151 1.00 24.11 ? 26  LEU A N   1 
ATOM   212  C CA  . LEU A 1 26  ? 0.784   1.638   -14.452 1.00 25.28 ? 26  LEU A CA  1 
ATOM   213  C C   . LEU A 1 26  ? -0.094  2.673   -13.739 1.00 25.62 ? 26  LEU A C   1 
ATOM   214  O O   . LEU A 1 26  ? -1.221  2.947   -14.156 1.00 28.35 ? 26  LEU A O   1 
ATOM   215  C CB  . LEU A 1 26  ? 0.344   0.212   -14.097 1.00 27.43 ? 26  LEU A CB  1 
ATOM   216  C CG  . LEU A 1 26  ? 0.726   -0.848  -15.140 1.00 26.15 ? 26  LEU A CG  1 
ATOM   217  C CD1 . LEU A 1 26  ? 0.938   -2.203  -14.490 1.00 31.70 ? 26  LEU A CD1 1 
ATOM   218  C CD2 . LEU A 1 26  ? -0.366  -0.912  -16.179 1.00 26.32 ? 26  LEU A CD2 1 
ATOM   219  N N   . LEU A 1 27  ? 0.433   3.257   -12.669 1.00 26.61 ? 27  LEU A N   1 
ATOM   220  C CA  . LEU A 1 27  ? -0.298  4.284   -11.939 1.00 28.74 ? 27  LEU A CA  1 
ATOM   221  C C   . LEU A 1 27  ? -0.054  5.663   -12.556 1.00 27.19 ? 27  LEU A C   1 
ATOM   222  O O   . LEU A 1 27  ? -0.894  6.564   -12.460 1.00 26.54 ? 27  LEU A O   1 
ATOM   223  C CB  . LEU A 1 27  ? 0.095   4.281   -10.458 1.00 30.42 ? 27  LEU A CB  1 
ATOM   224  C CG  . LEU A 1 27  ? -0.587  3.118   -9.726  1.00 34.76 ? 27  LEU A CG  1 
ATOM   225  C CD1 . LEU A 1 27  ? -0.345  3.212   -8.257  1.00 36.58 ? 27  LEU A CD1 1 
ATOM   226  C CD2 . LEU A 1 27  ? -2.084  3.153   -9.979  1.00 39.52 ? 27  LEU A CD2 1 
ATOM   227  N N   . VAL A 1 28  ? 1.088   5.809   -13.218 1.00 24.50 ? 28  VAL A N   1 
ATOM   228  C CA  . VAL A 1 28  ? 1.437   7.061   -13.868 1.00 23.41 ? 28  VAL A CA  1 
ATOM   229  C C   . VAL A 1 28  ? 0.834   7.202   -15.268 1.00 24.10 ? 28  VAL A C   1 
ATOM   230  O O   . VAL A 1 28  ? 0.267   8.255   -15.598 1.00 22.56 ? 28  VAL A O   1 
ATOM   231  C CB  . VAL A 1 28  ? 2.971   7.221   -13.946 1.00 24.72 ? 28  VAL A CB  1 
ATOM   232  C CG1 . VAL A 1 28  ? 3.330   8.452   -14.763 1.00 23.48 ? 28  VAL A CG1 1 
ATOM   233  C CG2 . VAL A 1 28  ? 3.552   7.333   -12.532 1.00 25.61 ? 28  VAL A CG2 1 
ATOM   234  N N   . ASP A 1 29  ? 0.934   6.146   -16.076 1.00 22.77 ? 29  ASP A N   1 
ATOM   235  C CA  . ASP A 1 29  ? 0.415   6.186   -17.436 1.00 24.53 ? 29  ASP A CA  1 
ATOM   236  C C   . ASP A 1 29  ? -1.000  5.624   -17.504 1.00 26.66 ? 29  ASP A C   1 
ATOM   237  O O   . ASP A 1 29  ? -1.225  4.523   -18.018 1.00 29.01 ? 29  ASP A O   1 
ATOM   238  C CB  . ASP A 1 29  ? 1.296   5.379   -18.388 1.00 26.02 ? 29  ASP A CB  1 
ATOM   239  C CG  . ASP A 1 29  ? 2.725   5.899   -18.463 1.00 27.16 ? 29  ASP A CG  1 
ATOM   240  O OD1 . ASP A 1 29  ? 2.950   7.137   -18.432 1.00 23.32 ? 29  ASP A OD1 1 
ATOM   241  O OD2 . ASP A 1 29  ? 3.634   5.049   -18.552 1.00 26.72 ? 29  ASP A OD2 1 
ATOM   242  N N   . ARG A 1 30  ? -1.962  6.391   -17.006 1.00 27.29 ? 30  ARG A N   1 
ATOM   243  C CA  . ARG A 1 30  ? -3.352  5.964   -17.011 1.00 27.54 ? 30  ARG A CA  1 
ATOM   244  C C   . ARG A 1 30  ? -3.993  6.219   -18.364 1.00 27.19 ? 30  ARG A C   1 
ATOM   245  O O   . ARG A 1 30  ? -3.454  6.956   -19.179 1.00 27.51 ? 30  ARG A O   1 
ATOM   246  C CB  . ARG A 1 30  ? -4.134  6.755   -15.959 1.00 27.29 ? 30  ARG A CB  1 
ATOM   247  C CG  . ARG A 1 30  ? -3.590  6.676   -14.550 1.00 27.48 ? 30  ARG A CG  1 
ATOM   248  C CD  . ARG A 1 30  ? -3.559  5.268   -14.017 1.00 33.82 ? 30  ARG A CD  1 
ATOM   249  N NE  . ARG A 1 30  ? -4.853  4.606   -14.085 1.00 34.27 ? 30  ARG A NE  1 
ATOM   250  C CZ  . ARG A 1 30  ? -5.048  3.332   -13.770 1.00 38.53 ? 30  ARG A CZ  1 
ATOM   251  N NH1 . ARG A 1 30  ? -4.030  2.574   -13.367 1.00 35.05 ? 30  ARG A NH1 1 
ATOM   252  N NH2 . ARG A 1 30  ? -6.268  2.828   -13.849 1.00 39.05 ? 30  ARG A NH2 1 
ATOM   253  N N   . PRO A 1 31  ? -5.158  5.601   -18.617 1.00 29.82 ? 31  PRO A N   1 
ATOM   254  C CA  . PRO A 1 31  ? -5.911  5.763   -19.866 1.00 30.88 ? 31  PRO A CA  1 
ATOM   255  C C   . PRO A 1 31  ? -6.362  7.228   -20.040 1.00 30.59 ? 31  PRO A C   1 
ATOM   256  O O   . PRO A 1 31  ? -6.388  7.758   -21.154 1.00 31.51 ? 31  PRO A O   1 
ATOM   257  C CB  . PRO A 1 31  ? -7.100  4.824   -19.664 1.00 32.52 ? 31  PRO A CB  1 
ATOM   258  C CG  . PRO A 1 31  ? -6.507  3.732   -18.878 1.00 32.10 ? 31  PRO A CG  1 
ATOM   259  C CD  . PRO A 1 31  ? -5.719  4.489   -17.830 1.00 30.31 ? 31  PRO A CD  1 
ATOM   260  N N   . ASP A 1 32  ? -6.699  7.872   -18.921 1.00 30.25 ? 32  ASP A N   1 
ATOM   261  C CA  . ASP A 1 32  ? -7.153  9.251   -18.949 1.00 30.19 ? 32  ASP A CA  1 
ATOM   262  C C   . ASP A 1 32  ? -6.027  10.289  -18.906 1.00 31.22 ? 32  ASP A C   1 
ATOM   263  O O   . ASP A 1 32  ? -6.300  11.487  -18.862 1.00 31.16 ? 32  ASP A O   1 
ATOM   264  C CB  . ASP A 1 32  ? -8.164  9.519   -17.820 1.00 30.99 ? 32  ASP A CB  1 
ATOM   265  C CG  . ASP A 1 32  ? -7.588  9.286   -16.417 1.00 29.49 ? 32  ASP A CG  1 
ATOM   266  O OD1 . ASP A 1 32  ? -7.014  8.203   -16.177 1.00 30.82 ? 32  ASP A OD1 1 
ATOM   267  O OD2 . ASP A 1 32  ? -7.734  10.161  -15.523 1.00 31.79 ? 32  ASP A OD2 1 
ATOM   268  N N   . GLY A 1 33  ? -4.768  9.853   -18.937 1.00 30.46 ? 33  GLY A N   1 
ATOM   269  C CA  . GLY A 1 33  ? -3.662  10.805  -18.937 1.00 29.19 ? 33  GLY A CA  1 
ATOM   270  C C   . GLY A 1 33  ? -2.572  10.474  -17.931 1.00 27.61 ? 33  GLY A C   1 
ATOM   271  O O   . GLY A 1 33  ? -2.698  9.514   -17.173 1.00 26.06 ? 33  GLY A O   1 
ATOM   272  N N   . THR A 1 34  ? -1.502  11.262  -17.916 1.00 24.00 ? 34  THR A N   1 
ATOM   273  C CA  . THR A 1 34  ? -0.407  11.076  -16.968 1.00 24.05 ? 34  THR A CA  1 
ATOM   274  C C   . THR A 1 34  ? -0.754  11.566  -15.546 1.00 24.54 ? 34  THR A C   1 
ATOM   275  O O   . THR A 1 34  ? -1.284  12.662  -15.361 1.00 24.01 ? 34  THR A O   1 
ATOM   276  C CB  . THR A 1 34  ? 0.852   11.861  -17.436 1.00 24.05 ? 34  THR A CB  1 
ATOM   277  O OG1 . THR A 1 34  ? 1.140   11.546  -18.801 1.00 25.25 ? 34  THR A OG1 1 
ATOM   278  C CG2 . THR A 1 34  ? 2.038   11.490  -16.610 1.00 26.03 ? 34  THR A CG2 1 
ATOM   279  N N   . TYR A 1 35  ? -0.450  10.757  -14.543 1.00 21.12 ? 35  TYR A N   1 
ATOM   280  C CA  . TYR A 1 35  ? -0.671  11.182  -13.171 1.00 21.87 ? 35  TYR A CA  1 
ATOM   281  C C   . TYR A 1 35  ? 0.699   11.489  -12.595 1.00 22.40 ? 35  TYR A C   1 
ATOM   282  O O   . TYR A 1 35  ? 1.708   11.057  -13.151 1.00 21.68 ? 35  TYR A O   1 
ATOM   283  C CB  . TYR A 1 35  ? -1.385  10.091  -12.373 1.00 21.74 ? 35  TYR A CB  1 
ATOM   284  C CG  . TYR A 1 35  ? -2.888  10.126  -12.559 1.00 23.16 ? 35  TYR A CG  1 
ATOM   285  C CD1 . TYR A 1 35  ? -3.462  9.922   -13.814 1.00 21.87 ? 35  TYR A CD1 1 
ATOM   286  C CD2 . TYR A 1 35  ? -3.734  10.395  -11.484 1.00 27.83 ? 35  TYR A CD2 1 
ATOM   287  C CE1 . TYR A 1 35  ? -4.827  9.993   -13.995 1.00 23.61 ? 35  TYR A CE1 1 
ATOM   288  C CE2 . TYR A 1 35  ? -5.101  10.465  -11.659 1.00 27.04 ? 35  TYR A CE2 1 
ATOM   289  C CZ  . TYR A 1 35  ? -5.637  10.262  -12.917 1.00 28.52 ? 35  TYR A CZ  1 
ATOM   290  O OH  . TYR A 1 35  ? -6.986  10.341  -13.106 1.00 28.88 ? 35  TYR A OH  1 
ATOM   291  N N   . CYS A 1 36  ? 0.745   12.253  -11.509 1.00 23.14 ? 36  CYS A N   1 
ATOM   292  C CA  . CYS A 1 36  ? 2.026   12.594  -10.907 1.00 21.64 ? 36  CYS A CA  1 
ATOM   293  C C   . CYS A 1 36  ? 1.949   12.600  -9.388  1.00 21.92 ? 36  CYS A C   1 
ATOM   294  O O   . CYS A 1 36  ? 0.881   12.394  -8.799  1.00 24.10 ? 36  CYS A O   1 
ATOM   295  C CB  . CYS A 1 36  ? 2.497   13.963  -11.417 1.00 23.28 ? 36  CYS A CB  1 
ATOM   296  S SG  . CYS A 1 36  ? 1.369   15.281  -10.959 1.00 27.67 ? 36  CYS A SG  1 
ATOM   297  N N   . PHE A 1 37  ? 3.099   12.826  -8.766  1.00 20.89 ? 37  PHE A N   1 
ATOM   298  C CA  . PHE A 1 37  ? 3.205   12.886  -7.323  1.00 22.76 ? 37  PHE A CA  1 
ATOM   299  C C   . PHE A 1 37  ? 3.680   14.282  -6.933  1.00 25.31 ? 37  PHE A C   1 
ATOM   300  O O   . PHE A 1 37  ? 4.551   14.870  -7.582  1.00 25.15 ? 37  PHE A O   1 
ATOM   301  C CB  . PHE A 1 37  ? 4.166   11.796  -6.823  1.00 24.35 ? 37  PHE A CB  1 
ATOM   302  C CG  . PHE A 1 37  ? 3.633   10.391  -7.020  1.00 23.10 ? 37  PHE A CG  1 
ATOM   303  C CD1 . PHE A 1 37  ? 2.661   9.878   -6.173  1.00 27.25 ? 37  PHE A CD1 1 
ATOM   304  C CD2 . PHE A 1 37  ? 4.056   9.604   -8.085  1.00 23.83 ? 37  PHE A CD2 1 
ATOM   305  C CE1 . PHE A 1 37  ? 2.105   8.620   -6.394  1.00 28.67 ? 37  PHE A CE1 1 
ATOM   306  C CE2 . PHE A 1 37  ? 3.497   8.339   -8.309  1.00 27.74 ? 37  PHE A CE2 1 
ATOM   307  C CZ  . PHE A 1 37  ? 2.531   7.851   -7.464  1.00 27.56 ? 37  PHE A CZ  1 
ATOM   308  N N   . ARG A 1 38  ? 3.074   14.814  -5.882  1.00 24.85 ? 38  ARG A N   1 
ATOM   309  C CA  . ARG A 1 38  ? 3.403   16.141  -5.397  1.00 24.83 ? 38  ARG A CA  1 
ATOM   310  C C   . ARG A 1 38  ? 3.475   16.075  -3.889  1.00 27.29 ? 38  ARG A C   1 
ATOM   311  O O   . ARG A 1 38  ? 2.736   15.317  -3.263  1.00 26.54 ? 38  ARG A O   1 
ATOM   312  C CB  . ARG A 1 38  ? 2.327   17.146  -5.828  1.00 26.38 ? 38  ARG A CB  1 
ATOM   313  C CG  . ARG A 1 38  ? 2.330   17.468  -7.297  1.00 26.50 ? 38  ARG A CG  1 
ATOM   314  C CD  . ARG A 1 38  ? 3.512   18.345  -7.632  1.00 27.95 ? 38  ARG A CD  1 
ATOM   315  N NE  . ARG A 1 38  ? 3.545   18.671  -9.051  1.00 28.10 ? 38  ARG A NE  1 
ATOM   316  C CZ  . ARG A 1 38  ? 3.988   17.858  -10.005 1.00 29.68 ? 38  ARG A CZ  1 
ATOM   317  N NH1 . ARG A 1 38  ? 4.454   16.648  -9.712  1.00 25.04 ? 38  ARG A NH1 1 
ATOM   318  N NH2 . ARG A 1 38  ? 3.961   18.262  -11.262 1.00 31.54 ? 38  ARG A NH2 1 
ATOM   319  N N   . LEU A 1 39  ? 4.357   16.878  -3.308  1.00 28.56 ? 39  LEU A N   1 
ATOM   320  C CA  . LEU A 1 39  ? 4.531   16.885  -1.863  1.00 31.10 ? 39  LEU A CA  1 
ATOM   321  C C   . LEU A 1 39  ? 3.920   18.130  -1.230  1.00 32.67 ? 39  LEU A C   1 
ATOM   322  O O   . LEU A 1 39  ? 4.060   19.232  -1.760  1.00 28.77 ? 39  LEU A O   1 
ATOM   323  C CB  . LEU A 1 39  ? 6.017   16.813  -1.534  1.00 32.50 ? 39  LEU A CB  1 
ATOM   324  C CG  . LEU A 1 39  ? 6.411   16.548  -0.080  1.00 38.35 ? 39  LEU A CG  1 
ATOM   325  C CD1 . LEU A 1 39  ? 7.769   15.872  -0.058  1.00 43.72 ? 39  LEU A CD1 1 
ATOM   326  C CD2 . LEU A 1 39  ? 6.435   17.840  0.718   1.00 39.60 ? 39  LEU A CD2 1 
ATOM   327  N N   . HIS A 1 40  ? 3.244   17.938  -0.096  1.00 34.06 ? 40  HIS A N   1 
ATOM   328  C CA  . HIS A 1 40  ? 2.586   19.016  0.652   1.00 38.46 ? 40  HIS A CA  1 
ATOM   329  C C   . HIS A 1 40  ? 2.575   18.558  2.109   1.00 41.06 ? 40  HIS A C   1 
ATOM   330  O O   . HIS A 1 40  ? 1.959   17.544  2.455   1.00 39.02 ? 40  HIS A O   1 
ATOM   331  C CB  . HIS A 1 40  ? 1.153   19.228  0.137   1.00 39.04 ? 40  HIS A CB  1 
ATOM   332  C CG  . HIS A 1 40  ? 0.562   20.567  0.474   1.00 46.43 ? 40  HIS A CG  1 
ATOM   333  N ND1 . HIS A 1 40  ? 0.175   20.922  1.753   1.00 52.10 ? 40  HIS A ND1 1 
ATOM   334  C CD2 . HIS A 1 40  ? 0.247   21.625  -0.311  1.00 48.15 ? 40  HIS A CD2 1 
ATOM   335  C CE1 . HIS A 1 40  ? -0.352  22.129  1.737   1.00 51.32 ? 40  HIS A CE1 1 
ATOM   336  N NE2 . HIS A 1 40  ? -0.322  22.581  0.493   1.00 51.30 ? 40  HIS A NE2 1 
ATOM   337  N N   . ASN A 1 41  ? 3.297   19.297  2.944   1.00 43.89 ? 41  ASN A N   1 
ATOM   338  C CA  . ASN A 1 41  ? 3.410   18.977  4.357   1.00 45.83 ? 41  ASN A CA  1 
ATOM   339  C C   . ASN A 1 41  ? 3.977   17.579  4.599   1.00 46.84 ? 41  ASN A C   1 
ATOM   340  O O   . ASN A 1 41  ? 3.412   16.852  5.405   1.00 48.74 ? 41  ASN A O   1 
ATOM   341  C CB  . ASN A 1 41  ? 2.024   19.103  5.021   1.00 47.38 ? 41  ASN A CB  1 
ATOM   342  C CG  . ASN A 1 41  ? 1.474   20.519  4.977   1.00 52.86 ? 41  ASN A CG  1 
ATOM   343  O OD1 . ASN A 1 41  ? 2.228   21.489  4.867   1.00 56.90 ? 41  ASN A OD1 1 
ATOM   344  N ND2 . ASN A 1 41  ? 0.154   20.645  5.096   1.00 58.55 ? 41  ASN A ND2 1 
ATOM   345  N N   . ASP A 1 42  ? 5.068   17.212  3.929   1.00 46.45 ? 42  ASP A N   1 
ATOM   346  C CA  . ASP A 1 42  ? 5.654   15.914  4.100   1.00 46.89 ? 42  ASP A CA  1 
ATOM   347  C C   . ASP A 1 42  ? 4.773   14.762  3.608   1.00 44.79 ? 42  ASP A C   1 
ATOM   348  O O   . ASP A 1 42  ? 5.242   13.636  3.590   1.00 44.18 ? 42  ASP A O   1 
ATOM   349  C CB  . ASP A 1 42  ? 6.064   15.662  5.564   1.00 49.09 ? 42  ASP A CB  1 
ATOM   350  C CG  . ASP A 1 42  ? 6.918   16.773  6.144   1.00 53.91 ? 42  ASP A CG  1 
ATOM   351  O OD1 . ASP A 1 42  ? 7.803   17.273  5.448   1.00 56.82 ? 42  ASP A OD1 1 
ATOM   352  O OD2 . ASP A 1 42  ? 6.713   17.102  7.343   1.00 57.69 ? 42  ASP A OD2 1 
ATOM   353  N N   . ARG A 1 43  ? 3.545   15.059  3.171   1.00 41.25 ? 43  ARG A N   1 
ATOM   354  C CA  . ARG A 1 43  ? 2.640   14.063  2.651   1.00 37.99 ? 43  ARG A CA  1 
ATOM   355  C C   . ARG A 1 43  ? 2.680   14.063  1.158   1.00 34.32 ? 43  ARG A C   1 
ATOM   356  O O   . ARG A 1 43  ? 2.755   15.152  0.564   1.00 32.13 ? 43  ARG A O   1 
ATOM   357  C CB  . ARG A 1 43  ? 1.213   14.320  3.165   1.00 37.20 ? 43  ARG A CB  1 
ATOM   358  C CG  . ARG A 1 43  ? 1.110   14.347  4.630   1.00 44.48 ? 43  ARG A CG  1 
ATOM   359  C CD  . ARG A 1 43  ? -0.300  14.221  5.110   1.00 49.77 ? 43  ARG A CD  1 
ATOM   360  N NE  . ARG A 1 43  ? -0.361  13.608  6.429   1.00 55.91 ? 43  ARG A NE  1 
ATOM   361  C CZ  . ARG A 1 43  ? -1.245  12.681  6.790   1.00 60.04 ? 43  ARG A CZ  1 
ATOM   362  N NH1 . ARG A 1 43  ? -2.182  12.230  5.949   1.00 60.51 ? 43  ARG A NH1 1 
ATOM   363  N NH2 . ARG A 1 43  ? -1.152  12.171  8.007   1.00 59.80 ? 43  ARG A NH2 1 
ATOM   364  N N   . VAL A 1 44  ? 2.699   12.862  0.562   1.00 30.91 ? 44  VAL A N   1 
ATOM   365  C CA  . VAL A 1 44  ? 2.746   12.767  -0.905  1.00 29.15 ? 44  VAL A CA  1 
ATOM   366  C C   . VAL A 1 44  ? 1.400   12.454  -1.479  1.00 29.07 ? 44  VAL A C   1 
ATOM   367  O O   . VAL A 1 44  ? 0.689   11.633  -0.956  1.00 27.47 ? 44  VAL A O   1 
ATOM   368  C CB  . VAL A 1 44  ? 3.709   11.690  -1.349  1.00 28.87 ? 44  VAL A CB  1 
ATOM   369  C CG1 . VAL A 1 44  ? 3.761   11.531  -2.860  1.00 29.73 ? 44  VAL A CG1 1 
ATOM   370  C CG2 . VAL A 1 44  ? 5.158   12.011  -0.849  1.00 31.21 ? 44  VAL A CG2 1 
ATOM   371  N N   . TYR A 1 45  ? 0.997   13.237  -2.485  1.00 25.58 ? 45  TYR A N   1 
ATOM   372  C CA  . TYR A 1 45  ? -0.325  13.091  -3.139  1.00 26.57 ? 45  TYR A CA  1 
ATOM   373  C C   . TYR A 1 45  ? -0.221  12.627  -4.590  1.00 24.32 ? 45  TYR A C   1 
ATOM   374  O O   . TYR A 1 45  ? 0.667   13.047  -5.345  1.00 24.61 ? 45  TYR A O   1 
ATOM   375  C CB  . TYR A 1 45  ? -1.140  14.408  -3.090  1.00 26.43 ? 45  TYR A CB  1 
ATOM   376  C CG  . TYR A 1 45  ? -1.442  14.787  -1.679  1.00 29.04 ? 45  TYR A CG  1 
ATOM   377  C CD1 . TYR A 1 45  ? -2.630  14.398  -1.065  1.00 31.99 ? 45  TYR A CD1 1 
ATOM   378  C CD2 . TYR A 1 45  ? -0.513  15.506  -0.931  1.00 29.25 ? 45  TYR A CD2 1 
ATOM   379  C CE1 . TYR A 1 45  ? -2.880  14.716  0.269   1.00 29.21 ? 45  TYR A CE1 1 
ATOM   380  C CE2 . TYR A 1 45  ? -0.752  15.812  0.398   1.00 32.35 ? 45  TYR A CE2 1 
ATOM   381  C CZ  . TYR A 1 45  ? -1.939  15.423  0.987   1.00 32.04 ? 45  TYR A CZ  1 
ATOM   382  O OH  . TYR A 1 45  ? -2.172  15.736  2.305   1.00 33.90 ? 45  TYR A OH  1 
ATOM   383  N N   . TYR A 1 46  ? -1.111  11.706  -4.939  1.00 21.14 ? 46  TYR A N   1 
ATOM   384  C CA  . TYR A 1 46  ? -1.210  11.145  -6.275  1.00 21.65 ? 46  TYR A CA  1 
ATOM   385  C C   . TYR A 1 46  ? -2.303  11.991  -6.922  1.00 23.32 ? 46  TYR A C   1 
ATOM   386  O O   . TYR A 1 46  ? -3.429  12.025  -6.439  1.00 24.31 ? 46  TYR A O   1 
ATOM   387  C CB  . TYR A 1 46  ? -1.619  9.668   -6.147  1.00 23.16 ? 46  TYR A CB  1 
ATOM   388  C CG  . TYR A 1 46  ? -1.921  8.943   -7.435  1.00 23.26 ? 46  TYR A CG  1 
ATOM   389  C CD1 . TYR A 1 46  ? -0.930  8.720   -8.398  1.00 23.54 ? 46  TYR A CD1 1 
ATOM   390  C CD2 . TYR A 1 46  ? -3.198  8.422   -7.664  1.00 24.72 ? 46  TYR A CD2 1 
ATOM   391  C CE1 . TYR A 1 46  ? -1.214  7.995   -9.545  1.00 22.72 ? 46  TYR A CE1 1 
ATOM   392  C CE2 . TYR A 1 46  ? -3.487  7.713   -8.810  1.00 26.16 ? 46  TYR A CE2 1 
ATOM   393  C CZ  . TYR A 1 46  ? -2.495  7.498   -9.738  1.00 26.50 ? 46  TYR A CZ  1 
ATOM   394  O OH  . TYR A 1 46  ? -2.825  6.800   -10.867 1.00 28.22 ? 46  TYR A OH  1 
ATOM   395  N N   . VAL A 1 47  ? -1.977  12.685  -8.004  1.00 21.91 ? 47  VAL A N   1 
ATOM   396  C CA  . VAL A 1 47  ? -2.948  13.543  -8.651  1.00 21.87 ? 47  VAL A CA  1 
ATOM   397  C C   . VAL A 1 47  ? -2.682  13.570  -10.141 1.00 23.02 ? 47  VAL A C   1 
ATOM   398  O O   . VAL A 1 47  ? -1.559  13.346  -10.574 1.00 23.53 ? 47  VAL A O   1 
ATOM   399  C CB  . VAL A 1 47  ? -2.848  14.967  -8.073  1.00 22.75 ? 47  VAL A CB  1 
ATOM   400  C CG1 . VAL A 1 47  ? -1.535  15.608  -8.487  1.00 26.73 ? 47  VAL A CG1 1 
ATOM   401  C CG2 . VAL A 1 47  ? -4.034  15.781  -8.505  1.00 26.95 ? 47  VAL A CG2 1 
ATOM   402  N N   . SER A 1 48  ? -3.715  13.826  -10.932 1.00 25.66 ? 48  SER A N   1 
ATOM   403  C CA  . SER A 1 48  ? -3.546  13.891  -12.375 1.00 27.82 ? 48  SER A CA  1 
ATOM   404  C C   . SER A 1 48  ? -2.736  15.139  -12.726 1.00 28.72 ? 48  SER A C   1 
ATOM   405  O O   . SER A 1 48  ? -2.880  16.183  -12.089 1.00 27.71 ? 48  SER A O   1 
ATOM   406  C CB  . SER A 1 48  ? -4.907  13.946  -13.079 1.00 30.18 ? 48  SER A CB  1 
ATOM   407  O OG  . SER A 1 48  ? -5.516  15.209  -12.939 1.00 32.68 ? 48  SER A OG  1 
ATOM   408  N N   . GLU A 1 49  ? -1.859  15.027  -13.723 1.00 27.52 ? 49  GLU A N   1 
ATOM   409  C CA  . GLU A 1 49  ? -1.081  16.185  -14.168 1.00 29.86 ? 49  GLU A CA  1 
ATOM   410  C C   . GLU A 1 49  ? -1.987  17.317  -14.651 1.00 31.09 ? 49  GLU A C   1 
ATOM   411  O O   . GLU A 1 49  ? -1.652  18.493  -14.510 1.00 32.85 ? 49  GLU A O   1 
ATOM   412  C CB  . GLU A 1 49  ? -0.144  15.825  -15.318 1.00 29.26 ? 49  GLU A CB  1 
ATOM   413  C CG  . GLU A 1 49  ? 1.159   15.201  -14.869 1.00 35.44 ? 49  GLU A CG  1 
ATOM   414  C CD  . GLU A 1 49  ? 2.227   15.287  -15.952 1.00 38.89 ? 49  GLU A CD  1 
ATOM   415  O OE1 . GLU A 1 49  ? 1.857   15.552  -17.123 1.00 33.17 ? 49  GLU A OE1 1 
ATOM   416  O OE2 . GLU A 1 49  ? 3.424   15.082  -15.635 1.00 39.33 ? 49  GLU A OE2 1 
ATOM   417  N N   . LYS A 1 50  ? -3.113  16.965  -15.263 1.00 32.25 ? 50  LYS A N   1 
ATOM   418  C CA  . LYS A 1 50  ? -4.032  17.978  -15.755 1.00 36.68 ? 50  LYS A CA  1 
ATOM   419  C C   . LYS A 1 50  ? -4.468  18.882  -14.611 1.00 37.70 ? 50  LYS A C   1 
ATOM   420  O O   . LYS A 1 50  ? -4.509  20.103  -14.753 1.00 39.08 ? 50  LYS A O   1 
ATOM   421  C CB  . LYS A 1 50  ? -5.253  17.325  -16.387 1.00 36.09 ? 50  LYS A CB  1 
ATOM   422  C CG  . LYS A 1 50  ? -5.049  16.934  -17.840 1.00 42.10 ? 50  LYS A CG  1 
ATOM   423  C CD  . LYS A 1 50  ? -6.318  16.346  -18.405 1.00 45.82 ? 50  LYS A CD  1 
ATOM   424  C CE  . LYS A 1 50  ? -6.702  15.113  -17.608 1.00 48.76 ? 50  LYS A CE  1 
ATOM   425  N NZ  . LYS A 1 50  ? -5.670  14.030  -17.725 1.00 49.70 ? 50  LYS A NZ  1 
ATOM   426  N N   . ILE A 1 51  ? -4.779  18.278  -13.470 1.00 38.23 ? 51  ILE A N   1 
ATOM   427  C CA  . ILE A 1 51  ? -5.200  19.035  -12.310 1.00 38.55 ? 51  ILE A CA  1 
ATOM   428  C C   . ILE A 1 51  ? -4.079  19.975  -11.818 1.00 40.64 ? 51  ILE A C   1 
ATOM   429  O O   . ILE A 1 51  ? -4.345  21.098  -11.377 1.00 42.80 ? 51  ILE A O   1 
ATOM   430  C CB  . ILE A 1 51  ? -5.653  18.078  -11.164 1.00 38.77 ? 51  ILE A CB  1 
ATOM   431  C CG1 . ILE A 1 51  ? -6.976  17.406  -11.529 1.00 37.86 ? 51  ILE A CG1 1 
ATOM   432  C CG2 . ILE A 1 51  ? -5.783  18.868  -9.869  1.00 40.04 ? 51  ILE A CG2 1 
ATOM   433  C CD1 . ILE A 1 51  ? -8.078  18.388  -11.685 1.00 35.94 ? 51  ILE A CD1 1 
ATOM   434  N N   . MET A 1 52  ? -2.830  19.525  -11.905 1.00 39.09 ? 52  MET A N   1 
ATOM   435  C CA  . MET A 1 52  ? -1.708  20.330  -11.439 1.00 41.47 ? 52  MET A CA  1 
ATOM   436  C C   . MET A 1 52  ? -1.372  21.516  -12.329 1.00 44.51 ? 52  MET A C   1 
ATOM   437  O O   . MET A 1 52  ? -0.895  22.532  -11.833 1.00 45.53 ? 52  MET A O   1 
ATOM   438  C CB  . MET A 1 52  ? -0.442  19.473  -11.259 1.00 40.60 ? 52  MET A CB  1 
ATOM   439  C CG  . MET A 1 52  ? -0.399  18.601  -10.068 1.00 36.83 ? 52  MET A CG  1 
ATOM   440  S SD  . MET A 1 52  ? -0.884  19.471  -8.623  1.00 43.25 ? 52  MET A SD  1 
ATOM   441  C CE  . MET A 1 52  ? 0.410   20.617  -8.403  1.00 39.38 ? 52  MET A CE  1 
ATOM   442  N N   . LYS A 1 53  ? -1.613  21.388  -13.633 1.00 47.92 ? 53  LYS A N   1 
ATOM   443  C CA  . LYS A 1 53  ? -1.311  22.464  -14.575 1.00 51.09 ? 53  LYS A CA  1 
ATOM   444  C C   . LYS A 1 53  ? -2.156  23.700  -14.228 1.00 51.78 ? 53  LYS A C   1 
ATOM   445  O O   . LYS A 1 53  ? -1.807  24.834  -14.589 1.00 52.89 ? 53  LYS A O   1 
ATOM   446  C CB  . LYS A 1 53  ? -1.580  22.006  -16.023 1.00 51.52 ? 53  LYS A CB  1 
ATOM   447  C CG  . LYS A 1 53  ? -0.309  21.680  -16.838 1.00 55.53 ? 53  LYS A CG  1 
ATOM   448  C CD  . LYS A 1 53  ? -0.303  20.246  -17.371 1.00 57.39 ? 53  LYS A CD  1 
ATOM   449  C CE  . LYS A 1 53  ? 0.987   19.934  -18.141 1.00 58.55 ? 53  LYS A CE  1 
ATOM   450  N NZ  . LYS A 1 53  ? 2.223   20.002  -17.298 1.00 57.24 ? 53  LYS A NZ  1 
ATOM   451  N N   . LEU A 1 54  ? -3.236  23.474  -13.478 1.00 52.52 ? 54  LEU A N   1 
ATOM   452  C CA  . LEU A 1 54  ? -4.156  24.532  -13.073 1.00 53.40 ? 54  LEU A CA  1 
ATOM   453  C C   . LEU A 1 54  ? -3.925  24.946  -11.630 1.00 53.73 ? 54  LEU A C   1 
ATOM   454  O O   . LEU A 1 54  ? -4.828  25.452  -10.958 1.00 55.84 ? 54  LEU A O   1 
ATOM   455  C CB  . LEU A 1 54  ? -5.579  24.033  -13.244 1.00 53.58 ? 54  LEU A CB  1 
ATOM   456  C CG  . LEU A 1 54  ? -5.983  23.827  -14.713 1.00 56.19 ? 54  LEU A CG  1 
ATOM   457  C CD1 . LEU A 1 54  ? -4.876  23.152  -15.523 1.00 58.87 ? 54  LEU A CD1 1 
ATOM   458  C CD2 . LEU A 1 54  ? -7.249  22.994  -14.770 1.00 56.48 ? 54  LEU A CD2 1 
ATOM   459  N N   . ALA A 1 55  ? -2.703  24.725  -11.164 1.00 53.39 ? 55  ALA A N   1 
ATOM   460  C CA  . ALA A 1 55  ? -2.318  25.067  -9.809  1.00 54.21 ? 55  ALA A CA  1 
ATOM   461  C C   . ALA A 1 55  ? -2.384  26.568  -9.585  1.00 54.98 ? 55  ALA A C   1 
ATOM   462  O O   . ALA A 1 55  ? -2.371  27.027  -8.446  1.00 55.90 ? 55  ALA A O   1 
ATOM   463  C CB  . ALA A 1 55  ? -0.918  24.578  -9.552  1.00 53.69 ? 55  ALA A CB  1 
ATOM   464  N N   . ALA A 1 56  ? -2.446  27.327  -10.673 1.00 56.36 ? 56  ALA A N   1 
ATOM   465  C CA  . ALA A 1 56  ? -2.494  28.776  -10.585 1.00 57.65 ? 56  ALA A CA  1 
ATOM   466  C C   . ALA A 1 56  ? -3.774  29.294  -9.953  1.00 58.72 ? 56  ALA A C   1 
ATOM   467  O O   . ALA A 1 56  ? -3.735  30.207  -9.133  1.00 59.64 ? 56  ALA A O   1 
ATOM   468  C CB  . ALA A 1 56  ? -2.325  29.387  -11.963 1.00 58.04 ? 56  ALA A CB  1 
ATOM   469  N N   . ASN A 1 57  ? -4.913  28.718  -10.312 1.00 59.66 ? 57  ASN A N   1 
ATOM   470  C CA  . ASN A 1 57  ? -6.169  29.209  -9.766  1.00 59.99 ? 57  ASN A CA  1 
ATOM   471  C C   . ASN A 1 57  ? -6.734  28.434  -8.630  1.00 59.16 ? 57  ASN A C   1 
ATOM   472  O O   . ASN A 1 57  ? -7.853  28.687  -8.191  1.00 59.23 ? 57  ASN A O   1 
ATOM   473  C CB  . ASN A 1 57  ? -7.198  29.302  -10.863 1.00 61.06 ? 57  ASN A CB  1 
ATOM   474  C CG  . ASN A 1 57  ? -6.909  30.435  -11.786 1.00 63.18 ? 57  ASN A CG  1 
ATOM   475  O OD1 . ASN A 1 57  ? -7.235  31.584  -11.485 1.00 65.92 ? 57  ASN A OD1 1 
ATOM   476  N ND2 . ASN A 1 57  ? -6.255  30.137  -12.904 1.00 63.61 ? 57  ASN A ND2 1 
ATOM   477  N N   . ILE A 1 58  ? -5.961  27.483  -8.148  1.00 57.63 ? 58  ILE A N   1 
ATOM   478  C CA  . ILE A 1 58  ? -6.425  26.694  -7.043  1.00 57.31 ? 58  ILE A CA  1 
ATOM   479  C C   . ILE A 1 58  ? -5.340  26.645  -5.988  1.00 55.82 ? 58  ILE A C   1 
ATOM   480  O O   . ILE A 1 58  ? -4.159  26.499  -6.306  1.00 56.03 ? 58  ILE A O   1 
ATOM   481  C CB  . ILE A 1 58  ? -6.818  25.264  -7.502  1.00 56.92 ? 58  ILE A CB  1 
ATOM   482  C CG1 . ILE A 1 58  ? -8.089  25.334  -8.353  1.00 58.54 ? 58  ILE A CG1 1 
ATOM   483  C CG2 . ILE A 1 58  ? -7.073  24.364  -6.308  1.00 56.97 ? 58  ILE A CG2 1 
ATOM   484  C CD1 . ILE A 1 58  ? -7.861  25.853  -9.765  1.00 36.58 ? 58  ILE A CD1 1 
ATOM   485  N N   . SER A 1 59  ? -5.762  26.796  -4.735  1.00 54.76 ? 59  SER A N   1 
ATOM   486  C CA  . SER A 1 59  ? -4.863  26.753  -3.585  1.00 53.87 ? 59  SER A CA  1 
ATOM   487  C C   . SER A 1 59  ? -4.302  25.352  -3.430  1.00 53.27 ? 59  SER A C   1 
ATOM   488  O O   . SER A 1 59  ? -4.888  24.388  -3.921  1.00 50.89 ? 59  SER A O   1 
ATOM   489  C CB  . SER A 1 59  ? -5.604  27.129  -2.292  1.00 53.88 ? 59  SER A CB  1 
ATOM   490  O OG  . SER A 1 59  ? -6.508  26.113  -1.883  1.00 52.51 ? 59  SER A OG  1 
ATOM   491  N N   . GLY A 1 60  ? -3.174  25.252  -2.735  1.00 52.89 ? 60  GLY A N   1 
ATOM   492  C CA  . GLY A 1 60  ? -2.541  23.967  -2.503  1.00 52.85 ? 60  GLY A CA  1 
ATOM   493  C C   . GLY A 1 60  ? -3.383  23.042  -1.652  1.00 53.13 ? 60  GLY A C   1 
ATOM   494  O O   . GLY A 1 60  ? -3.392  21.832  -1.848  1.00 51.58 ? 60  GLY A O   1 
ATOM   495  N N   . ASP A 1 61  ? -4.117  23.610  -0.710  1.00 53.96 ? 61  ASP A N   1 
ATOM   496  C CA  . ASP A 1 61  ? -4.937  22.789  0.159   1.00 53.92 ? 61  ASP A CA  1 
ATOM   497  C C   . ASP A 1 61  ? -6.169  22.259  -0.552  1.00 52.27 ? 61  ASP A C   1 
ATOM   498  O O   . ASP A 1 61  ? -6.705  21.215  -0.175  1.00 52.66 ? 61  ASP A O   1 
ATOM   499  C CB  . ASP A 1 61  ? -5.260  23.574  1.410   1.00 55.54 ? 61  ASP A CB  1 
ATOM   500  C CG  . ASP A 1 61  ? -3.995  23.929  2.180   1.00 58.85 ? 61  ASP A CG  1 
ATOM   501  O OD1 . ASP A 1 61  ? -3.525  23.087  2.978   1.00 63.04 ? 61  ASP A OD1 1 
ATOM   502  O OD2 . ASP A 1 61  ? -3.431  25.028  1.961   1.00 64.37 ? 61  ASP A OD2 1 
ATOM   503  N N   . LYS A 1 62  ? -6.607  22.963  -1.593  1.00 50.36 ? 62  LYS A N   1 
ATOM   504  C CA  . LYS A 1 62  ? -7.717  22.474  -2.411  1.00 49.79 ? 62  LYS A CA  1 
ATOM   505  C C   . LYS A 1 62  ? -7.142  21.421  -3.357  1.00 48.44 ? 62  LYS A C   1 
ATOM   506  O O   . LYS A 1 62  ? -7.769  20.402  -3.632  1.00 45.91 ? 62  LYS A O   1 
ATOM   507  C CB  . LYS A 1 62  ? -8.370  23.607  -3.205  1.00 50.86 ? 62  LYS A CB  1 
ATOM   508  C CG  . LYS A 1 62  ? -9.622  24.165  -2.512  1.00 55.09 ? 62  LYS A CG  1 
ATOM   509  C CD  . LYS A 1 62  ? -9.696  25.700  -2.555  1.00 56.88 ? 62  LYS A CD  1 
ATOM   510  C CE  . LYS A 1 62  ? -10.760 26.280  -1.596  1.00 57.74 ? 62  LYS A CE  1 
ATOM   511  N NZ  . LYS A 1 62  ? -10.237 26.558  -0.215  1.00 57.48 ? 62  LYS A NZ  1 
ATOM   512  N N   . LEU A 1 63  ? -5.939  21.674  -3.852  1.00 47.85 ? 63  LEU A N   1 
ATOM   513  C CA  . LEU A 1 63  ? -5.273  20.706  -4.706  1.00 49.88 ? 63  LEU A CA  1 
ATOM   514  C C   . LEU A 1 63  ? -5.106  19.437  -3.869  1.00 50.11 ? 63  LEU A C   1 
ATOM   515  O O   . LEU A 1 63  ? -5.305  18.342  -4.371  1.00 52.89 ? 63  LEU A O   1 
ATOM   516  C CB  . LEU A 1 63  ? -3.910  21.228  -5.144  1.00 50.07 ? 63  LEU A CB  1 
ATOM   517  C CG  . LEU A 1 63  ? -3.942  22.364  -6.163  1.00 52.11 ? 63  LEU A CG  1 
ATOM   518  C CD1 . LEU A 1 63  ? -2.571  23.027  -6.242  1.00 54.65 ? 63  LEU A CD1 1 
ATOM   519  C CD2 . LEU A 1 63  ? -4.359  21.806  -7.513  1.00 53.69 ? 63  LEU A CD2 1 
ATOM   520  N N   . VAL A 1 64  ? -4.756  19.600  -2.590  1.00 50.82 ? 64  VAL A N   1 
ATOM   521  C CA  . VAL A 1 64  ? -4.595  18.483  -1.649  1.00 51.30 ? 64  VAL A CA  1 
ATOM   522  C C   . VAL A 1 64  ? -5.814  17.571  -1.725  1.00 49.06 ? 64  VAL A C   1 
ATOM   523  O O   . VAL A 1 64  ? -5.699  16.365  -1.947  1.00 49.49 ? 64  VAL A O   1 
ATOM   524  C CB  . VAL A 1 64  ? -4.456  18.996  -0.177  1.00 52.23 ? 64  VAL A CB  1 
ATOM   525  C CG1 . VAL A 1 64  ? -5.104  18.023  0.802   1.00 56.91 ? 64  VAL A CG1 1 
ATOM   526  C CG2 . VAL A 1 64  ? -2.996  19.168  0.171   1.00 53.63 ? 64  VAL A CG2 1 
ATOM   527  N N   . SER A 1 65  ? -6.983  18.176  -1.558  1.00 46.58 ? 65  SER A N   1 
ATOM   528  C CA  . SER A 1 65  ? -8.238  17.456  -1.576  1.00 42.59 ? 65  SER A CA  1 
ATOM   529  C C   . SER A 1 65  ? -8.544  16.763  -2.905  1.00 39.41 ? 65  SER A C   1 
ATOM   530  O O   . SER A 1 65  ? -9.331  15.815  -2.928  1.00 38.08 ? 65  SER A O   1 
ATOM   531  C CB  . SER A 1 65  ? -9.373  18.415  -1.251  1.00 42.60 ? 65  SER A CB  1 
ATOM   532  O OG  . SER A 1 65  ? -9.620  19.244  -2.371  1.00 43.33 ? 65  SER A OG  1 
ATOM   533  N N   . LEU A 1 66  ? -7.956  17.229  -4.008  1.00 36.98 ? 66  LEU A N   1 
ATOM   534  C CA  . LEU A 1 66  ? -8.231  16.609  -5.310  1.00 33.78 ? 66  LEU A CA  1 
ATOM   535  C C   . LEU A 1 66  ? -7.425  15.358  -5.602  1.00 34.33 ? 66  LEU A C   1 
ATOM   536  O O   . LEU A 1 66  ? -7.759  14.579  -6.490  1.00 35.05 ? 66  LEU A O   1 
ATOM   537  C CB  . LEU A 1 66  ? -8.011  17.605  -6.447  1.00 34.27 ? 66  LEU A CB  1 
ATOM   538  C CG  . LEU A 1 66  ? -8.984  18.784  -6.495  1.00 32.81 ? 66  LEU A CG  1 
ATOM   539  C CD1 . LEU A 1 66  ? -8.729  19.624  -7.712  1.00 38.35 ? 66  LEU A CD1 1 
ATOM   540  C CD2 . LEU A 1 66  ? -10.405 18.273  -6.518  1.00 32.32 ? 66  LEU A CD2 1 
ATOM   541  N N   . GLY A 1 67  ? -6.340  15.188  -4.866  1.00 34.91 ? 67  GLY A N   1 
ATOM   542  C CA  . GLY A 1 67  ? -5.503  14.025  -5.055  1.00 35.77 ? 67  GLY A CA  1 
ATOM   543  C C   . GLY A 1 67  ? -5.701  13.044  -3.917  1.00 33.70 ? 67  GLY A C   1 
ATOM   544  O O   . GLY A 1 67  ? -6.547  13.240  -3.045  1.00 34.65 ? 67  GLY A O   1 
ATOM   545  N N   . THR A 1 68  ? -4.903  11.985  -3.919  1.00 29.66 ? 68  THR A N   1 
ATOM   546  C CA  . THR A 1 68  ? -4.974  10.959  -2.891  1.00 29.43 ? 68  THR A CA  1 
ATOM   547  C C   . THR A 1 68  ? -3.645  10.851  -2.199  1.00 28.69 ? 68  THR A C   1 
ATOM   548  O O   . THR A 1 68  ? -2.625  10.738  -2.861  1.00 27.47 ? 68  THR A O   1 
ATOM   549  C CB  . THR A 1 68  ? -5.304  9.583   -3.496  1.00 28.82 ? 68  THR A CB  1 
ATOM   550  O OG1 . THR A 1 68  ? -6.628  9.610   -4.032  1.00 30.69 ? 68  THR A OG1 1 
ATOM   551  C CG2 . THR A 1 68  ? -5.251  8.500   -2.442  1.00 30.48 ? 68  THR A CG2 1 
ATOM   552  N N   . CYS A 1 69  ? -3.664  10.878  -0.873  1.00 27.48 ? 69  CYS A N   1 
ATOM   553  C CA  . CYS A 1 69  ? -2.440  10.762  -0.112  1.00 29.51 ? 69  CYS A CA  1 
ATOM   554  C C   . CYS A 1 69  ? -1.975  9.307   -0.196  1.00 29.52 ? 69  CYS A C   1 
ATOM   555  O O   . CYS A 1 69  ? -2.762  8.383   0.018   1.00 30.87 ? 69  CYS A O   1 
ATOM   556  C CB  . CYS A 1 69  ? -2.684  11.174  1.337   1.00 28.94 ? 69  CYS A CB  1 
ATOM   557  S SG  . CYS A 1 69  ? -1.183  11.173  2.298   1.00 34.72 ? 69  CYS A SG  1 
ATOM   558  N N   . PHE A 1 70  ? -0.711  9.105   -0.554  1.00 27.85 ? 70  PHE A N   1 
ATOM   559  C CA  . PHE A 1 70  ? -0.150  7.761   -0.655  1.00 28.48 ? 70  PHE A CA  1 
ATOM   560  C C   . PHE A 1 70  ? 0.696   7.476   0.582   1.00 30.01 ? 70  PHE A C   1 
ATOM   561  O O   . PHE A 1 70  ? 0.970   6.324   0.896   1.00 32.08 ? 70  PHE A O   1 
ATOM   562  C CB  . PHE A 1 70  ? 0.718   7.627   -1.920  1.00 27.02 ? 70  PHE A CB  1 
ATOM   563  C CG  . PHE A 1 70  ? 0.009   7.024   -3.105  1.00 25.97 ? 70  PHE A CG  1 
ATOM   564  C CD1 . PHE A 1 70  ? -1.345  7.248   -3.328  1.00 27.12 ? 70  PHE A CD1 1 
ATOM   565  C CD2 . PHE A 1 70  ? 0.711   6.254   -4.024  1.00 29.67 ? 70  PHE A CD2 1 
ATOM   566  C CE1 . PHE A 1 70  ? -1.968  6.730   -4.459  1.00 28.12 ? 70  PHE A CE1 1 
ATOM   567  C CE2 . PHE A 1 70  ? 0.082   5.739   -5.154  1.00 28.58 ? 70  PHE A CE2 1 
ATOM   568  C CZ  . PHE A 1 70  ? -1.249  5.970   -5.361  1.00 25.88 ? 70  PHE A CZ  1 
ATOM   569  N N   . GLY A 1 71  ? 1.106   8.531   1.284   1.00 31.07 ? 71  GLY A N   1 
ATOM   570  C CA  . GLY A 1 71  ? 1.916   8.350   2.470   1.00 31.68 ? 71  GLY A CA  1 
ATOM   571  C C   . GLY A 1 71  ? 2.698   9.594   2.815   1.00 32.60 ? 71  GLY A C   1 
ATOM   572  O O   . GLY A 1 71  ? 2.383   10.687  2.340   1.00 31.01 ? 71  GLY A O   1 
ATOM   573  N N   . LYS A 1 72  ? 3.717   9.436   3.653   1.00 34.00 ? 72  LYS A N   1 
ATOM   574  C CA  . LYS A 1 72  ? 4.528   10.578  4.040   1.00 36.18 ? 72  LYS A CA  1 
ATOM   575  C C   . LYS A 1 72  ? 5.946   10.180  4.350   1.00 36.27 ? 72  LYS A C   1 
ATOM   576  O O   . LYS A 1 72  ? 6.227   9.030   4.684   1.00 37.19 ? 72  LYS A O   1 
ATOM   577  C CB  . LYS A 1 72  ? 3.942   11.285  5.265   1.00 37.83 ? 72  LYS A CB  1 
ATOM   578  C CG  . LYS A 1 72  ? 3.789   10.384  6.468   1.00 43.85 ? 72  LYS A CG  1 
ATOM   579  C CD  . LYS A 1 72  ? 4.134   11.138  7.735   1.00 50.24 ? 72  LYS A CD  1 
ATOM   580  C CE  . LYS A 1 72  ? 3.351   12.435  7.841   1.00 53.18 ? 72  LYS A CE  1 
ATOM   581  N NZ  . LYS A 1 72  ? 3.704   13.173  9.090   1.00 55.55 ? 72  LYS A NZ  1 
ATOM   582  N N   . PHE A 1 73  ? 6.833   11.156  4.220   1.00 35.85 ? 73  PHE A N   1 
ATOM   583  C CA  . PHE A 1 73  ? 8.235   10.965  4.509   1.00 37.95 ? 73  PHE A CA  1 
ATOM   584  C C   . PHE A 1 73  ? 8.422   11.150  6.012   1.00 40.18 ? 73  PHE A C   1 
ATOM   585  O O   . PHE A 1 73  ? 7.816   12.039  6.615   1.00 39.90 ? 73  PHE A O   1 
ATOM   586  C CB  . PHE A 1 73  ? 9.067   11.974  3.706   1.00 36.89 ? 73  PHE A CB  1 
ATOM   587  C CG  . PHE A 1 73  ? 9.183   11.630  2.255   1.00 33.48 ? 73  PHE A CG  1 
ATOM   588  C CD1 . PHE A 1 73  ? 9.995   10.586  1.857   1.00 31.88 ? 73  PHE A CD1 1 
ATOM   589  C CD2 . PHE A 1 73  ? 8.460   12.325  1.292   1.00 31.51 ? 73  PHE A CD2 1 
ATOM   590  C CE1 . PHE A 1 73  ? 10.110  10.244  0.531   1.00 32.79 ? 73  PHE A CE1 1 
ATOM   591  C CE2 . PHE A 1 73  ? 8.567   11.988  -0.058  1.00 32.66 ? 73  PHE A CE2 1 
ATOM   592  C CZ  . PHE A 1 73  ? 9.396   10.933  -0.436  1.00 30.54 ? 73  PHE A CZ  1 
ATOM   593  N N   . THR A 1 74  ? 9.235   10.273  6.597   1.00 43.16 ? 74  THR A N   1 
ATOM   594  C CA  . THR A 1 74  ? 9.557   10.292  8.023   1.00 45.91 ? 74  THR A CA  1 
ATOM   595  C C   . THR A 1 74  ? 10.898  11.013  8.274   1.00 48.87 ? 74  THR A C   1 
ATOM   596  O O   . THR A 1 74  ? 11.716  11.146  7.363   1.00 48.96 ? 74  THR A O   1 
ATOM   597  C CB  . THR A 1 74  ? 9.688   8.881   8.543   1.00 44.99 ? 74  THR A CB  1 
ATOM   598  O OG1 . THR A 1 74  ? 10.900  8.316   8.042   1.00 44.46 ? 74  THR A OG1 1 
ATOM   599  C CG2 . THR A 1 74  ? 8.567   8.029   8.034   1.00 45.52 ? 74  THR A CG2 1 
ATOM   600  N N   . LYS A 1 75  ? 11.143  11.456  9.509   1.00 52.06 ? 75  LYS A N   1 
ATOM   601  C CA  . LYS A 1 75  ? 12.393  12.173  9.794   1.00 54.01 ? 75  LYS A CA  1 
ATOM   602  C C   . LYS A 1 75  ? 13.612  11.276  9.579   1.00 54.21 ? 75  LYS A C   1 
ATOM   603  O O   . LYS A 1 75  ? 14.731  11.766  9.468   1.00 55.46 ? 75  LYS A O   1 
ATOM   604  C CB  . LYS A 1 75  ? 12.401  12.774  11.208  1.00 54.96 ? 75  LYS A CB  1 
ATOM   605  C CG  . LYS A 1 75  ? 11.164  12.481  12.027  1.00 57.25 ? 75  LYS A CG  1 
ATOM   606  C CD  . LYS A 1 75  ? 11.103  13.386  13.247  1.00 61.57 ? 75  LYS A CD  1 
ATOM   607  C CE  . LYS A 1 75  ? 10.238  14.616  12.991  1.00 61.29 ? 75  LYS A CE  1 
ATOM   608  N NZ  . LYS A 1 75  ? 8.917   14.526  13.692  1.00 62.94 ? 75  LYS A NZ  1 
ATOM   609  N N   . THR A 1 76  ? 13.399  9.965   9.504   1.00 54.38 ? 76  THR A N   1 
ATOM   610  C CA  . THR A 1 76  ? 14.500  9.044   9.238   1.00 54.00 ? 76  THR A CA  1 
ATOM   611  C C   . THR A 1 76  ? 14.677  8.888   7.721   1.00 54.35 ? 76  THR A C   1 
ATOM   612  O O   . THR A 1 76  ? 15.442  8.044   7.227   1.00 54.58 ? 76  THR A O   1 
ATOM   613  C CB  . THR A 1 76  ? 14.236  7.678   9.863   1.00 54.72 ? 76  THR A CB  1 
ATOM   614  O OG1 . THR A 1 76  ? 12.928  7.226   9.508   1.00 53.82 ? 76  THR A OG1 1 
ATOM   615  C CG2 . THR A 1 76  ? 14.313  7.769   11.355  1.00 54.55 ? 76  THR A CG2 1 
ATOM   616  N N   . HIS A 1 77  ? 13.944  9.725   6.996   1.00 54.06 ? 77  HIS A N   1 
ATOM   617  C CA  . HIS A 1 77  ? 13.967  9.756   5.547   1.00 54.49 ? 77  HIS A CA  1 
ATOM   618  C C   . HIS A 1 77  ? 13.537  8.455   4.872   1.00 51.65 ? 77  HIS A C   1 
ATOM   619  O O   . HIS A 1 77  ? 14.137  8.023   3.886   1.00 52.28 ? 77  HIS A O   1 
ATOM   620  C CB  . HIS A 1 77  ? 15.345  10.222  5.075   1.00 55.60 ? 77  HIS A CB  1 
ATOM   621  C CG  . HIS A 1 77  ? 15.741  11.545  5.652   1.00 60.72 ? 77  HIS A CG  1 
ATOM   622  N ND1 . HIS A 1 77  ? 15.158  12.735  5.266   1.00 65.07 ? 77  HIS A ND1 1 
ATOM   623  C CD2 . HIS A 1 77  ? 16.622  11.860  6.630   1.00 63.99 ? 77  HIS A CD2 1 
ATOM   624  C CE1 . HIS A 1 77  ? 15.665  13.723  5.981   1.00 65.59 ? 77  HIS A CE1 1 
ATOM   625  N NE2 . HIS A 1 77  ? 16.555  13.218  6.816   1.00 65.32 ? 77  HIS A NE2 1 
ATOM   626  N N   . LYS A 1 78  ? 12.504  7.829   5.438   1.00 47.71 ? 78  LYS A N   1 
ATOM   627  C CA  . LYS A 1 78  ? 11.881  6.641   4.849   1.00 44.67 ? 78  LYS A CA  1 
ATOM   628  C C   . LYS A 1 78  ? 10.536  7.155   4.285   1.00 40.49 ? 78  LYS A C   1 
ATOM   629  O O   . LYS A 1 78  ? 10.116  8.281   4.564   1.00 38.33 ? 78  LYS A O   1 
ATOM   630  C CB  . LYS A 1 78  ? 11.575  5.553   5.907   1.00 46.13 ? 78  LYS A CB  1 
ATOM   631  C CG  . LYS A 1 78  ? 12.769  4.944   6.637   1.00 46.87 ? 78  LYS A CG  1 
ATOM   632  C CD  . LYS A 1 78  ? 13.909  4.583   5.675   1.00 50.92 ? 78  LYS A CD  1 
ATOM   633  C CE  . LYS A 1 78  ? 14.891  3.593   6.307   1.00 54.85 ? 78  LYS A CE  1 
ATOM   634  N NZ  . LYS A 1 78  ? 14.597  2.191   5.865   1.00 57.14 ? 78  LYS A NZ  1 
ATOM   635  N N   . PHE A 1 79  ? 9.867   6.344   3.481   1.00 37.27 ? 79  PHE A N   1 
ATOM   636  C CA  . PHE A 1 79  ? 8.559   6.746   3.002   1.00 35.71 ? 79  PHE A CA  1 
ATOM   637  C C   . PHE A 1 79  ? 7.542   5.819   3.651   1.00 34.64 ? 79  PHE A C   1 
ATOM   638  O O   . PHE A 1 79  ? 7.534   4.629   3.378   1.00 34.75 ? 79  PHE A O   1 
ATOM   639  C CB  . PHE A 1 79  ? 8.448   6.632   1.481   1.00 34.33 ? 79  PHE A CB  1 
ATOM   640  C CG  . PHE A 1 79  ? 7.110   7.036   0.958   1.00 32.23 ? 79  PHE A CG  1 
ATOM   641  C CD1 . PHE A 1 79  ? 6.676   8.348   1.065   1.00 34.86 ? 79  PHE A CD1 1 
ATOM   642  C CD2 . PHE A 1 79  ? 6.272   6.104   0.380   1.00 33.93 ? 79  PHE A CD2 1 
ATOM   643  C CE1 . PHE A 1 79  ? 5.409   8.723   0.610   1.00 34.01 ? 79  PHE A CE1 1 
ATOM   644  C CE2 . PHE A 1 79  ? 5.012   6.469   -0.076  1.00 32.70 ? 79  PHE A CE2 1 
ATOM   645  C CZ  . PHE A 1 79  ? 4.582   7.786   0.037   1.00 35.71 ? 79  PHE A CZ  1 
ATOM   646  N N   . ARG A 1 80  ? 6.699   6.346   4.525   1.00 34.68 ? 80  ARG A N   1 
ATOM   647  C CA  . ARG A 1 80  ? 5.688   5.500   5.142   1.00 35.83 ? 80  ARG A CA  1 
ATOM   648  C C   . ARG A 1 80  ? 4.425   5.491   4.298   1.00 33.47 ? 80  ARG A C   1 
ATOM   649  O O   . ARG A 1 80  ? 3.757   6.511   4.148   1.00 33.34 ? 80  ARG A O   1 
ATOM   650  C CB  . ARG A 1 80  ? 5.357   5.987   6.544   1.00 36.96 ? 80  ARG A CB  1 
ATOM   651  C CG  . ARG A 1 80  ? 4.312   5.145   7.225   1.00 43.02 ? 80  ARG A CG  1 
ATOM   652  C CD  . ARG A 1 80  ? 4.267   5.497   8.677   1.00 51.86 ? 80  ARG A CD  1 
ATOM   653  N NE  . ARG A 1 80  ? 5.601   5.382   9.258   1.00 56.82 ? 80  ARG A NE  1 
ATOM   654  C CZ  . ARG A 1 80  ? 6.020   6.071   10.315  1.00 57.52 ? 80  ARG A CZ  1 
ATOM   655  N NH1 . ARG A 1 80  ? 5.204   6.933   10.909  1.00 57.72 ? 80  ARG A NH1 1 
ATOM   656  N NH2 . ARG A 1 80  ? 7.256   5.903   10.776  1.00 58.02 ? 80  ARG A NH2 1 
ATOM   657  N N   . LEU A 1 81  ? 4.110   4.327   3.752   1.00 31.57 ? 81  LEU A N   1 
ATOM   658  C CA  . LEU A 1 81  ? 2.938   4.151   2.913   1.00 32.61 ? 81  LEU A CA  1 
ATOM   659  C C   . LEU A 1 81  ? 1.660   4.193   3.767   1.00 32.33 ? 81  LEU A C   1 
ATOM   660  O O   . LEU A 1 81  ? 1.604   3.578   4.843   1.00 31.71 ? 81  LEU A O   1 
ATOM   661  C CB  . LEU A 1 81  ? 3.064   2.807   2.194   1.00 32.77 ? 81  LEU A CB  1 
ATOM   662  C CG  . LEU A 1 81  ? 2.184   2.457   1.006   1.00 33.27 ? 81  LEU A CG  1 
ATOM   663  C CD1 . LEU A 1 81  ? 2.419   3.448   -0.110  1.00 29.54 ? 81  LEU A CD1 1 
ATOM   664  C CD2 . LEU A 1 81  ? 2.525   1.051   0.549   1.00 32.83 ? 81  LEU A CD2 1 
ATOM   665  N N   . HIS A 1 82  ? 0.654   4.940   3.304   1.00 31.00 ? 82  HIS A N   1 
ATOM   666  C CA  . HIS A 1 82  ? -0.624  5.035   4.009   1.00 30.14 ? 82  HIS A CA  1 
ATOM   667  C C   . HIS A 1 82  ? -1.643  4.080   3.392   1.00 28.79 ? 82  HIS A C   1 
ATOM   668  O O   . HIS A 1 82  ? -1.608  3.797   2.197   1.00 26.78 ? 82  HIS A O   1 
ATOM   669  C CB  . HIS A 1 82  ? -1.158  6.471   3.980   1.00 31.48 ? 82  HIS A CB  1 
ATOM   670  C CG  . HIS A 1 82  ? -0.378  7.416   4.840   1.00 34.06 ? 82  HIS A CG  1 
ATOM   671  N ND1 . HIS A 1 82  ? -0.704  8.750   4.965   1.00 39.75 ? 82  HIS A ND1 1 
ATOM   672  C CD2 . HIS A 1 82  ? 0.700   7.216   5.638   1.00 36.24 ? 82  HIS A CD2 1 
ATOM   673  C CE1 . HIS A 1 82  ? 0.138   9.332   5.803   1.00 37.08 ? 82  HIS A CE1 1 
ATOM   674  N NE2 . HIS A 1 82  ? 0.999   8.422   6.226   1.00 37.06 ? 82  HIS A NE2 1 
ATOM   675  N N   . VAL A 1 83  ? -2.567  3.587   4.204   1.00 28.71 ? 83  VAL A N   1 
ATOM   676  C CA  . VAL A 1 83  ? -3.547  2.636   3.689   1.00 28.12 ? 83  VAL A CA  1 
ATOM   677  C C   . VAL A 1 83  ? -4.474  3.263   2.646   1.00 26.69 ? 83  VAL A C   1 
ATOM   678  O O   . VAL A 1 83  ? -5.183  2.562   1.927   1.00 25.49 ? 83  VAL A O   1 
ATOM   679  C CB  . VAL A 1 83  ? -4.357  1.963   4.848   1.00 29.87 ? 83  VAL A CB  1 
ATOM   680  C CG1 . VAL A 1 83  ? -5.375  2.925   5.403   1.00 31.37 ? 83  VAL A CG1 1 
ATOM   681  C CG2 . VAL A 1 83  ? -5.023  0.687   4.358   1.00 30.53 ? 83  VAL A CG2 1 
ATOM   682  N N   . THR A 1 84  ? -4.441  4.586   2.542   1.00 27.36 ? 84  THR A N   1 
ATOM   683  C CA  . THR A 1 84  ? -5.243  5.280   1.543   1.00 26.31 ? 84  THR A CA  1 
ATOM   684  C C   . THR A 1 84  ? -4.748  4.935   0.131   1.00 26.55 ? 84  THR A C   1 
ATOM   685  O O   . THR A 1 84  ? -5.452  5.117   -0.865  1.00 25.53 ? 84  THR A O   1 
ATOM   686  C CB  . THR A 1 84  ? -5.203  6.813   1.753   1.00 27.15 ? 84  THR A CB  1 
ATOM   687  O OG1 . THR A 1 84  ? -3.895  7.222   2.183   1.00 25.99 ? 84  THR A OG1 1 
ATOM   688  C CG2 . THR A 1 84  ? -6.235  7.228   2.782   1.00 29.24 ? 84  THR A CG2 1 
ATOM   689  N N   . ALA A 1 85  ? -3.534  4.414   0.051   1.00 26.61 ? 85  ALA A N   1 
ATOM   690  C CA  . ALA A 1 85  ? -2.981  4.019   -1.235  1.00 24.94 ? 85  ALA A CA  1 
ATOM   691  C C   . ALA A 1 85  ? -3.443  2.630   -1.672  1.00 25.56 ? 85  ALA A C   1 
ATOM   692  O O   . ALA A 1 85  ? -3.230  2.232   -2.814  1.00 22.95 ? 85  ALA A O   1 
ATOM   693  C CB  . ALA A 1 85  ? -1.478  4.048   -1.163  1.00 25.53 ? 85  ALA A CB  1 
ATOM   694  N N   . LEU A 1 86  ? -4.087  1.903   -0.765  1.00 24.44 ? 86  LEU A N   1 
ATOM   695  C CA  . LEU A 1 86  ? -4.532  0.533   -1.030  1.00 23.73 ? 86  LEU A CA  1 
ATOM   696  C C   . LEU A 1 86  ? -5.337  0.290   -2.295  1.00 23.63 ? 86  LEU A C   1 
ATOM   697  O O   . LEU A 1 86  ? -5.025  -0.617  -3.058  1.00 22.51 ? 86  LEU A O   1 
ATOM   698  C CB  . LEU A 1 86  ? -5.308  -0.008  0.175   1.00 23.93 ? 86  LEU A CB  1 
ATOM   699  C CG  . LEU A 1 86  ? -5.718  -1.480  0.092   1.00 27.64 ? 86  LEU A CG  1 
ATOM   700  C CD1 . LEU A 1 86  ? -4.486  -2.396  0.064   1.00 24.92 ? 86  LEU A CD1 1 
ATOM   701  C CD2 . LEU A 1 86  ? -6.599  -1.788  1.293   1.00 26.58 ? 86  LEU A CD2 1 
ATOM   702  N N   . ASP A 1 87  ? -6.362  1.096   -2.530  1.00 23.90 ? 87  ASP A N   1 
ATOM   703  C CA  . ASP A 1 87  ? -7.193  0.922   -3.722  1.00 25.14 ? 87  ASP A CA  1 
ATOM   704  C C   . ASP A 1 87  ? -6.412  1.008   -5.043  1.00 24.63 ? 87  ASP A C   1 
ATOM   705  O O   . ASP A 1 87  ? -6.779  0.362   -6.026  1.00 22.71 ? 87  ASP A O   1 
ATOM   706  C CB  . ASP A 1 87  ? -8.330  1.977   -3.786  1.00 29.21 ? 87  ASP A CB  1 
ATOM   707  C CG  . ASP A 1 87  ? -9.337  1.859   -2.630  1.00 33.54 ? 87  ASP A CG  1 
ATOM   708  O OD1 . ASP A 1 87  ? -9.704  0.712   -2.300  1.00 39.17 ? 87  ASP A OD1 1 
ATOM   709  O OD2 . ASP A 1 87  ? -9.769  2.893   -2.053  1.00 42.41 ? 87  ASP A OD2 1 
ATOM   710  N N   . TYR A 1 88  ? -5.357  1.822   -5.069  1.00 23.66 ? 88  TYR A N   1 
ATOM   711  C CA  . TYR A 1 88  ? -4.549  2.042   -6.273  1.00 25.10 ? 88  TYR A CA  1 
ATOM   712  C C   . TYR A 1 88  ? -3.467  1.012   -6.500  1.00 25.49 ? 88  TYR A C   1 
ATOM   713  O O   . TYR A 1 88  ? -3.189  0.656   -7.646  1.00 24.77 ? 88  TYR A O   1 
ATOM   714  C CB  . TYR A 1 88  ? -3.911  3.427   -6.206  1.00 25.52 ? 88  TYR A CB  1 
ATOM   715  C CG  . TYR A 1 88  ? -4.956  4.486   -6.079  1.00 27.51 ? 88  TYR A CG  1 
ATOM   716  C CD1 . TYR A 1 88  ? -5.634  4.945   -7.203  1.00 32.48 ? 88  TYR A CD1 1 
ATOM   717  C CD2 . TYR A 1 88  ? -5.339  4.963   -4.824  1.00 32.63 ? 88  TYR A CD2 1 
ATOM   718  C CE1 . TYR A 1 88  ? -6.659  5.862   -7.094  1.00 38.38 ? 88  TYR A CE1 1 
ATOM   719  C CE2 . TYR A 1 88  ? -6.380  5.866   -4.694  1.00 34.23 ? 88  TYR A CE2 1 
ATOM   720  C CZ  . TYR A 1 88  ? -7.041  6.313   -5.838  1.00 36.91 ? 88  TYR A CZ  1 
ATOM   721  O OH  . TYR A 1 88  ? -8.104  7.181   -5.723  1.00 41.17 ? 88  TYR A OH  1 
ATOM   722  N N   . LEU A 1 89  ? -2.861  0.534   -5.417  1.00 23.71 ? 89  LEU A N   1 
ATOM   723  C CA  . LEU A 1 89  ? -1.791  -0.441  -5.522  1.00 23.98 ? 89  LEU A CA  1 
ATOM   724  C C   . LEU A 1 89  ? -2.273  -1.878  -5.598  1.00 24.47 ? 89  LEU A C   1 
ATOM   725  O O   . LEU A 1 89  ? -1.680  -2.692  -6.298  1.00 22.88 ? 89  LEU A O   1 
ATOM   726  C CB  . LEU A 1 89  ? -0.839  -0.273  -4.337  1.00 24.06 ? 89  LEU A CB  1 
ATOM   727  C CG  . LEU A 1 89  ? 0.294   0.758   -4.454  1.00 28.16 ? 89  LEU A CG  1 
ATOM   728  C CD1 . LEU A 1 89  ? -0.155  2.032   -5.108  1.00 30.66 ? 89  LEU A CD1 1 
ATOM   729  C CD2 . LEU A 1 89  ? 0.802   1.050   -3.086  1.00 28.32 ? 89  LEU A CD2 1 
ATOM   730  N N   . ALA A 1 90  ? -3.355  -2.189  -4.890  1.00 23.58 ? 90  ALA A N   1 
ATOM   731  C CA  . ALA A 1 90  ? -3.877  -3.554  -4.861  1.00 23.97 ? 90  ALA A CA  1 
ATOM   732  C C   . ALA A 1 90  ? -3.995  -4.228  -6.225  1.00 25.53 ? 90  ALA A C   1 
ATOM   733  O O   . ALA A 1 90  ? -3.570  -5.374  -6.373  1.00 26.36 ? 90  ALA A O   1 
ATOM   734  C CB  . ALA A 1 90  ? -5.233  -3.609  -4.110  1.00 24.78 ? 90  ALA A CB  1 
ATOM   735  N N   . PRO A 1 91  ? -4.571  -3.540  -7.239  1.00 25.71 ? 91  PRO A N   1 
ATOM   736  C CA  . PRO A 1 91  ? -4.707  -4.146  -8.572  1.00 26.55 ? 91  PRO A CA  1 
ATOM   737  C C   . PRO A 1 91  ? -3.370  -4.497  -9.214  1.00 25.25 ? 91  PRO A C   1 
ATOM   738  O O   . PRO A 1 91  ? -3.316  -5.318  -10.120 1.00 26.75 ? 91  PRO A O   1 
ATOM   739  C CB  . PRO A 1 91  ? -5.432  -3.067  -9.390  1.00 27.44 ? 91  PRO A CB  1 
ATOM   740  C CG  . PRO A 1 91  ? -6.107  -2.233  -8.371  1.00 29.36 ? 91  PRO A CG  1 
ATOM   741  C CD  . PRO A 1 91  ? -5.121  -2.175  -7.240  1.00 24.89 ? 91  PRO A CD  1 
ATOM   742  N N   . TYR A 1 92  ? -2.296  -3.894  -8.712  1.00 24.47 ? 92  TYR A N   1 
ATOM   743  C CA  . TYR A 1 92  ? -0.961  -4.086  -9.266  1.00 24.58 ? 92  TYR A CA  1 
ATOM   744  C C   . TYR A 1 92  ? 0.039   -4.808  -8.372  1.00 25.02 ? 92  TYR A C   1 
ATOM   745  O O   . TYR A 1 92  ? 1.236   -4.824  -8.664  1.00 24.15 ? 92  TYR A O   1 
ATOM   746  C CB  . TYR A 1 92  ? -0.411  -2.720  -9.679  1.00 23.52 ? 92  TYR A CB  1 
ATOM   747  C CG  . TYR A 1 92  ? -1.325  -2.043  -10.664 1.00 22.37 ? 92  TYR A CG  1 
ATOM   748  C CD1 . TYR A 1 92  ? -1.692  -2.694  -11.834 1.00 24.74 ? 92  TYR A CD1 1 
ATOM   749  C CD2 . TYR A 1 92  ? -1.847  -0.776  -10.418 1.00 26.67 ? 92  TYR A CD2 1 
ATOM   750  C CE1 . TYR A 1 92  ? -2.557  -2.122  -12.731 1.00 25.40 ? 92  TYR A CE1 1 
ATOM   751  C CE2 . TYR A 1 92  ? -2.731  -0.180  -11.321 1.00 25.93 ? 92  TYR A CE2 1 
ATOM   752  C CZ  . TYR A 1 92  ? -3.072  -0.863  -12.477 1.00 29.88 ? 92  TYR A CZ  1 
ATOM   753  O OH  . TYR A 1 92  ? -3.923  -0.297  -13.385 1.00 29.46 ? 92  TYR A OH  1 
ATOM   754  N N   . ALA A 1 93  ? -0.445  -5.406  -7.287  1.00 25.17 ? 93  ALA A N   1 
ATOM   755  C CA  . ALA A 1 93  ? 0.416   -6.137  -6.354  1.00 26.41 ? 93  ALA A CA  1 
ATOM   756  C C   . ALA A 1 93  ? 0.453   -7.619  -6.739  1.00 27.83 ? 93  ALA A C   1 
ATOM   757  O O   . ALA A 1 93  ? -0.554  -8.309  -6.592  1.00 29.47 ? 93  ALA A O   1 
ATOM   758  C CB  . ALA A 1 93  ? -0.114  -5.993  -4.931  1.00 25.71 ? 93  ALA A CB  1 
ATOM   759  N N   . LYS A 1 94  ? 1.600   -8.125  -7.199  1.00 28.61 ? 94  LYS A N   1 
ATOM   760  C CA  . LYS A 1 94  ? 1.685   -9.539  -7.607  1.00 30.44 ? 94  LYS A CA  1 
ATOM   761  C C   . LYS A 1 94  ? 1.521   -10.534 -6.456  1.00 29.37 ? 94  LYS A C   1 
ATOM   762  O O   . LYS A 1 94  ? 0.827   -11.558 -6.592  1.00 29.60 ? 94  LYS A O   1 
ATOM   763  C CB  . LYS A 1 94  ? 3.008   -9.845  -8.325  1.00 32.42 ? 94  LYS A CB  1 
ATOM   764  C CG  . LYS A 1 94  ? 3.125   -11.315 -8.754  1.00 37.11 ? 94  LYS A CG  1 
ATOM   765  C CD  . LYS A 1 94  ? 4.401   -11.567 -9.506  1.00 43.14 ? 94  LYS A CD  1 
ATOM   766  C CE  . LYS A 1 94  ? 4.503   -13.007 -9.961  1.00 49.33 ? 94  LYS A CE  1 
ATOM   767  N NZ  . LYS A 1 94  ? 5.747   -13.168 -10.773 1.00 54.43 ? 94  LYS A NZ  1 
ATOM   768  N N   . TYR A 1 95  ? 2.112   -10.231 -5.309  1.00 26.12 ? 95  TYR A N   1 
ATOM   769  C CA  . TYR A 1 95  ? 2.040   -11.170 -4.201  1.00 24.74 ? 95  TYR A CA  1 
ATOM   770  C C   . TYR A 1 95  ? 0.933   -10.788 -3.241  1.00 22.98 ? 95  TYR A C   1 
ATOM   771  O O   . TYR A 1 95  ? 0.985   -9.736  -2.620  1.00 21.56 ? 95  TYR A O   1 
ATOM   772  C CB  . TYR A 1 95  ? 3.415   -11.220 -3.534  1.00 24.73 ? 95  TYR A CB  1 
ATOM   773  C CG  . TYR A 1 95  ? 4.482   -11.648 -4.536  1.00 28.42 ? 95  TYR A CG  1 
ATOM   774  C CD1 . TYR A 1 95  ? 4.549   -12.968 -5.005  1.00 27.65 ? 95  TYR A CD1 1 
ATOM   775  C CD2 . TYR A 1 95  ? 5.342   -10.715 -5.107  1.00 27.56 ? 95  TYR A CD2 1 
ATOM   776  C CE1 . TYR A 1 95  ? 5.449   -13.342 -6.043  1.00 28.11 ? 95  TYR A CE1 1 
ATOM   777  C CE2 . TYR A 1 95  ? 6.251   -11.077 -6.120  1.00 32.95 ? 95  TYR A CE2 1 
ATOM   778  C CZ  . TYR A 1 95  ? 6.297   -12.390 -6.585  1.00 31.14 ? 95  TYR A CZ  1 
ATOM   779  O OH  . TYR A 1 95  ? 7.204   -12.756 -7.559  1.00 36.22 ? 95  TYR A OH  1 
ATOM   780  N N   . LYS A 1 96  ? -0.066  -11.659 -3.135  1.00 23.14 ? 96  LYS A N   1 
ATOM   781  C CA  . LYS A 1 96  ? -1.230  -11.434 -2.298  1.00 22.52 ? 96  LYS A CA  1 
ATOM   782  C C   . LYS A 1 96  ? -1.443  -12.559 -1.304  1.00 23.14 ? 96  LYS A C   1 
ATOM   783  O O   . LYS A 1 96  ? -1.040  -13.696 -1.539  1.00 23.44 ? 96  LYS A O   1 
ATOM   784  C CB  . LYS A 1 96  ? -2.474  -11.342 -3.177  1.00 22.77 ? 96  LYS A CB  1 
ATOM   785  C CG  . LYS A 1 96  ? -2.296  -10.532 -4.442  1.00 22.51 ? 96  LYS A CG  1 
ATOM   786  C CD  . LYS A 1 96  ? -3.521  -10.687 -5.327  1.00 25.85 ? 96  LYS A CD  1 
ATOM   787  C CE  . LYS A 1 96  ? -3.402  -9.907  -6.612  1.00 27.57 ? 96  LYS A CE  1 
ATOM   788  N NZ  . LYS A 1 96  ? -3.288  -8.449  -6.344  1.00 29.86 ? 96  LYS A NZ  1 
ATOM   789  N N   . VAL A 1 97  ? -2.079  -12.229 -0.189  1.00 23.85 ? 97  VAL A N   1 
ATOM   790  C CA  . VAL A 1 97  ? -2.415  -13.236 0.810   1.00 23.16 ? 97  VAL A CA  1 
ATOM   791  C C   . VAL A 1 97  ? -3.888  -13.055 1.148   1.00 24.10 ? 97  VAL A C   1 
ATOM   792  O O   . VAL A 1 97  ? -4.356  -11.939 1.342   1.00 25.53 ? 97  VAL A O   1 
ATOM   793  C CB  . VAL A 1 97  ? -1.564  -13.117 2.111   1.00 24.56 ? 97  VAL A CB  1 
ATOM   794  C CG1 . VAL A 1 97  ? -0.107  -13.205 1.770   1.00 26.12 ? 97  VAL A CG1 1 
ATOM   795  C CG2 . VAL A 1 97  ? -1.853  -11.817 2.832   1.00 28.74 ? 97  VAL A CG2 1 
ATOM   796  N N   . TRP A 1 98  ? -4.617  -14.163 1.192   1.00 22.30 ? 98  TRP A N   1 
ATOM   797  C CA  . TRP A 1 98  ? -6.037  -14.147 1.515   1.00 23.73 ? 98  TRP A CA  1 
ATOM   798  C C   . TRP A 1 98  ? -6.166  -14.724 2.920   1.00 24.17 ? 98  TRP A C   1 
ATOM   799  O O   . TRP A 1 98  ? -5.674  -15.822 3.189   1.00 23.25 ? 98  TRP A O   1 
ATOM   800  C CB  . TRP A 1 98  ? -6.793  -14.999 0.507   1.00 24.24 ? 98  TRP A CB  1 
ATOM   801  C CG  . TRP A 1 98  ? -6.889  -14.382 -0.862  1.00 26.23 ? 98  TRP A CG  1 
ATOM   802  C CD1 . TRP A 1 98  ? -7.919  -13.639 -1.347  1.00 27.48 ? 98  TRP A CD1 1 
ATOM   803  C CD2 . TRP A 1 98  ? -5.904  -14.443 -1.909  1.00 26.71 ? 98  TRP A CD2 1 
ATOM   804  N NE1 . TRP A 1 98  ? -7.645  -13.224 -2.629  1.00 28.08 ? 98  TRP A NE1 1 
ATOM   805  C CE2 . TRP A 1 98  ? -6.418  -13.693 -2.995  1.00 27.60 ? 98  TRP A CE2 1 
ATOM   806  C CE3 . TRP A 1 98  ? -4.643  -15.040 -2.025  1.00 25.85 ? 98  TRP A CE3 1 
ATOM   807  C CZ2 . TRP A 1 98  ? -5.714  -13.545 -4.195  1.00 32.04 ? 98  TRP A CZ2 1 
ATOM   808  C CZ3 . TRP A 1 98  ? -3.945  -14.892 -3.223  1.00 29.86 ? 98  TRP A CZ3 1 
ATOM   809  C CH2 . TRP A 1 98  ? -4.482  -14.140 -4.288  1.00 32.33 ? 98  TRP A CH2 1 
ATOM   810  N N   . ILE A 1 99  ? -6.831  -14.001 3.817   1.00 23.83 ? 99  ILE A N   1 
ATOM   811  C CA  . ILE A 1 99  ? -6.920  -14.459 5.198   1.00 23.74 ? 99  ILE A CA  1 
ATOM   812  C C   . ILE A 1 99  ? -8.344  -14.749 5.629   1.00 23.91 ? 99  ILE A C   1 
ATOM   813  O O   . ILE A 1 99  ? -9.294  -14.139 5.127   1.00 23.15 ? 99  ILE A O   1 
ATOM   814  C CB  . ILE A 1 99  ? -6.261  -13.440 6.161   1.00 22.96 ? 99  ILE A CB  1 
ATOM   815  C CG1 . ILE A 1 99  ? -6.962  -12.081 6.113   1.00 21.71 ? 99  ILE A CG1 1 
ATOM   816  C CG2 . ILE A 1 99  ? -4.804  -13.208 5.752   1.00 22.31 ? 99  ILE A CG2 1 
ATOM   817  C CD1 . ILE A 1 99  ? -6.478  -11.213 7.233   1.00 34.89 ? 99  ILE A CD1 1 
ATOM   818  N N   . LYS A 1 100 ? -8.469  -15.703 6.552   1.00 22.52 ? 100 LYS A N   1 
ATOM   819  C CA  . LYS A 1 100 ? -9.755  -16.177 7.071   1.00 23.89 ? 100 LYS A CA  1 
ATOM   820  C C   . LYS A 1 100 ? -10.377 -15.165 8.012   1.00 24.15 ? 100 LYS A C   1 
ATOM   821  O O   . LYS A 1 100 ? -9.713  -14.222 8.442   1.00 23.39 ? 100 LYS A O   1 
ATOM   822  C CB  . LYS A 1 100 ? -9.580  -17.546 7.751   1.00 24.61 ? 100 LYS A CB  1 
ATOM   823  C CG  . LYS A 1 100 ? -8.982  -18.594 6.812   1.00 28.47 ? 100 LYS A CG  1 
ATOM   824  C CD  . LYS A 1 100 ? -8.756  -19.933 7.481   1.00 30.69 ? 100 LYS A CD  1 
ATOM   825  C CE  . LYS A 1 100 ? -8.143  -20.902 6.497   1.00 33.56 ? 100 LYS A CE  1 
ATOM   826  N NZ  . LYS A 1 100 ? -8.002  -22.275 7.050   1.00 36.24 ? 100 LYS A NZ  1 
ATOM   827  N N   . PRO A 1 101 ? -11.673 -15.337 8.330   1.00 25.00 ? 101 PRO A N   1 
ATOM   828  C CA  . PRO A 1 101 ? -12.408 -14.430 9.213   1.00 25.81 ? 101 PRO A CA  1 
ATOM   829  C C   . PRO A 1 101 ? -11.730 -14.007 10.495  1.00 24.98 ? 101 PRO A C   1 
ATOM   830  O O   . PRO A 1 101 ? -11.729 -12.819 10.812  1.00 26.73 ? 101 PRO A O   1 
ATOM   831  C CB  . PRO A 1 101 ? -13.723 -15.158 9.436   1.00 27.60 ? 101 PRO A CB  1 
ATOM   832  C CG  . PRO A 1 101 ? -13.929 -15.831 8.145   1.00 28.40 ? 101 PRO A CG  1 
ATOM   833  C CD  . PRO A 1 101 ? -12.559 -16.410 7.855   1.00 26.38 ? 101 PRO A CD  1 
ATOM   834  N N   . GLY A 1 102 ? -11.142 -14.956 11.220  1.00 24.38 ? 102 GLY A N   1 
ATOM   835  C CA  . GLY A 1 102 ? -10.457 -14.622 12.458  1.00 23.96 ? 102 GLY A CA  1 
ATOM   836  C C   . GLY A 1 102 ? -9.254  -13.733 12.250  1.00 22.98 ? 102 GLY A C   1 
ATOM   837  O O   . GLY A 1 102 ? -9.044  -12.755 12.963  1.00 23.55 ? 102 GLY A O   1 
ATOM   838  N N   . ALA A 1 103 ? -8.451  -14.083 11.259  1.00 22.07 ? 103 ALA A N   1 
ATOM   839  C CA  . ALA A 1 103 ? -7.272  -13.307 10.932  1.00 23.90 ? 103 ALA A CA  1 
ATOM   840  C C   . ALA A 1 103 ? -7.697  -11.936 10.418  1.00 22.77 ? 103 ALA A C   1 
ATOM   841  O O   . ALA A 1 103 ? -7.080  -10.929 10.714  1.00 26.41 ? 103 ALA A O   1 
ATOM   842  C CB  . ALA A 1 103 ? -6.469  -14.040 9.889   1.00 20.56 ? 103 ALA A CB  1 
ATOM   843  N N   . GLU A 1 104 ? -8.787  -11.911 9.664   1.00 24.76 ? 104 GLU A N   1 
ATOM   844  C CA  . GLU A 1 104 ? -9.321  -10.678 9.105   1.00 25.40 ? 104 GLU A CA  1 
ATOM   845  C C   . GLU A 1 104 ? -9.678  -9.693  10.209  1.00 29.12 ? 104 GLU A C   1 
ATOM   846  O O   . GLU A 1 104 ? -9.368  -8.500  10.107  1.00 26.63 ? 104 GLU A O   1 
ATOM   847  C CB  . GLU A 1 104 ? -10.567 -10.961 8.262   1.00 25.22 ? 104 GLU A CB  1 
ATOM   848  C CG  . GLU A 1 104 ? -11.175 -9.730  7.669   1.00 28.31 ? 104 GLU A CG  1 
ATOM   849  C CD  . GLU A 1 104 ? -12.420 -10.023 6.868   1.00 32.41 ? 104 GLU A CD  1 
ATOM   850  O OE1 . GLU A 1 104 ? -12.698 -11.204 6.560   1.00 36.92 ? 104 GLU A OE1 1 
ATOM   851  O OE2 . GLU A 1 104 ? -13.138 -9.056  6.552   1.00 36.89 ? 104 GLU A OE2 1 
ATOM   852  N N   . GLN A 1 105 ? -10.327 -10.193 11.260  1.00 28.23 ? 105 GLN A N   1 
ATOM   853  C CA  . GLN A 1 105 ? -10.728 -9.345  12.377  1.00 28.27 ? 105 GLN A CA  1 
ATOM   854  C C   . GLN A 1 105 ? -9.511  -8.780  13.096  1.00 26.53 ? 105 GLN A C   1 
ATOM   855  O O   . GLN A 1 105 ? -9.462  -7.589  13.410  1.00 29.03 ? 105 GLN A O   1 
ATOM   856  C CB  . GLN A 1 105 ? -11.611 -10.127 13.375  1.00 29.50 ? 105 GLN A CB  1 
ATOM   857  C CG  . GLN A 1 105 ? -11.874 -9.383  14.706  1.00 33.81 ? 105 GLN A CG  1 
ATOM   858  C CD  . GLN A 1 105 ? -12.741 -10.173 15.717  1.00 41.47 ? 105 GLN A CD  1 
ATOM   859  O OE1 . GLN A 1 105 ? -12.337 -11.220 16.237  1.00 45.65 ? 105 GLN A OE1 1 
ATOM   860  N NE2 . GLN A 1 105 ? -13.936 -9.658  15.994  1.00 37.84 ? 105 GLN A NE2 1 
ATOM   861  N N   . SER A 1 106 ? -8.538  -9.643  13.364  1.00 25.28 ? 106 SER A N   1 
ATOM   862  C CA  . SER A 1 106 ? -7.325  -9.251  14.065  1.00 27.48 ? 106 SER A CA  1 
ATOM   863  C C   . SER A 1 106 ? -6.527  -8.226  13.249  1.00 27.62 ? 106 SER A C   1 
ATOM   864  O O   . SER A 1 106 ? -6.027  -7.238  13.797  1.00 26.58 ? 106 SER A O   1 
ATOM   865  C CB  . SER A 1 106 ? -6.465  -10.490 14.312  1.00 28.81 ? 106 SER A CB  1 
ATOM   866  O OG  . SER A 1 106 ? -5.533  -10.307 15.366  1.00 37.36 ? 106 SER A OG  1 
ATOM   867  N N   . PHE A 1 107 ? -6.407  -8.467  11.940  1.00 26.03 ? 107 PHE A N   1 
ATOM   868  C CA  . PHE A 1 107 ? -5.657  -7.585  11.037  1.00 25.08 ? 107 PHE A CA  1 
ATOM   869  C C   . PHE A 1 107 ? -6.277  -6.186  11.016  1.00 24.82 ? 107 PHE A C   1 
ATOM   870  O O   . PHE A 1 107 ? -5.572  -5.174  11.027  1.00 27.09 ? 107 PHE A O   1 
ATOM   871  C CB  . PHE A 1 107 ? -5.650  -8.167  9.618   1.00 23.24 ? 107 PHE A CB  1 
ATOM   872  C CG  . PHE A 1 107 ? -4.724  -7.453  8.672   1.00 21.39 ? 107 PHE A CG  1 
ATOM   873  C CD1 . PHE A 1 107 ? -3.356  -7.661  8.732   1.00 24.01 ? 107 PHE A CD1 1 
ATOM   874  C CD2 . PHE A 1 107 ? -5.217  -6.546  7.743   1.00 23.06 ? 107 PHE A CD2 1 
ATOM   875  C CE1 . PHE A 1 107 ? -2.494  -6.982  7.875   1.00 24.26 ? 107 PHE A CE1 1 
ATOM   876  C CE2 . PHE A 1 107 ? -4.357  -5.857  6.876   1.00 24.21 ? 107 PHE A CE2 1 
ATOM   877  C CZ  . PHE A 1 107 ? -3.003  -6.070  6.944   1.00 22.02 ? 107 PHE A CZ  1 
ATOM   878  N N   . LEU A 1 108 ? -7.604  -6.135  10.998  1.00 24.98 ? 108 LEU A N   1 
ATOM   879  C CA  . LEU A 1 108 ? -8.307  -4.863  10.998  1.00 25.41 ? 108 LEU A CA  1 
ATOM   880  C C   . LEU A 1 108 ? -8.234  -4.159  12.354  1.00 28.06 ? 108 LEU A C   1 
ATOM   881  O O   . LEU A 1 108 ? -8.745  -3.051  12.508  1.00 30.22 ? 108 LEU A O   1 
ATOM   882  C CB  . LEU A 1 108 ? -9.756  -5.064  10.586  1.00 26.25 ? 108 LEU A CB  1 
ATOM   883  C CG  . LEU A 1 108 ? -9.945  -5.555  9.160   1.00 30.06 ? 108 LEU A CG  1 
ATOM   884  C CD1 . LEU A 1 108 ? -11.418 -5.825  8.881   1.00 29.40 ? 108 LEU A CD1 1 
ATOM   885  C CD2 . LEU A 1 108 ? -9.402  -4.508  8.229   1.00 33.61 ? 108 LEU A CD2 1 
ATOM   886  N N   . TYR A 1 109 ? -7.623  -4.820  13.336  1.00 27.64 ? 109 TYR A N   1 
ATOM   887  C CA  . TYR A 1 109 ? -7.406  -4.223  14.645  1.00 29.65 ? 109 TYR A CA  1 
ATOM   888  C C   . TYR A 1 109 ? -5.905  -3.970  14.724  1.00 29.91 ? 109 TYR A C   1 
ATOM   889  O O   . TYR A 1 109 ? -5.379  -3.624  15.767  1.00 30.15 ? 109 TYR A O   1 
ATOM   890  C CB  . TYR A 1 109 ? -7.877  -5.131  15.808  1.00 30.02 ? 109 TYR A CB  1 
ATOM   891  C CG  . TYR A 1 109 ? -9.396  -5.122  16.107  1.00 31.52 ? 109 TYR A CG  1 
ATOM   892  C CD1 . TYR A 1 109 ? -10.157 -3.947  16.010  1.00 34.63 ? 109 TYR A CD1 1 
ATOM   893  C CD2 . TYR A 1 109 ? -10.053 -6.280  16.549  1.00 35.25 ? 109 TYR A CD2 1 
ATOM   894  C CE1 . TYR A 1 109 ? -11.555 -3.927  16.343  1.00 36.77 ? 109 TYR A CE1 1 
ATOM   895  C CE2 . TYR A 1 109 ? -11.439 -6.277  16.894  1.00 35.21 ? 109 TYR A CE2 1 
ATOM   896  C CZ  . TYR A 1 109 ? -12.185 -5.100  16.789  1.00 38.78 ? 109 TYR A CZ  1 
ATOM   897  O OH  . TYR A 1 109 ? -13.541 -5.104  17.107  1.00 36.60 ? 109 TYR A OH  1 
ATOM   898  N N   . GLY A 1 110 ? -5.230  -4.155  13.593  1.00 29.32 ? 110 GLY A N   1 
ATOM   899  C CA  . GLY A 1 110 ? -3.807  -3.894  13.514  1.00 28.86 ? 110 GLY A CA  1 
ATOM   900  C C   . GLY A 1 110 ? -2.877  -5.022  13.901  1.00 27.85 ? 110 GLY A C   1 
ATOM   901  O O   . GLY A 1 110 ? -1.700  -4.775  14.146  1.00 27.69 ? 110 GLY A O   1 
ATOM   902  N N   . ASN A 1 111 ? -3.370  -6.256  13.955  1.00 27.42 ? 111 ASN A N   1 
ATOM   903  C CA  . ASN A 1 111 ? -2.503  -7.374  14.345  1.00 27.91 ? 111 ASN A CA  1 
ATOM   904  C C   . ASN A 1 111 ? -1.994  -8.221  13.190  1.00 27.82 ? 111 ASN A C   1 
ATOM   905  O O   . ASN A 1 111 ? -2.503  -8.140  12.077  1.00 24.90 ? 111 ASN A O   1 
ATOM   906  C CB  . ASN A 1 111 ? -3.217  -8.298  15.337  1.00 30.26 ? 111 ASN A CB  1 
ATOM   907  C CG  . ASN A 1 111 ? -3.448  -7.645  16.677  1.00 31.99 ? 111 ASN A CG  1 
ATOM   908  O OD1 . ASN A 1 111 ? -2.520  -7.125  17.301  1.00 36.12 ? 111 ASN A OD1 1 
ATOM   909  N ND2 . ASN A 1 111 ? -4.690  -7.674  17.133  1.00 34.45 ? 111 ASN A ND2 1 
ATOM   910  N N   . HIS A 1 112 ? -0.998  -9.054  13.476  1.00 26.14 ? 112 HIS A N   1 
ATOM   911  C CA  . HIS A 1 112 ? -0.411  -9.947  12.478  1.00 25.66 ? 112 HIS A CA  1 
ATOM   912  C C   . HIS A 1 112 ? -1.304  -11.120 12.158  1.00 24.64 ? 112 HIS A C   1 
ATOM   913  O O   . HIS A 1 112 ? -2.153  -11.497 12.962  1.00 22.17 ? 112 HIS A O   1 
ATOM   914  C CB  . HIS A 1 112 ? 0.918   -10.480 12.994  1.00 25.95 ? 112 HIS A CB  1 
ATOM   915  C CG  . HIS A 1 112 ? 1.918   -9.398  13.276  1.00 27.90 ? 112 HIS A CG  1 
ATOM   916  N ND1 . HIS A 1 112 ? 2.792   -9.442  14.332  1.00 31.65 ? 112 HIS A ND1 1 
ATOM   917  C CD2 . HIS A 1 112 ? 2.170   -8.242  12.615  1.00 24.63 ? 112 HIS A CD2 1 
ATOM   918  C CE1 . HIS A 1 112 ? 3.554   -8.352  14.317  1.00 31.98 ? 112 HIS A CE1 1 
ATOM   919  N NE2 . HIS A 1 112 ? 3.193   -7.616  13.288  1.00 33.79 ? 112 HIS A NE2 1 
ATOM   920  N N   . VAL A 1 113 ? -1.092  -11.674 10.966  1.00 23.00 ? 113 VAL A N   1 
ATOM   921  C CA  . VAL A 1 113 ? -1.802  -12.838 10.488  1.00 23.12 ? 113 VAL A CA  1 
ATOM   922  C C   . VAL A 1 113 ? -1.034  -14.088 10.903  1.00 23.36 ? 113 VAL A C   1 
ATOM   923  O O   . VAL A 1 113 ? 0.169   -14.247 10.635  1.00 22.87 ? 113 VAL A O   1 
ATOM   924  C CB  . VAL A 1 113 ? -1.907  -12.833 8.962   1.00 22.86 ? 113 VAL A CB  1 
ATOM   925  C CG1 . VAL A 1 113 ? -2.662  -14.066 8.490   1.00 22.98 ? 113 VAL A CG1 1 
ATOM   926  C CG2 . VAL A 1 113 ? -2.591  -11.562 8.511   1.00 26.73 ? 113 VAL A CG2 1 
ATOM   927  N N   . LEU A 1 114 ? -1.740  -14.970 11.593  1.00 22.85 ? 114 LEU A N   1 
ATOM   928  C CA  . LEU A 1 114 ? -1.148  -16.227 11.996  1.00 23.29 ? 114 LEU A CA  1 
ATOM   929  C C   . LEU A 1 114 ? -1.535  -17.293 10.972  1.00 23.99 ? 114 LEU A C   1 
ATOM   930  O O   . LEU A 1 114 ? -2.519  -17.152 10.231  1.00 24.84 ? 114 LEU A O   1 
ATOM   931  C CB  . LEU A 1 114 ? -1.624  -16.628 13.398  1.00 24.61 ? 114 LEU A CB  1 
ATOM   932  C CG  . LEU A 1 114 ? -1.448  -15.593 14.517  1.00 23.54 ? 114 LEU A CG  1 
ATOM   933  C CD1 . LEU A 1 114 ? -1.941  -16.195 15.831  1.00 26.96 ? 114 LEU A CD1 1 
ATOM   934  C CD2 . LEU A 1 114 ? 0.018   -15.158 14.626  1.00 23.09 ? 114 LEU A CD2 1 
ATOM   935  N N   . LYS A 1 115 ? -0.737  -18.353 10.934  1.00 23.18 ? 115 LYS A N   1 
ATOM   936  C CA  . LYS A 1 115 ? -0.924  -19.468 10.013  1.00 23.27 ? 115 LYS A CA  1 
ATOM   937  C C   . LYS A 1 115 ? -2.366  -20.007 9.982   1.00 24.01 ? 115 LYS A C   1 
ATOM   938  O O   . LYS A 1 115 ? -2.916  -20.342 8.913   1.00 22.52 ? 115 LYS A O   1 
ATOM   939  C CB  . LYS A 1 115 ? 0.065   -20.569 10.390  1.00 23.19 ? 115 LYS A CB  1 
ATOM   940  C CG  . LYS A 1 115 ? -0.231  -21.903 9.760   1.00 26.28 ? 115 LYS A CG  1 
ATOM   941  C CD  . LYS A 1 115 ? -0.117  -21.890 8.245   1.00 30.24 ? 115 LYS A CD  1 
ATOM   942  C CE  . LYS A 1 115 ? -0.823  -23.131 7.687   1.00 39.01 ? 115 LYS A CE  1 
ATOM   943  N NZ  . LYS A 1 115 ? -0.167  -23.664 6.466   1.00 43.28 ? 115 LYS A NZ  1 
ATOM   944  N N   . SER A 1 116 ? -2.988  -20.084 11.150  1.00 23.82 ? 116 SER A N   1 
ATOM   945  C CA  . SER A 1 116 ? -4.360  -20.569 11.229  1.00 24.98 ? 116 SER A CA  1 
ATOM   946  C C   . SER A 1 116 ? -5.327  -19.758 10.373  1.00 24.78 ? 116 SER A C   1 
ATOM   947  O O   . SER A 1 116 ? -6.371  -20.264 9.963   1.00 25.46 ? 116 SER A O   1 
ATOM   948  C CB  . SER A 1 116 ? -4.846  -20.568 12.687  1.00 24.14 ? 116 SER A CB  1 
ATOM   949  O OG  . SER A 1 116 ? -4.732  -19.282 13.294  1.00 26.01 ? 116 SER A OG  1 
ATOM   950  N N   . GLY A 1 117 ? -4.973  -18.500 10.120  1.00 24.44 ? 117 GLY A N   1 
ATOM   951  C CA  . GLY A 1 117 ? -5.823  -17.617 9.338   1.00 23.99 ? 117 GLY A CA  1 
ATOM   952  C C   . GLY A 1 117 ? -5.426  -17.473 7.875   1.00 24.53 ? 117 GLY A C   1 
ATOM   953  O O   . GLY A 1 117 ? -6.031  -16.696 7.132   1.00 23.02 ? 117 GLY A O   1 
ATOM   954  N N   . LEU A 1 118 ? -4.423  -18.225 7.443   1.00 24.37 ? 118 LEU A N   1 
ATOM   955  C CA  . LEU A 1 118 ? -3.965  -18.120 6.070   1.00 26.13 ? 118 LEU A CA  1 
ATOM   956  C C   . LEU A 1 118 ? -4.848  -18.951 5.162   1.00 27.09 ? 118 LEU A C   1 
ATOM   957  O O   . LEU A 1 118 ? -4.839  -20.175 5.237   1.00 26.25 ? 118 LEU A O   1 
ATOM   958  C CB  . LEU A 1 118 ? -2.512  -18.600 5.966   1.00 28.53 ? 118 LEU A CB  1 
ATOM   959  C CG  . LEU A 1 118 ? -1.755  -18.359 4.656   1.00 31.08 ? 118 LEU A CG  1 
ATOM   960  C CD1 . LEU A 1 118 ? -1.774  -16.874 4.323   1.00 29.84 ? 118 LEU A CD1 1 
ATOM   961  C CD2 . LEU A 1 118 ? -0.309  -18.870 4.784   1.00 36.00 ? 118 LEU A CD2 1 
ATOM   962  N N   . GLY A 1 119 ? -5.604  -18.276 4.306   1.00 24.92 ? 119 GLY A N   1 
ATOM   963  C CA  . GLY A 1 119 ? -6.472  -18.966 3.376   1.00 26.10 ? 119 GLY A CA  1 
ATOM   964  C C   . GLY A 1 119 ? -5.766  -19.315 2.082   1.00 28.92 ? 119 GLY A C   1 
ATOM   965  O O   . GLY A 1 119 ? -5.902  -20.424 1.586   1.00 27.87 ? 119 GLY A O   1 
ATOM   966  N N   . ARG A 1 120 ? -5.006  -18.373 1.538   1.00 27.89 ? 120 ARG A N   1 
ATOM   967  C CA  . ARG A 1 120 ? -4.286  -18.591 0.290   1.00 29.67 ? 120 ARG A CA  1 
ATOM   968  C C   . ARG A 1 120 ? -3.171  -17.555 0.169   1.00 28.42 ? 120 ARG A C   1 
ATOM   969  O O   . ARG A 1 120 ? -3.324  -16.422 0.632   1.00 25.28 ? 120 ARG A O   1 
ATOM   970  C CB  . ARG A 1 120 ? -5.261  -18.459 -0.879  1.00 31.73 ? 120 ARG A CB  1 
ATOM   971  C CG  . ARG A 1 120 ? -4.665  -18.710 -2.248  1.00 38.86 ? 120 ARG A CG  1 
ATOM   972  C CD  . ARG A 1 120 ? -5.648  -18.274 -3.311  1.00 46.45 ? 120 ARG A CD  1 
ATOM   973  N NE  . ARG A 1 120 ? -4.995  -18.132 -4.601  1.00 52.22 ? 120 ARG A NE  1 
ATOM   974  C CZ  . ARG A 1 120 ? -5.472  -17.379 -5.585  1.00 56.46 ? 120 ARG A CZ  1 
ATOM   975  N NH1 . ARG A 1 120 ? -6.609  -16.705 -5.409  1.00 56.17 ? 120 ARG A NH1 1 
ATOM   976  N NH2 . ARG A 1 120 ? -4.815  -17.297 -6.739  1.00 58.24 ? 120 ARG A NH2 1 
ATOM   977  N N   . ILE A 1 121 ? -2.037  -17.951 -0.401  1.00 26.96 ? 121 ILE A N   1 
ATOM   978  C CA  . ILE A 1 121 ? -0.922  -17.028 -0.599  1.00 28.00 ? 121 ILE A CA  1 
ATOM   979  C C   . ILE A 1 121 ? -0.367  -17.260 -2.007  1.00 29.41 ? 121 ILE A C   1 
ATOM   980  O O   . ILE A 1 121 ? -0.319  -18.396 -2.489  1.00 30.42 ? 121 ILE A O   1 
ATOM   981  C CB  . ILE A 1 121 ? 0.200   -17.236 0.454   1.00 29.19 ? 121 ILE A CB  1 
ATOM   982  C CG1 . ILE A 1 121 ? 1.337   -16.250 0.185   1.00 29.48 ? 121 ILE A CG1 1 
ATOM   983  C CG2 . ILE A 1 121 ? 0.699   -18.669 0.423   1.00 31.50 ? 121 ILE A CG2 1 
ATOM   984  C CD1 . ILE A 1 121 ? 2.342   -16.171 1.264   1.00 35.32 ? 121 ILE A CD1 1 
ATOM   985  N N   . THR A 1 122 ? 0.030   -16.189 -2.681  1.00 29.12 ? 122 THR A N   1 
ATOM   986  C CA  . THR A 1 122 ? 0.564   -16.307 -4.036  1.00 28.70 ? 122 THR A CA  1 
ATOM   987  C C   . THR A 1 122 ? 1.830   -17.175 -4.100  1.00 27.38 ? 122 THR A C   1 
ATOM   988  O O   . THR A 1 122 ? 2.662   -17.140 -3.193  1.00 25.29 ? 122 THR A O   1 
ATOM   989  C CB  . THR A 1 122 ? 0.892   -14.913 -4.615  1.00 29.89 ? 122 THR A CB  1 
ATOM   990  O OG1 . THR A 1 122 ? -0.294  -14.104 -4.617  1.00 25.14 ? 122 THR A OG1 1 
ATOM   991  C CG2 . THR A 1 122 ? 1.425   -15.037 -6.038  1.00 29.19 ? 122 THR A CG2 1 
ATOM   992  N N   . GLU A 1 123 ? 1.974   -17.951 -5.172  1.00 29.27 ? 123 GLU A N   1 
ATOM   993  C CA  . GLU A 1 123 ? 3.156   -18.793 -5.342  1.00 30.35 ? 123 GLU A CA  1 
ATOM   994  C C   . GLU A 1 123 ? 4.412   -17.942 -5.482  1.00 29.13 ? 123 GLU A C   1 
ATOM   995  O O   . GLU A 1 123 ? 4.381   -16.815 -5.994  1.00 30.59 ? 123 GLU A O   1 
ATOM   996  C CB  . GLU A 1 123 ? 2.988   -19.707 -6.565  1.00 33.33 ? 123 GLU A CB  1 
ATOM   997  C CG  . GLU A 1 123 ? 2.172   -20.960 -6.252  1.00 36.54 ? 123 GLU A CG  1 
ATOM   998  C CD  . GLU A 1 123 ? 3.038   -22.141 -5.820  1.00 43.62 ? 123 GLU A CD  1 
ATOM   999  O OE1 . GLU A 1 123 ? 4.163   -21.909 -5.309  1.00 50.63 ? 123 GLU A OE1 1 
ATOM   1000 O OE2 . GLU A 1 123 ? 2.584   -23.300 -5.978  1.00 39.12 ? 123 GLU A OE2 1 
ATOM   1001 N N   . ASN A 1 124 ? 5.512   -18.494 -4.987  1.00 30.31 ? 124 ASN A N   1 
ATOM   1002 C CA  . ASN A 1 124 ? 6.809   -17.849 -5.035  1.00 31.19 ? 124 ASN A CA  1 
ATOM   1003 C C   . ASN A 1 124 ? 6.852   -16.515 -4.312  1.00 29.78 ? 124 ASN A C   1 
ATOM   1004 O O   . ASN A 1 124 ? 7.541   -15.592 -4.743  1.00 27.35 ? 124 ASN A O   1 
ATOM   1005 C CB  . ASN A 1 124 ? 7.302   -17.684 -6.481  1.00 33.82 ? 124 ASN A CB  1 
ATOM   1006 C CG  . ASN A 1 124 ? 8.765   -17.167 -6.569  1.00 34.96 ? 124 ASN A CG  1 
ATOM   1007 O OD1 . ASN A 1 124 ? 9.630   -17.489 -5.729  1.00 43.16 ? 124 ASN A OD1 1 
ATOM   1008 N ND2 . ASN A 1 124 ? 9.033   -16.357 -7.594  1.00 39.72 ? 124 ASN A ND2 1 
ATOM   1009 N N   . THR A 1 125 ? 6.114   -16.411 -3.213  1.00 27.26 ? 125 THR A N   1 
ATOM   1010 C CA  . THR A 1 125 ? 6.220   -15.221 -2.387  1.00 26.91 ? 125 THR A CA  1 
ATOM   1011 C C   . THR A 1 125 ? 7.464   -15.457 -1.527  1.00 26.93 ? 125 THR A C   1 
ATOM   1012 O O   . THR A 1 125 ? 7.510   -16.396 -0.724  1.00 28.36 ? 125 THR A O   1 
ATOM   1013 C CB  . THR A 1 125 ? 5.016   -15.037 -1.434  1.00 25.39 ? 125 THR A CB  1 
ATOM   1014 O OG1 . THR A 1 125 ? 3.832   -14.874 -2.218  1.00 26.10 ? 125 THR A OG1 1 
ATOM   1015 C CG2 . THR A 1 125 ? 5.202   -13.781 -0.553  1.00 25.99 ? 125 THR A CG2 1 
ATOM   1016 N N   . SER A 1 126 ? 8.459   -14.595 -1.678  1.00 27.03 ? 126 SER A N   1 
ATOM   1017 C CA  . SER A 1 126 ? 9.672   -14.726 -0.895  1.00 29.10 ? 126 SER A CA  1 
ATOM   1018 C C   . SER A 1 126 ? 9.469   -14.223 0.520   1.00 28.98 ? 126 SER A C   1 
ATOM   1019 O O   . SER A 1 126 ? 8.547   -13.468 0.779   1.00 27.39 ? 126 SER A O   1 
ATOM   1020 C CB  . SER A 1 126 ? 10.816  -13.958 -1.579  1.00 30.32 ? 126 SER A CB  1 
ATOM   1021 O OG  . SER A 1 126 ? 11.006  -14.446 -2.908  1.00 34.05 ? 126 SER A OG  1 
ATOM   1022 N N   . GLN A 1 127 ? 10.318  -14.664 1.442   1.00 28.89 ? 127 GLN A N   1 
ATOM   1023 C CA  . GLN A 1 127 ? 10.233  -14.188 2.816   1.00 29.78 ? 127 GLN A CA  1 
ATOM   1024 C C   . GLN A 1 127 ? 10.510  -12.685 2.809   1.00 31.46 ? 127 GLN A C   1 
ATOM   1025 O O   . GLN A 1 127 ? 11.404  -12.208 2.101   1.00 29.11 ? 127 GLN A O   1 
ATOM   1026 C CB  . GLN A 1 127 ? 11.249  -14.894 3.717   1.00 32.22 ? 127 GLN A CB  1 
ATOM   1027 C CG  . GLN A 1 127 ? 11.266  -14.366 5.147   1.00 31.05 ? 127 GLN A CG  1 
ATOM   1028 C CD  . GLN A 1 127 ? 12.207  -15.137 6.044   1.00 38.33 ? 127 GLN A CD  1 
ATOM   1029 O OE1 . GLN A 1 127 ? 13.367  -15.332 5.702   1.00 35.49 ? 127 GLN A OE1 1 
ATOM   1030 N NE2 . GLN A 1 127 ? 11.712  -15.579 7.199   1.00 33.44 ? 127 GLN A NE2 1 
ATOM   1031 N N   . TYR A 1 128 ? 9.735   -11.941 3.589   1.00 30.50 ? 128 TYR A N   1 
ATOM   1032 C CA  . TYR A 1 128 ? 9.884   -10.492 3.669   1.00 30.50 ? 128 TYR A CA  1 
ATOM   1033 C C   . TYR A 1 128 ? 9.362   -9.725  2.450   1.00 29.09 ? 128 TYR A C   1 
ATOM   1034 O O   . TYR A 1 128 ? 9.562   -8.521  2.336   1.00 29.44 ? 128 TYR A O   1 
ATOM   1035 C CB  . TYR A 1 128 ? 11.346  -10.116 3.970   1.00 31.70 ? 128 TYR A CB  1 
ATOM   1036 C CG  . TYR A 1 128 ? 11.860  -10.758 5.248   1.00 34.80 ? 128 TYR A CG  1 
ATOM   1037 C CD1 . TYR A 1 128 ? 11.030  -10.888 6.365   1.00 38.52 ? 128 TYR A CD1 1 
ATOM   1038 C CD2 . TYR A 1 128 ? 13.169  -11.216 5.349   1.00 39.25 ? 128 TYR A CD2 1 
ATOM   1039 C CE1 . TYR A 1 128 ? 11.483  -11.453 7.537   1.00 40.97 ? 128 TYR A CE1 1 
ATOM   1040 C CE2 . TYR A 1 128 ? 13.642  -11.783 6.537   1.00 42.11 ? 128 TYR A CE2 1 
ATOM   1041 C CZ  . TYR A 1 128 ? 12.784  -11.900 7.625   1.00 43.44 ? 128 TYR A CZ  1 
ATOM   1042 O OH  . TYR A 1 128 ? 13.190  -12.488 8.802   1.00 45.07 ? 128 TYR A OH  1 
ATOM   1043 N N   . GLN A 1 129 ? 8.677   -10.413 1.549   1.00 28.08 ? 129 GLN A N   1 
ATOM   1044 C CA  . GLN A 1 129 ? 8.091   -9.757  0.383   1.00 26.28 ? 129 GLN A CA  1 
ATOM   1045 C C   . GLN A 1 129 ? 6.879   -8.913  0.836   1.00 27.33 ? 129 GLN A C   1 
ATOM   1046 O O   . GLN A 1 129 ? 6.080   -9.365  1.669   1.00 25.22 ? 129 GLN A O   1 
ATOM   1047 C CB  . GLN A 1 129 ? 7.622   -10.835 -0.615  1.00 26.13 ? 129 GLN A CB  1 
ATOM   1048 C CG  . GLN A 1 129 ? 6.706   -10.380 -1.757  1.00 23.44 ? 129 GLN A CG  1 
ATOM   1049 C CD  . GLN A 1 129 ? 7.401   -9.477  -2.776  1.00 30.58 ? 129 GLN A CD  1 
ATOM   1050 O OE1 . GLN A 1 129 ? 8.406   -9.863  -3.365  1.00 26.26 ? 129 GLN A OE1 1 
ATOM   1051 N NE2 . GLN A 1 129 ? 6.863   -8.272  -2.982  1.00 22.92 ? 129 GLN A NE2 1 
ATOM   1052 N N   . GLY A 1 130 ? 6.759   -7.696  0.297   1.00 24.90 ? 130 GLY A N   1 
ATOM   1053 C CA  . GLY A 1 130 ? 5.605   -6.859  0.581   1.00 24.25 ? 130 GLY A CA  1 
ATOM   1054 C C   . GLY A 1 130 ? 4.368   -7.472  -0.072  1.00 24.41 ? 130 GLY A C   1 
ATOM   1055 O O   . GLY A 1 130 ? 4.351   -7.765  -1.270  1.00 24.26 ? 130 GLY A O   1 
ATOM   1056 N N   . VAL A 1 131 ? 3.326   -7.705  0.712   1.00 22.06 ? 131 VAL A N   1 
ATOM   1057 C CA  . VAL A 1 131 ? 2.114   -8.284  0.140   1.00 20.75 ? 131 VAL A CA  1 
ATOM   1058 C C   . VAL A 1 131 ? 0.895   -7.425  0.402   1.00 20.33 ? 131 VAL A C   1 
ATOM   1059 O O   . VAL A 1 131 ? 0.887   -6.595  1.302   1.00 21.81 ? 131 VAL A O   1 
ATOM   1060 C CB  . VAL A 1 131 ? 1.817   -9.689  0.747   1.00 21.95 ? 131 VAL A CB  1 
ATOM   1061 C CG1 . VAL A 1 131 ? 2.927   -10.647 0.399   1.00 23.30 ? 131 VAL A CG1 1 
ATOM   1062 C CG2 . VAL A 1 131 ? 1.661   -9.557  2.256   1.00 22.37 ? 131 VAL A CG2 1 
ATOM   1063 N N   . VAL A 1 132 ? -0.125  -7.613  -0.423  1.00 22.41 ? 132 VAL A N   1 
ATOM   1064 C CA  . VAL A 1 132 ? -1.395  -6.960  -0.178  1.00 23.07 ? 132 VAL A CA  1 
ATOM   1065 C C   . VAL A 1 132 ? -2.274  -8.062  0.427   1.00 23.37 ? 132 VAL A C   1 
ATOM   1066 O O   . VAL A 1 132 ? -2.365  -9.181  -0.087  1.00 22.24 ? 132 VAL A O   1 
ATOM   1067 C CB  . VAL A 1 132 ? -2.039  -6.370  -1.453  1.00 24.50 ? 132 VAL A CB  1 
ATOM   1068 C CG1 . VAL A 1 132 ? -3.468  -5.882  -1.139  1.00 23.39 ? 132 VAL A CG1 1 
ATOM   1069 C CG2 . VAL A 1 132 ? -1.220  -5.186  -1.938  1.00 24.46 ? 132 VAL A CG2 1 
ATOM   1070 N N   . VAL A 1 133 ? -2.870  -7.735  1.564   1.00 23.62 ? 133 VAL A N   1 
ATOM   1071 C CA  . VAL A 1 133 ? -3.706  -8.653  2.315   1.00 21.79 ? 133 VAL A CA  1 
ATOM   1072 C C   . VAL A 1 133 ? -5.175  -8.508  1.906   1.00 21.05 ? 133 VAL A C   1 
ATOM   1073 O O   . VAL A 1 133 ? -5.685  -7.389  1.776   1.00 23.06 ? 133 VAL A O   1 
ATOM   1074 C CB  . VAL A 1 133 ? -3.510  -8.356  3.812   1.00 21.35 ? 133 VAL A CB  1 
ATOM   1075 C CG1 . VAL A 1 133 ? -4.378  -9.263  4.672   1.00 22.50 ? 133 VAL A CG1 1 
ATOM   1076 C CG2 . VAL A 1 133 ? -2.010  -8.480  4.167   1.00 22.29 ? 133 VAL A CG2 1 
ATOM   1077 N N   . TYR A 1 134 ? -5.831  -9.647  1.673   1.00 19.79 ? 134 TYR A N   1 
ATOM   1078 C CA  . TYR A 1 134 ? -7.230  -9.701  1.260   1.00 21.67 ? 134 TYR A CA  1 
ATOM   1079 C C   . TYR A 1 134 ? -8.071  -10.609 2.173   1.00 23.25 ? 134 TYR A C   1 
ATOM   1080 O O   . TYR A 1 134 ? -7.555  -11.485 2.872   1.00 22.22 ? 134 TYR A O   1 
ATOM   1081 C CB  . TYR A 1 134 ? -7.344  -10.291 -0.149  1.00 20.42 ? 134 TYR A CB  1 
ATOM   1082 C CG  . TYR A 1 134 ? -6.744  -9.482  -1.263  1.00 25.02 ? 134 TYR A CG  1 
ATOM   1083 C CD1 . TYR A 1 134 ? -7.556  -8.744  -2.126  1.00 27.76 ? 134 TYR A CD1 1 
ATOM   1084 C CD2 . TYR A 1 134 ? -5.368  -9.465  -1.468  1.00 23.35 ? 134 TYR A CD2 1 
ATOM   1085 C CE1 . TYR A 1 134 ? -7.019  -8.017  -3.167  1.00 30.25 ? 134 TYR A CE1 1 
ATOM   1086 C CE2 . TYR A 1 134 ? -4.808  -8.731  -2.518  1.00 26.51 ? 134 TYR A CE2 1 
ATOM   1087 C CZ  . TYR A 1 134 ? -5.642  -8.009  -3.358  1.00 28.10 ? 134 TYR A CZ  1 
ATOM   1088 O OH  . TYR A 1 134 ? -5.092  -7.272  -4.374  1.00 34.04 ? 134 TYR A OH  1 
ATOM   1089 N N   . SER A 1 135 ? -9.382  -10.398 2.141   1.00 23.59 ? 135 SER A N   1 
ATOM   1090 C CA  . SER A 1 135 ? -10.314 -11.256 2.872   1.00 25.23 ? 135 SER A CA  1 
ATOM   1091 C C   . SER A 1 135 ? -10.607 -12.427 1.929   1.00 26.20 ? 135 SER A C   1 
ATOM   1092 O O   . SER A 1 135 ? -10.191 -12.428 0.766   1.00 25.12 ? 135 SER A O   1 
ATOM   1093 C CB  . SER A 1 135 ? -11.633 -10.533 3.156   1.00 25.13 ? 135 SER A CB  1 
ATOM   1094 O OG  . SER A 1 135 ? -12.388 -10.419 1.960   1.00 25.16 ? 135 SER A OG  1 
ATOM   1095 N N   . MET A 1 136 ? -11.338 -13.417 2.420   1.00 26.16 ? 136 MET A N   1 
ATOM   1096 C CA  . MET A 1 136 ? -11.663 -14.543 1.574   1.00 28.67 ? 136 MET A CA  1 
ATOM   1097 C C   . MET A 1 136 ? -12.638 -14.130 0.491   1.00 30.35 ? 136 MET A C   1 
ATOM   1098 O O   . MET A 1 136 ? -12.834 -14.850 -0.473  1.00 30.25 ? 136 MET A O   1 
ATOM   1099 C CB  . MET A 1 136 ? -12.226 -15.706 2.384   1.00 28.64 ? 136 MET A CB  1 
ATOM   1100 C CG  . MET A 1 136 ? -11.240 -16.347 3.289   1.00 32.66 ? 136 MET A CG  1 
ATOM   1101 S SD  . MET A 1 136 ? -9.732  -16.782 2.501   1.00 47.23 ? 136 MET A SD  1 
ATOM   1102 C CE  . MET A 1 136 ? -10.145 -18.318 1.845   1.00 42.99 ? 136 MET A CE  1 
ATOM   1103 N N   . ALA A 1 137 ? -13.222 -12.949 0.633   1.00 31.40 ? 137 ALA A N   1 
ATOM   1104 C CA  . ALA A 1 137 ? -14.152 -12.458 -0.369  1.00 34.61 ? 137 ALA A CA  1 
ATOM   1105 C C   . ALA A 1 137 ? -13.403 -11.581 -1.374  1.00 34.29 ? 137 ALA A C   1 
ATOM   1106 O O   . ALA A 1 137 ? -14.002 -10.839 -2.145  1.00 34.90 ? 137 ALA A O   1 
ATOM   1107 C CB  . ALA A 1 137 ? -15.285 -11.674 0.303   1.00 33.71 ? 137 ALA A CB  1 
ATOM   1108 N N   . ASP A 1 138 ? -12.083 -11.659 -1.346  1.00 34.01 ? 138 ASP A N   1 
ATOM   1109 C CA  . ASP A 1 138 ? -11.258 -10.897 -2.264  1.00 34.53 ? 138 ASP A CA  1 
ATOM   1110 C C   . ASP A 1 138 ? -11.315 -9.383  -2.053  1.00 33.52 ? 138 ASP A C   1 
ATOM   1111 O O   . ASP A 1 138 ? -11.173 -8.613  -2.998  1.00 32.69 ? 138 ASP A O   1 
ATOM   1112 C CB  . ASP A 1 138 ? -11.641 -11.236 -3.710  1.00 36.76 ? 138 ASP A CB  1 
ATOM   1113 C CG  . ASP A 1 138 ? -10.437 -11.386 -4.601  1.00 42.23 ? 138 ASP A CG  1 
ATOM   1114 O OD1 . ASP A 1 138 ? -10.599 -11.376 -5.843  1.00 47.45 ? 138 ASP A OD1 1 
ATOM   1115 O OD2 . ASP A 1 138 ? -9.320  -11.513 -4.051  1.00 41.78 ? 138 ASP A OD2 1 
ATOM   1116 N N   . ILE A 1 139 ? -11.512 -8.951  -0.816  1.00 31.26 ? 139 ILE A N   1 
ATOM   1117 C CA  . ILE A 1 139 ? -11.553 -7.525  -0.514  1.00 29.57 ? 139 ILE A CA  1 
ATOM   1118 C C   . ILE A 1 139 ? -10.221 -7.061  0.058   1.00 28.49 ? 139 ILE A C   1 
ATOM   1119 O O   . ILE A 1 139 ? -9.715  -7.665  1.005   1.00 26.12 ? 139 ILE A O   1 
ATOM   1120 C CB  . ILE A 1 139 ? -12.633 -7.223  0.523   1.00 31.54 ? 139 ILE A CB  1 
ATOM   1121 C CG1 . ILE A 1 139 ? -13.975 -7.762  0.039   1.00 33.30 ? 139 ILE A CG1 1 
ATOM   1122 C CG2 . ILE A 1 139 ? -12.703 -5.707  0.802   1.00 30.72 ? 139 ILE A CG2 1 
ATOM   1123 C CD1 . ILE A 1 139 ? -15.060 -7.482  1.012   1.00 35.79 ? 139 ILE A CD1 1 
ATOM   1124 N N   . PRO A 1 140 ? -9.626  -5.994  -0.514  1.00 27.77 ? 140 PRO A N   1 
ATOM   1125 C CA  . PRO A 1 140 ? -8.342  -5.523  0.017   1.00 27.99 ? 140 PRO A CA  1 
ATOM   1126 C C   . PRO A 1 140 ? -8.488  -5.021  1.453   1.00 27.13 ? 140 PRO A C   1 
ATOM   1127 O O   . PRO A 1 140 ? -9.371  -4.207  1.727   1.00 28.02 ? 140 PRO A O   1 
ATOM   1128 C CB  . PRO A 1 140 ? -7.956  -4.398  -0.951  1.00 27.98 ? 140 PRO A CB  1 
ATOM   1129 C CG  . PRO A 1 140 ? -8.663  -4.753  -2.207  1.00 28.97 ? 140 PRO A CG  1 
ATOM   1130 C CD  . PRO A 1 140 ? -10.010 -5.213  -1.701  1.00 31.12 ? 140 PRO A CD  1 
ATOM   1131 N N   . LEU A 1 141 ? -7.624  -5.496  2.354   1.00 24.42 ? 141 LEU A N   1 
ATOM   1132 C CA  . LEU A 1 141 ? -7.678  -5.088  3.763   1.00 23.17 ? 141 LEU A CA  1 
ATOM   1133 C C   . LEU A 1 141 ? -6.473  -4.245  4.192   1.00 22.40 ? 141 LEU A C   1 
ATOM   1134 O O   . LEU A 1 141 ? -6.537  -3.519  5.184   1.00 24.13 ? 141 LEU A O   1 
ATOM   1135 C CB  . LEU A 1 141 ? -7.768  -6.313  4.691   1.00 22.95 ? 141 LEU A CB  1 
ATOM   1136 C CG  . LEU A 1 141 ? -8.819  -7.385  4.384   1.00 24.04 ? 141 LEU A CG  1 
ATOM   1137 C CD1 . LEU A 1 141 ? -8.665  -8.553  5.357   1.00 24.66 ? 141 LEU A CD1 1 
ATOM   1138 C CD2 . LEU A 1 141 ? -10.219 -6.787  4.449   1.00 26.74 ? 141 LEU A CD2 1 
ATOM   1139 N N   . GLY A 1 142 ? -5.371  -4.357  3.455   1.00 21.95 ? 142 GLY A N   1 
ATOM   1140 C CA  . GLY A 1 142 ? -4.180  -3.608  3.801   1.00 20.88 ? 142 GLY A CA  1 
ATOM   1141 C C   . GLY A 1 142 ? -2.865  -4.156  3.288   1.00 19.91 ? 142 GLY A C   1 
ATOM   1142 O O   . GLY A 1 142 ? -2.811  -4.999  2.398   1.00 22.36 ? 142 GLY A O   1 
ATOM   1143 N N   . PHE A 1 143 ? -1.795  -3.663  3.890   1.00 21.99 ? 143 PHE A N   1 
ATOM   1144 C CA  . PHE A 1 143 ? -0.447  -4.038  3.520   1.00 23.60 ? 143 PHE A CA  1 
ATOM   1145 C C   . PHE A 1 143 ? 0.230   -4.857  4.593   1.00 24.22 ? 143 PHE A C   1 
ATOM   1146 O O   . PHE A 1 143 ? 0.069   -4.597  5.786   1.00 23.87 ? 143 PHE A O   1 
ATOM   1147 C CB  . PHE A 1 143 ? 0.398   -2.782  3.273   1.00 25.46 ? 143 PHE A CB  1 
ATOM   1148 C CG  . PHE A 1 143 ? -0.113  -1.894  2.177   1.00 22.87 ? 143 PHE A CG  1 
ATOM   1149 C CD1 . PHE A 1 143 ? -0.219  -2.373  0.869   1.00 24.07 ? 143 PHE A CD1 1 
ATOM   1150 C CD2 . PHE A 1 143 ? -0.538  -0.601  2.450   1.00 28.85 ? 143 PHE A CD2 1 
ATOM   1151 C CE1 . PHE A 1 143 ? -0.687  -1.546  -0.175  1.00 21.89 ? 143 PHE A CE1 1 
ATOM   1152 C CE2 . PHE A 1 143 ? -1.005  0.223   1.423   1.00 22.50 ? 143 PHE A CE2 1 
ATOM   1153 C CZ  . PHE A 1 143 ? -1.105  -0.264  0.109   1.00 24.47 ? 143 PHE A CZ  1 
ATOM   1154 N N   . GLY A 1 144 ? 1.008   -5.839  4.158   1.00 24.35 ? 144 GLY A N   1 
ATOM   1155 C CA  . GLY A 1 144 ? 1.735   -6.667  5.093   1.00 24.87 ? 144 GLY A CA  1 
ATOM   1156 C C   . GLY A 1 144 ? 3.058   -7.126  4.510   1.00 23.72 ? 144 GLY A C   1 
ATOM   1157 O O   . GLY A 1 144 ? 3.395   -6.832  3.360   1.00 22.88 ? 144 GLY A O   1 
ATOM   1158 N N   . VAL A 1 145 ? 3.823   -7.845  5.315   1.00 22.80 ? 145 VAL A N   1 
ATOM   1159 C CA  . VAL A 1 145 ? 5.086   -8.388  4.862   1.00 23.64 ? 145 VAL A CA  1 
ATOM   1160 C C   . VAL A 1 145 ? 5.095   -9.875  5.196   1.00 23.78 ? 145 VAL A C   1 
ATOM   1161 O O   . VAL A 1 145 ? 4.830   -10.252 6.335   1.00 24.47 ? 145 VAL A O   1 
ATOM   1162 C CB  . VAL A 1 145 ? 6.241   -7.701  5.573   1.00 24.70 ? 145 VAL A CB  1 
ATOM   1163 C CG1 . VAL A 1 145 ? 7.557   -8.389  5.229   1.00 27.02 ? 145 VAL A CG1 1 
ATOM   1164 C CG2 . VAL A 1 145 ? 6.277   -6.235  5.188   1.00 28.18 ? 145 VAL A CG2 1 
ATOM   1165 N N   . ALA A 1 146 ? 5.373   -10.710 4.195   1.00 23.72 ? 146 ALA A N   1 
ATOM   1166 C CA  . ALA A 1 146 ? 5.429   -12.171 4.370   1.00 25.13 ? 146 ALA A CA  1 
ATOM   1167 C C   . ALA A 1 146 ? 6.509   -12.578 5.386   1.00 26.50 ? 146 ALA A C   1 
ATOM   1168 O O   . ALA A 1 146 ? 7.691   -12.239 5.225   1.00 25.33 ? 146 ALA A O   1 
ATOM   1169 C CB  . ALA A 1 146 ? 5.694   -12.833 3.025   1.00 25.53 ? 146 ALA A CB  1 
ATOM   1170 N N   . ALA A 1 147 ? 6.107   -13.283 6.441   1.00 27.61 ? 147 ALA A N   1 
ATOM   1171 C CA  . ALA A 1 147 ? 7.060   -13.689 7.468   1.00 29.09 ? 147 ALA A CA  1 
ATOM   1172 C C   . ALA A 1 147 ? 7.855   -14.917 7.038   1.00 28.88 ? 147 ALA A C   1 
ATOM   1173 O O   . ALA A 1 147 ? 8.925   -15.194 7.570   1.00 33.07 ? 147 ALA A O   1 
ATOM   1174 C CB  . ALA A 1 147 ? 6.327   -13.961 8.776   1.00 30.77 ? 147 ALA A CB  1 
ATOM   1175 N N   . LYS A 1 148 ? 7.319   -15.654 6.075   1.00 29.70 ? 148 LYS A N   1 
ATOM   1176 C CA  . LYS A 1 148 ? 7.974   -16.849 5.565   1.00 30.99 ? 148 LYS A CA  1 
ATOM   1177 C C   . LYS A 1 148 ? 7.689   -16.906 4.087   1.00 29.74 ? 148 LYS A C   1 
ATOM   1178 O O   . LYS A 1 148 ? 6.826   -16.188 3.596   1.00 28.86 ? 148 LYS A O   1 
ATOM   1179 C CB  . LYS A 1 148 ? 7.363   -18.097 6.189   1.00 31.47 ? 148 LYS A CB  1 
ATOM   1180 C CG  . LYS A 1 148 ? 7.305   -18.067 7.679   1.00 36.91 ? 148 LYS A CG  1 
ATOM   1181 C CD  . LYS A 1 148 ? 8.255   -19.062 8.274   1.00 44.84 ? 148 LYS A CD  1 
ATOM   1182 C CE  . LYS A 1 148 ? 9.604   -18.445 8.489   1.00 46.82 ? 148 LYS A CE  1 
ATOM   1183 N NZ  . LYS A 1 148 ? 10.187  -19.048 9.712   1.00 45.95 ? 148 LYS A NZ  1 
ATOM   1184 N N   . SER A 1 149 ? 8.407   -17.757 3.369   1.00 29.81 ? 149 SER A N   1 
ATOM   1185 C CA  . SER A 1 149 ? 8.115   -17.926 1.953   1.00 26.87 ? 149 SER A CA  1 
ATOM   1186 C C   . SER A 1 149 ? 6.821   -18.750 1.818   1.00 27.01 ? 149 SER A C   1 
ATOM   1187 O O   . SER A 1 149 ? 6.328   -19.332 2.783   1.00 27.69 ? 149 SER A O   1 
ATOM   1188 C CB  . SER A 1 149 ? 9.262   -18.673 1.268   1.00 29.41 ? 149 SER A CB  1 
ATOM   1189 O OG  . SER A 1 149 ? 9.274   -20.024 1.715   1.00 27.88 ? 149 SER A OG  1 
ATOM   1190 N N   . THR A 1 150 ? 6.292   -18.816 0.607   1.00 25.71 ? 150 THR A N   1 
ATOM   1191 C CA  . THR A 1 150 ? 5.098   -19.595 0.360   1.00 28.52 ? 150 THR A CA  1 
ATOM   1192 C C   . THR A 1 150 ? 5.278   -21.037 0.847   1.00 30.46 ? 150 THR A C   1 
ATOM   1193 O O   . THR A 1 150 ? 4.458   -21.548 1.604   1.00 29.81 ? 150 THR A O   1 
ATOM   1194 C CB  . THR A 1 150 ? 4.780   -19.612 -1.129  1.00 27.45 ? 150 THR A CB  1 
ATOM   1195 O OG1 . THR A 1 150 ? 4.532   -18.275 -1.576  1.00 29.77 ? 150 THR A OG1 1 
ATOM   1196 C CG2 . THR A 1 150 ? 3.566   -20.477 -1.412  1.00 29.74 ? 150 THR A CG2 1 
ATOM   1197 N N   . GLN A 1 151 ? 6.358   -21.689 0.418   1.00 30.91 ? 151 GLN A N   1 
ATOM   1198 C CA  . GLN A 1 151 ? 6.625   -23.069 0.824   1.00 31.11 ? 151 GLN A CA  1 
ATOM   1199 C C   . GLN A 1 151 ? 6.711   -23.213 2.329   1.00 30.73 ? 151 GLN A C   1 
ATOM   1200 O O   . GLN A 1 151 ? 6.143   -24.142 2.899   1.00 29.96 ? 151 GLN A O   1 
ATOM   1201 C CB  . GLN A 1 151 ? 7.925   -23.596 0.192   1.00 31.52 ? 151 GLN A CB  1 
ATOM   1202 C CG  . GLN A 1 151 ? 7.762   -24.078 -1.231  1.00 34.90 ? 151 GLN A CG  1 
ATOM   1203 C CD  . GLN A 1 151 ? 9.040   -24.703 -1.782  1.00 40.46 ? 151 GLN A CD  1 
ATOM   1204 O OE1 . GLN A 1 151 ? 10.094  -24.657 -1.136  1.00 36.82 ? 151 GLN A OE1 1 
ATOM   1205 N NE2 . GLN A 1 151 ? 8.953   -25.283 -2.982  1.00 38.51 ? 151 GLN A NE2 1 
ATOM   1206 N N   . ASP A 1 152 ? 7.447   -22.318 2.974   1.00 29.84 ? 152 ASP A N   1 
ATOM   1207 C CA  . ASP A 1 152 ? 7.562   -22.391 4.419   1.00 31.18 ? 152 ASP A CA  1 
ATOM   1208 C C   . ASP A 1 152 ? 6.259   -22.120 5.147   1.00 32.09 ? 152 ASP A C   1 
ATOM   1209 O O   . ASP A 1 152 ? 6.067   -22.638 6.246   1.00 31.44 ? 152 ASP A O   1 
ATOM   1210 C CB  . ASP A 1 152 ? 8.626   -21.439 4.932   1.00 32.69 ? 152 ASP A CB  1 
ATOM   1211 C CG  . ASP A 1 152 ? 10.024  -21.932 4.639   1.00 37.76 ? 152 ASP A CG  1 
ATOM   1212 O OD1 . ASP A 1 152 ? 10.157  -22.992 3.990   1.00 40.84 ? 152 ASP A OD1 1 
ATOM   1213 O OD2 . ASP A 1 152 ? 10.998  -21.250 5.018   1.00 34.93 ? 152 ASP A OD2 1 
ATOM   1214 N N   . CYS A 1 153 ? 5.374   -21.310 4.559   1.00 31.38 ? 153 CYS A N   1 
ATOM   1215 C CA  . CYS A 1 153 ? 4.081   -21.027 5.174   1.00 30.87 ? 153 CYS A CA  1 
ATOM   1216 C C   . CYS A 1 153 ? 3.290   -22.310 5.361   1.00 32.99 ? 153 CYS A C   1 
ATOM   1217 O O   . CYS A 1 153 ? 2.564   -22.436 6.341   1.00 33.87 ? 153 CYS A O   1 
ATOM   1218 C CB  . CYS A 1 153 ? 3.265   -20.042 4.328   1.00 31.92 ? 153 CYS A CB  1 
ATOM   1219 S SG  . CYS A 1 153 ? 3.716   -18.319 4.609   1.00 32.40 ? 153 CYS A SG  1 
ATOM   1220 N N   . ARG A 1 154 ? 3.425   -23.252 4.429   1.00 34.25 ? 154 ARG A N   1 
ATOM   1221 C CA  . ARG A 1 154 ? 2.715   -24.527 4.523   1.00 35.87 ? 154 ARG A CA  1 
ATOM   1222 C C   . ARG A 1 154 ? 3.211   -25.353 5.689   1.00 34.69 ? 154 ARG A C   1 
ATOM   1223 O O   . ARG A 1 154 ? 2.481   -26.201 6.201   1.00 35.28 ? 154 ARG A O   1 
ATOM   1224 C CB  . ARG A 1 154 ? 2.892   -25.362 3.245   1.00 36.66 ? 154 ARG A CB  1 
ATOM   1225 C CG  . ARG A 1 154 ? 2.222   -24.750 2.039   1.00 45.19 ? 154 ARG A CG  1 
ATOM   1226 C CD  . ARG A 1 154 ? 2.489   -25.520 0.754   1.00 52.23 ? 154 ARG A CD  1 
ATOM   1227 N NE  . ARG A 1 154 ? 1.721   -26.761 0.640   1.00 59.53 ? 154 ARG A NE  1 
ATOM   1228 C CZ  . ARG A 1 154 ? 2.110   -27.946 1.116   1.00 66.62 ? 154 ARG A CZ  1 
ATOM   1229 N NH1 . ARG A 1 154 ? 3.272   -28.073 1.755   1.00 69.21 ? 154 ARG A NH1 1 
ATOM   1230 N NH2 . ARG A 1 154 ? 1.340   -29.019 0.937   1.00 69.85 ? 154 ARG A NH2 1 
ATOM   1231 N N   . LYS A 1 155 ? 4.432   -25.077 6.135   1.00 33.57 ? 155 LYS A N   1 
ATOM   1232 C CA  . LYS A 1 155 ? 5.052   -25.877 7.183   1.00 34.89 ? 155 LYS A CA  1 
ATOM   1233 C C   . LYS A 1 155 ? 5.115   -25.347 8.612   1.00 35.04 ? 155 LYS A C   1 
ATOM   1234 O O   . LYS A 1 155 ? 5.633   -26.050 9.495   1.00 33.77 ? 155 LYS A O   1 
ATOM   1235 C CB  . LYS A 1 155 ? 6.479   -26.235 6.745   1.00 35.84 ? 155 LYS A CB  1 
ATOM   1236 C CG  . LYS A 1 155 ? 6.577   -26.762 5.322   1.00 37.52 ? 155 LYS A CG  1 
ATOM   1237 C CD  . LYS A 1 155 ? 5.557   -27.862 5.098   1.00 41.73 ? 155 LYS A CD  1 
ATOM   1238 C CE  . LYS A 1 155 ? 5.782   -28.602 3.790   1.00 44.41 ? 155 LYS A CE  1 
ATOM   1239 N NZ  . LYS A 1 155 ? 4.854   -29.770 3.649   1.00 43.27 ? 155 LYS A NZ  1 
ATOM   1240 N N   . VAL A 1 156 ? 4.620   -24.142 8.879   1.00 31.70 ? 156 VAL A N   1 
ATOM   1241 C CA  . VAL A 1 156 ? 4.722   -23.648 10.244  1.00 32.50 ? 156 VAL A CA  1 
ATOM   1242 C C   . VAL A 1 156 ? 3.520   -24.034 11.088  1.00 30.64 ? 156 VAL A C   1 
ATOM   1243 O O   . VAL A 1 156 ? 2.475   -24.415 10.568  1.00 30.50 ? 156 VAL A O   1 
ATOM   1244 C CB  . VAL A 1 156 ? 4.887   -22.120 10.293  1.00 33.19 ? 156 VAL A CB  1 
ATOM   1245 C CG1 . VAL A 1 156 ? 6.162   -21.693 9.556   1.00 35.21 ? 156 VAL A CG1 1 
ATOM   1246 C CG2 . VAL A 1 156 ? 3.655   -21.465 9.707   1.00 33.47 ? 156 VAL A CG2 1 
ATOM   1247 N N   . ASP A 1 157 ? 3.662   -23.917 12.399  1.00 31.52 ? 157 ASP A N   1 
ATOM   1248 C CA  . ASP A 1 157 ? 2.560   -24.278 13.274  1.00 31.95 ? 157 ASP A CA  1 
ATOM   1249 C C   . ASP A 1 157 ? 1.459   -23.220 13.172  1.00 32.00 ? 157 ASP A C   1 
ATOM   1250 O O   . ASP A 1 157 ? 1.720   -22.068 12.794  1.00 29.30 ? 157 ASP A O   1 
ATOM   1251 C CB  . ASP A 1 157 ? 3.045   -24.486 14.733  1.00 35.16 ? 157 ASP A CB  1 
ATOM   1252 C CG  . ASP A 1 157 ? 2.777   -23.303 15.631  1.00 39.35 ? 157 ASP A CG  1 
ATOM   1253 O OD1 . ASP A 1 157 ? 3.652   -22.412 15.655  1.00 48.37 ? 157 ASP A OD1 1 
ATOM   1254 O OD2 . ASP A 1 157 ? 1.716   -23.268 16.316  1.00 44.22 ? 157 ASP A OD2 1 
ATOM   1255 N N   . PRO A 1 158 ? 0.203   -23.620 13.458  1.00 32.15 ? 158 PRO A N   1 
ATOM   1256 C CA  . PRO A 1 158 ? -0.984  -22.762 13.416  1.00 30.06 ? 158 PRO A CA  1 
ATOM   1257 C C   . PRO A 1 158 ? -0.797  -21.405 14.094  1.00 28.89 ? 158 PRO A C   1 
ATOM   1258 O O   . PRO A 1 158 ? -1.349  -20.406 13.640  1.00 27.30 ? 158 PRO A O   1 
ATOM   1259 C CB  . PRO A 1 158 ? -2.040  -23.603 14.142  1.00 30.06 ? 158 PRO A CB  1 
ATOM   1260 C CG  . PRO A 1 158 ? -1.671  -24.990 13.766  1.00 33.27 ? 158 PRO A CG  1 
ATOM   1261 C CD  . PRO A 1 158 ? -0.159  -24.971 13.940  1.00 32.79 ? 158 PRO A CD  1 
ATOM   1262 N N   . MET A 1 159 ? -0.026  -21.374 15.178  1.00 27.89 ? 159 MET A N   1 
ATOM   1263 C CA  . MET A 1 159 ? 0.159   -20.141 15.945  1.00 27.76 ? 159 MET A CA  1 
ATOM   1264 C C   . MET A 1 159 ? 1.276   -19.223 15.431  1.00 27.10 ? 159 MET A C   1 
ATOM   1265 O O   . MET A 1 159 ? 1.452   -18.121 15.960  1.00 27.54 ? 159 MET A O   1 
ATOM   1266 C CB  . MET A 1 159 ? 0.418   -20.485 17.428  1.00 29.96 ? 159 MET A CB  1 
ATOM   1267 C CG  . MET A 1 159 ? -0.675  -21.305 18.064  1.00 34.50 ? 159 MET A CG  1 
ATOM   1268 S SD  . MET A 1 159 ? -0.366  -21.604 19.795  1.00 48.85 ? 159 MET A SD  1 
ATOM   1269 C CE  . MET A 1 159 ? -0.065  -20.016 20.387  1.00 42.70 ? 159 MET A CE  1 
ATOM   1270 N N   . ALA A 1 160 ? 2.022   -19.663 14.412  1.00 26.39 ? 160 ALA A N   1 
ATOM   1271 C CA  . ALA A 1 160 ? 3.146   -18.878 13.877  1.00 27.18 ? 160 ALA A CA  1 
ATOM   1272 C C   . ALA A 1 160 ? 2.670   -17.732 13.004  1.00 25.55 ? 160 ALA A C   1 
ATOM   1273 O O   . ALA A 1 160 ? 1.667   -17.868 12.296  1.00 23.03 ? 160 ALA A O   1 
ATOM   1274 C CB  . ALA A 1 160 ? 4.092   -19.779 13.065  1.00 28.67 ? 160 ALA A CB  1 
ATOM   1275 N N   . ILE A 1 161 ? 3.390   -16.609 13.049  1.00 25.59 ? 161 ILE A N   1 
ATOM   1276 C CA  . ILE A 1 161 ? 3.052   -15.445 12.235  1.00 26.19 ? 161 ILE A CA  1 
ATOM   1277 C C   . ILE A 1 161 ? 3.435   -15.710 10.791  1.00 26.32 ? 161 ILE A C   1 
ATOM   1278 O O   . ILE A 1 161 ? 4.574   -16.070 10.506  1.00 23.83 ? 161 ILE A O   1 
ATOM   1279 C CB  . ILE A 1 161 ? 3.832   -14.202 12.691  1.00 25.54 ? 161 ILE A CB  1 
ATOM   1280 C CG1 . ILE A 1 161 ? 3.356   -13.808 14.080  1.00 28.58 ? 161 ILE A CG1 1 
ATOM   1281 C CG2 . ILE A 1 161 ? 3.682   -13.045 11.675  1.00 28.66 ? 161 ILE A CG2 1 
ATOM   1282 C CD1 . ILE A 1 161 ? 4.212   -12.758 14.710  1.00 35.26 ? 161 ILE A CD1 1 
ATOM   1283 N N   . VAL A 1 162 ? 2.492   -15.547 9.873   1.00 24.14 ? 162 VAL A N   1 
ATOM   1284 C CA  . VAL A 1 162 ? 2.834   -15.735 8.482   1.00 25.02 ? 162 VAL A CA  1 
ATOM   1285 C C   . VAL A 1 162 ? 2.903   -14.377 7.765   1.00 25.75 ? 162 VAL A C   1 
ATOM   1286 O O   . VAL A 1 162 ? 3.639   -14.216 6.779   1.00 24.30 ? 162 VAL A O   1 
ATOM   1287 C CB  . VAL A 1 162 ? 1.848   -16.684 7.800   1.00 26.64 ? 162 VAL A CB  1 
ATOM   1288 C CG1 . VAL A 1 162 ? 2.060   -18.104 8.343   1.00 27.74 ? 162 VAL A CG1 1 
ATOM   1289 C CG2 . VAL A 1 162 ? 0.418   -16.221 8.035   1.00 23.61 ? 162 VAL A CG2 1 
ATOM   1290 N N   . VAL A 1 163 ? 2.157   -13.391 8.258   1.00 24.17 ? 163 VAL A N   1 
ATOM   1291 C CA  . VAL A 1 163 ? 2.211   -12.071 7.656   1.00 23.85 ? 163 VAL A CA  1 
ATOM   1292 C C   . VAL A 1 163 ? 2.264   -11.012 8.731   1.00 25.40 ? 163 VAL A C   1 
ATOM   1293 O O   . VAL A 1 163 ? 1.442   -10.990 9.642   1.00 24.44 ? 163 VAL A O   1 
ATOM   1294 C CB  . VAL A 1 163 ? 0.991   -11.765 6.775   1.00 23.90 ? 163 VAL A CB  1 
ATOM   1295 C CG1 . VAL A 1 163 ? 1.127   -10.366 6.180   1.00 23.72 ? 163 VAL A CG1 1 
ATOM   1296 C CG2 . VAL A 1 163 ? 0.865   -12.798 5.661   1.00 25.32 ? 163 VAL A CG2 1 
ATOM   1297 N N   . PHE A 1 164 ? 3.274   -10.159 8.629   1.00 25.33 ? 164 PHE A N   1 
ATOM   1298 C CA  . PHE A 1 164 ? 3.430   -9.031  9.534   1.00 27.40 ? 164 PHE A CA  1 
ATOM   1299 C C   . PHE A 1 164 ? 2.536   -7.897  9.043   1.00 27.85 ? 164 PHE A C   1 
ATOM   1300 O O   . PHE A 1 164 ? 2.562   -7.514  7.859   1.00 27.58 ? 164 PHE A O   1 
ATOM   1301 C CB  . PHE A 1 164 ? 4.877   -8.545  9.562   1.00 29.44 ? 164 PHE A CB  1 
ATOM   1302 C CG  . PHE A 1 164 ? 5.816   -9.504  10.213  1.00 29.63 ? 164 PHE A CG  1 
ATOM   1303 C CD1 . PHE A 1 164 ? 5.688   -9.811  11.564  1.00 33.49 ? 164 PHE A CD1 1 
ATOM   1304 C CD2 . PHE A 1 164 ? 6.827   -10.113 9.479   1.00 29.76 ? 164 PHE A CD2 1 
ATOM   1305 C CE1 . PHE A 1 164 ? 6.561   -10.715 12.179  1.00 34.99 ? 164 PHE A CE1 1 
ATOM   1306 C CE2 . PHE A 1 164 ? 7.705   -11.017 10.083  1.00 36.93 ? 164 PHE A CE2 1 
ATOM   1307 C CZ  . PHE A 1 164 ? 7.568   -11.317 11.437  1.00 34.00 ? 164 PHE A CZ  1 
ATOM   1308 N N   . HIS A 1 165 ? 1.733   -7.365  9.950   1.00 27.50 ? 165 HIS A N   1 
ATOM   1309 C CA  . HIS A 1 165 ? 0.847   -6.275  9.605   1.00 26.04 ? 165 HIS A CA  1 
ATOM   1310 C C   . HIS A 1 165 ? 1.651   -4.994  9.343   1.00 26.22 ? 165 HIS A C   1 
ATOM   1311 O O   . HIS A 1 165 ? 2.596   -4.700  10.048  1.00 27.52 ? 165 HIS A O   1 
ATOM   1312 C CB  . HIS A 1 165 ? -0.155  -6.072  10.756  1.00 25.31 ? 165 HIS A CB  1 
ATOM   1313 C CG  . HIS A 1 165 ? -0.890  -4.774  10.713  1.00 25.46 ? 165 HIS A CG  1 
ATOM   1314 N ND1 . HIS A 1 165 ? -0.296  -3.565  11.041  1.00 26.20 ? 165 HIS A ND1 1 
ATOM   1315 C CD2 . HIS A 1 165 ? -2.169  -4.475  10.384  1.00 25.40 ? 165 HIS A CD2 1 
ATOM   1316 C CE1 . HIS A 1 165 ? -1.174  -2.596  10.914  1.00 27.98 ? 165 HIS A CE1 1 
ATOM   1317 N NE2 . HIS A 1 165 ? -2.326  -3.120  10.514  1.00 28.41 ? 165 HIS A NE2 1 
ATOM   1318 N N   . GLN A 1 166 ? 1.286   -4.252  8.302   1.00 26.11 ? 166 GLN A N   1 
ATOM   1319 C CA  . GLN A 1 166 ? 1.934   -2.975  8.013   1.00 28.87 ? 166 GLN A CA  1 
ATOM   1320 C C   . GLN A 1 166 ? 0.900   -1.852  8.120   1.00 28.58 ? 166 GLN A C   1 
ATOM   1321 O O   . GLN A 1 166 ? 1.133   -0.844  8.781   1.00 30.42 ? 166 GLN A O   1 
ATOM   1322 C CB  . GLN A 1 166 ? 2.578   -2.967  6.622   1.00 29.54 ? 166 GLN A CB  1 
ATOM   1323 C CG  . GLN A 1 166 ? 3.893   -3.722  6.528   1.00 34.43 ? 166 GLN A CG  1 
ATOM   1324 C CD  . GLN A 1 166 ? 4.960   -3.175  7.469   1.00 37.49 ? 166 GLN A CD  1 
ATOM   1325 O OE1 . GLN A 1 166 ? 5.063   -3.600  8.616   1.00 48.31 ? 166 GLN A OE1 1 
ATOM   1326 N NE2 . GLN A 1 166 ? 5.751   -2.225  6.987   1.00 43.59 ? 166 GLN A NE2 1 
ATOM   1327 N N   . ALA A 1 167 ? -0.245  -2.036  7.473   1.00 27.77 ? 167 ALA A N   1 
ATOM   1328 C CA  . ALA A 1 167 ? -1.319  -1.050  7.503   1.00 28.38 ? 167 ALA A CA  1 
ATOM   1329 C C   . ALA A 1 167 ? -2.635  -1.742  7.173   1.00 27.56 ? 167 ALA A C   1 
ATOM   1330 O O   . ALA A 1 167 ? -2.643  -2.710  6.415   1.00 26.25 ? 167 ALA A O   1 
ATOM   1331 C CB  . ALA A 1 167 ? -1.043  0.046   6.499   1.00 27.06 ? 167 ALA A CB  1 
ATOM   1332 N N   . ASP A 1 168 ? -3.742  -1.253  7.729   1.00 25.60 ? 168 ASP A N   1 
ATOM   1333 C CA  . ASP A 1 168 ? -5.044  -1.865  7.468   1.00 24.06 ? 168 ASP A CA  1 
ATOM   1334 C C   . ASP A 1 168 ? -6.154  -0.838  7.335   1.00 25.49 ? 168 ASP A C   1 
ATOM   1335 O O   . ASP A 1 168 ? -6.022  0.268   7.818   1.00 28.04 ? 168 ASP A O   1 
ATOM   1336 C CB  . ASP A 1 168 ? -5.393  -2.863  8.583   1.00 23.91 ? 168 ASP A CB  1 
ATOM   1337 C CG  . ASP A 1 168 ? -5.668  -2.185  9.913   1.00 23.14 ? 168 ASP A CG  1 
ATOM   1338 O OD1 . ASP A 1 168 ? -4.702  -1.928  10.654  1.00 22.55 ? 168 ASP A OD1 1 
ATOM   1339 O OD2 . ASP A 1 168 ? -6.849  -1.887  10.212  1.00 26.14 ? 168 ASP A OD2 1 
ATOM   1340 N N   . ILE A 1 169 ? -7.251  -1.220  6.694   1.00 26.30 ? 169 ILE A N   1 
ATOM   1341 C CA  . ILE A 1 169 ? -8.355  -0.303  6.515   1.00 30.13 ? 169 ILE A CA  1 
ATOM   1342 C C   . ILE A 1 169 ? -9.196  -0.115  7.773   1.00 32.90 ? 169 ILE A C   1 
ATOM   1343 O O   . ILE A 1 169 ? -10.153 0.635   7.749   1.00 33.36 ? 169 ILE A O   1 
ATOM   1344 C CB  . ILE A 1 169 ? -9.297  -0.743  5.378   1.00 29.91 ? 169 ILE A CB  1 
ATOM   1345 C CG1 . ILE A 1 169 ? -9.869  -2.136  5.663   1.00 31.59 ? 169 ILE A CG1 1 
ATOM   1346 C CG2 . ILE A 1 169 ? -8.559  -0.704  4.041   1.00 30.54 ? 169 ILE A CG2 1 
ATOM   1347 C CD1 . ILE A 1 169 ? -10.982 -2.537  4.735   1.00 35.37 ? 169 ILE A CD1 1 
ATOM   1348 N N   . GLY A 1 170 ? -8.860  -0.800  8.860   1.00 35.98 ? 170 GLY A N   1 
ATOM   1349 C CA  . GLY A 1 170 ? -9.608  -0.618  10.086  1.00 40.76 ? 170 GLY A CA  1 
ATOM   1350 C C   . GLY A 1 170 ? -9.161  0.674   10.733  1.00 46.07 ? 170 GLY A C   1 
ATOM   1351 O O   . GLY A 1 170 ? -9.948  1.370   11.379  1.00 47.54 ? 170 GLY A O   1 
ATOM   1352 N N   . GLU A 1 171 ? -7.890  1.022   10.529  1.00 52.39 ? 171 GLU A N   1 
ATOM   1353 C CA  . GLU A 1 171 ? -7.376  2.234   11.154  1.00 56.42 ? 171 GLU A CA  1 
ATOM   1354 C C   . GLU A 1 171 ? -8.224  3.469   10.849  1.00 59.84 ? 171 GLU A C   1 
ATOM   1355 O O   . GLU A 1 171 ? -8.107  4.475   11.549  1.00 60.18 ? 171 GLU A O   1 
ATOM   1356 C CB  . GLU A 1 171 ? -5.880  2.514   10.820  1.00 56.74 ? 171 GLU A CB  1 
ATOM   1357 C CG  . GLU A 1 171 ? -5.234  1.689   9.713   1.00 56.13 ? 171 GLU A CG  1 
ATOM   1358 C CD  . GLU A 1 171 ? -3.760  2.045   9.472   1.00 54.49 ? 171 GLU A CD  1 
ATOM   1359 O OE1 . GLU A 1 171 ? -3.486  3.196   9.052   1.00 48.84 ? 171 GLU A OE1 1 
ATOM   1360 O OE2 . GLU A 1 171 ? -2.882  1.174   9.705   1.00 43.44 ? 171 GLU A OE2 1 
ATOM   1361 N N   . TYR A 1 172 ? -9.087  3.405   9.829   1.00 62.75 ? 172 TYR A N   1 
ATOM   1362 C CA  . TYR A 1 172 ? -9.940  4.565   9.522   1.00 65.86 ? 172 TYR A CA  1 
ATOM   1363 C C   . TYR A 1 172 ? -11.356 4.279   9.064   1.00 67.36 ? 172 TYR A C   1 
ATOM   1364 O O   . TYR A 1 172 ? -12.260 5.094   9.329   1.00 66.97 ? 172 TYR A O   1 
ATOM   1365 C CB  . TYR A 1 172 ? -9.273  5.537   8.509   1.00 67.24 ? 172 TYR A CB  1 
ATOM   1366 C CG  . TYR A 1 172 ? -9.312  5.204   7.002   1.00 69.18 ? 172 TYR A CG  1 
ATOM   1367 C CD1 . TYR A 1 172 ? -8.155  5.304   6.212   1.00 70.22 ? 172 TYR A CD1 1 
ATOM   1368 C CD2 . TYR A 1 172 ? -10.511 4.881   6.355   1.00 71.29 ? 172 TYR A CD2 1 
ATOM   1369 C CE1 . TYR A 1 172 ? -8.212  5.085   4.808   1.00 71.75 ? 172 TYR A CE1 1 
ATOM   1370 C CE2 . TYR A 1 172 ? -10.570 4.671   5.012   1.00 72.31 ? 172 TYR A CE2 1 
ATOM   1371 C CZ  . TYR A 1 172 ? -9.421  4.767   4.239   1.00 71.93 ? 172 TYR A CZ  1 
ATOM   1372 O OH  . TYR A 1 172 ? -9.398  4.530   2.891   1.00 68.78 ? 172 TYR A OH  1 
ATOM   1373 N N   . VAL A 1 173 ? -11.558 3.164   8.358   1.00 68.64 ? 173 VAL A N   1 
ATOM   1374 C CA  . VAL A 1 173 ? -12.909 2.841   7.907   1.00 70.02 ? 173 VAL A CA  1 
ATOM   1375 C C   . VAL A 1 173 ? -13.858 2.497   9.046   1.00 71.71 ? 173 VAL A C   1 
ATOM   1376 O O   . VAL A 1 173 ? -14.758 1.681   8.858   1.00 71.83 ? 173 VAL A O   1 
ATOM   1377 C CB  . VAL A 1 173 ? -12.986 1.636   6.939   1.00 70.01 ? 173 VAL A CB  1 
ATOM   1378 C CG1 . VAL A 1 173 ? -12.744 0.340   7.693   1.00 69.93 ? 173 VAL A CG1 1 
ATOM   1379 C CG2 . VAL A 1 173 ? -14.404 1.547   6.346   1.00 69.55 ? 173 VAL A CG2 1 
ATOM   1380 N N   . ARG A 1 174 ? -13.664 3.084   10.230  1.00 73.27 ? 174 ARG A N   1 
ATOM   1381 C CA  . ARG A 1 174 ? -14.571 2.805   11.353  1.00 74.34 ? 174 ARG A CA  1 
ATOM   1382 C C   . ARG A 1 174 ? -16.044 3.135   10.963  1.00 75.69 ? 174 ARG A C   1 
ATOM   1383 O O   . ARG A 1 174 ? -16.978 2.922   11.716  1.00 75.84 ? 174 ARG A O   1 
ATOM   1384 C CB  . ARG A 1 174 ? -14.110 3.589   12.596  1.00 74.48 ? 174 ARG A CB  1 
ATOM   1385 C CG  . ARG A 1 174 ? -12.754 3.068   13.121  1.00 73.55 ? 174 ARG A CG  1 
ATOM   1386 C CD  . ARG A 1 174 ? -11.899 4.150   13.756  1.00 73.33 ? 174 ARG A CD  1 
ATOM   1387 N NE  . ARG A 1 174 ? -10.473 3.837   13.646  1.00 73.74 ? 174 ARG A NE  1 
ATOM   1388 C CZ  . ARG A 1 174 ? -9.726  3.331   14.621  1.00 74.32 ? 174 ARG A CZ  1 
ATOM   1389 N NH1 . ARG A 1 174 ? -10.266 3.070   15.801  1.00 75.52 ? 174 ARG A NH1 1 
ATOM   1390 N NH2 . ARG A 1 174 ? -8.434  3.096   14.420  1.00 74.31 ? 174 ARG A NH2 1 
ATOM   1391 N N   . HIS A 1 175 ? -16.231 3.588   9.729   1.00 77.07 ? 175 HIS A N   1 
ATOM   1392 C CA  . HIS A 1 175 ? -17.526 3.997   9.118   1.00 77.19 ? 175 HIS A CA  1 
ATOM   1393 C C   . HIS A 1 175 ? -17.576 5.484   9.433   1.00 77.19 ? 175 HIS A C   1 
ATOM   1394 O O   . HIS A 1 175 ? -18.558 6.164   9.155   1.00 77.19 ? 175 HIS A O   1 
ATOM   1395 C CB  . HIS A 1 175 ? -18.823 3.453   9.737   1.00 77.19 ? 175 HIS A CB  1 
ATOM   1396 C CG  . HIS A 1 175 ? -19.001 1.953   9.724   1.00 77.19 ? 175 HIS A CG  1 
ATOM   1397 N ND1 . HIS A 1 175 ? -19.079 1.183   8.585   1.00 77.19 ? 175 HIS A ND1 1 
ATOM   1398 C CD2 . HIS A 1 175 ? -19.271 1.122   10.759  1.00 77.19 ? 175 HIS A CD2 1 
ATOM   1399 C CE1 . HIS A 1 175 ? -19.397 -0.066  8.917   1.00 77.19 ? 175 HIS A CE1 1 
ATOM   1400 N NE2 . HIS A 1 175 ? -19.519 -0.124  10.231  1.00 77.19 ? 175 HIS A NE2 1 
ATOM   1401 N N   . GLU A 1 176 ? -16.515 5.942   10.090  1.00 77.19 ? 176 GLU A N   1 
ATOM   1402 C CA  . GLU A 1 176 ? -16.273 7.337   10.435  1.00 76.56 ? 176 GLU A CA  1 
ATOM   1403 C C   . GLU A 1 176 ? -15.123 7.221   11.436  1.00 76.20 ? 176 GLU A C   1 
ATOM   1404 O O   . GLU A 1 176 ? -15.379 6.571   12.465  1.00 76.62 ? 176 GLU A O   1 
ATOM   1405 C CB  . GLU A 1 176 ? -17.536 7.969   11.045  1.00 77.19 ? 176 GLU A CB  1 
ATOM   1406 C CG  . GLU A 1 176 ? -18.107 7.255   12.287  1.00 77.19 ? 176 GLU A CG  1 
ATOM   1407 C CD  . GLU A 1 176 ? -17.467 7.747   13.606  1.00 77.19 ? 176 GLU A CD  1 
ATOM   1408 O OE1 . GLU A 1 176 ? -17.419 6.981   14.601  1.00 77.19 ? 176 GLU A OE1 1 
ATOM   1409 O OE2 . GLU A 1 176 ? -17.019 8.916   13.661  1.00 77.19 ? 176 GLU A OE2 1 
HETATM 1410 O O   . HOH B 2 .   ? -6.287  -17.264 12.480  1.00 24.09 ? 189 HOH A O   1 
HETATM 1411 O O   . HOH B 2 .   ? 1.288   8.807   -19.583 1.00 22.31 ? 190 HOH A O   1 
HETATM 1412 O O   . HOH B 2 .   ? 8.168   -20.533 -1.847  1.00 29.98 ? 191 HOH A O   1 
HETATM 1413 O O   . HOH B 2 .   ? -14.603 -9.535  3.017   1.00 30.86 ? 192 HOH A O   1 
HETATM 1414 O O   . HOH B 2 .   ? -6.451  13.310  -9.809  1.00 28.30 ? 193 HOH A O   1 
HETATM 1415 O O   . HOH B 2 .   ? 5.466   1.551   4.843   1.00 28.60 ? 194 HOH A O   1 
HETATM 1416 O O   . HOH B 2 .   ? -11.765 -13.430 5.312   1.00 24.78 ? 195 HOH A O   1 
HETATM 1417 O O   . HOH B 2 .   ? 5.414   12.706  -10.419 1.00 24.06 ? 196 HOH A O   1 
HETATM 1418 O O   . HOH B 2 .   ? 7.204   14.668  -8.218  1.00 25.10 ? 197 HOH A O   1 
HETATM 1419 O O   . HOH B 2 .   ? 6.569   -21.165 -4.163  1.00 37.73 ? 198 HOH A O   1 
HETATM 1420 O O   . HOH B 2 .   ? -6.763  6.696   -13.953 1.00 34.01 ? 199 HOH A O   1 
HETATM 1421 O O   . HOH B 2 .   ? 8.462   -12.642 -3.704  1.00 34.92 ? 200 HOH A O   1 
HETATM 1422 O O   . HOH B 2 .   ? -2.331  2.252   -16.481 1.00 32.42 ? 201 HOH A O   1 
HETATM 1423 O O   . HOH B 2 .   ? 7.261   0.398   -9.945  1.00 42.04 ? 202 HOH A O   1 
HETATM 1424 O O   . HOH B 2 .   ? -1.152  7.707   -20.184 1.00 29.20 ? 203 HOH A O   1 
HETATM 1425 O O   . HOH B 2 .   ? 5.750   -16.532 14.845  1.00 31.21 ? 204 HOH A O   1 
HETATM 1426 O O   . HOH B 2 .   ? 7.593   2.186   -7.687  1.00 39.38 ? 205 HOH A O   1 
HETATM 1427 O O   . HOH B 2 .   ? -9.606  -12.329 15.813  1.00 30.81 ? 206 HOH A O   1 
HETATM 1428 O O   . HOH B 2 .   ? -2.198  3.849   7.037   1.00 38.20 ? 207 HOH A O   1 
HETATM 1429 O O   . HOH B 2 .   ? -3.349  14.214  -16.674 1.00 30.97 ? 208 HOH A O   1 
HETATM 1430 O O   . HOH B 2 .   ? -8.180  12.577  -11.530 1.00 34.54 ? 209 HOH A O   1 
HETATM 1431 O O   . HOH B 2 .   ? 3.456   21.518  -9.779  1.00 43.13 ? 210 HOH A O   1 
HETATM 1432 O O   . HOH B 2 .   ? -6.952  -6.246  -6.246  1.00 33.41 ? 211 HOH A O   1 
HETATM 1433 O O   . HOH B 2 .   ? -7.370  -10.368 -6.043  1.00 37.03 ? 212 HOH A O   1 
HETATM 1434 O O   . HOH B 2 .   ? 17.343  14.828  -4.754  1.00 34.55 ? 213 HOH A O   1 
HETATM 1435 O O   . HOH B 2 .   ? 8.985   -6.415  -1.001  1.00 33.17 ? 214 HOH A O   1 
HETATM 1436 O O   . HOH B 2 .   ? -0.516  -12.680 -8.531  1.00 39.65 ? 215 HOH A O   1 
HETATM 1437 O O   . HOH B 2 .   ? 7.180   1.626   -12.384 1.00 33.35 ? 216 HOH A O   1 
HETATM 1438 O O   . HOH B 2 .   ? 3.798   -6.632  -8.287  1.00 33.22 ? 217 HOH A O   1 
HETATM 1439 O O   . HOH B 2 .   ? 2.663   8.399   8.593   1.00 47.74 ? 218 HOH A O   1 
HETATM 1440 O O   . HOH B 2 .   ? 11.808  0.639   0.306   1.00 39.87 ? 219 HOH A O   1 
HETATM 1441 O O   . HOH B 2 .   ? -4.036  -1.478  -15.911 1.00 33.97 ? 220 HOH A O   1 
HETATM 1442 O O   . HOH B 2 .   ? -5.196  -5.613  -12.095 1.00 43.31 ? 221 HOH A O   1 
HETATM 1443 O O   . HOH B 2 .   ? 18.500  14.115  -10.419 1.00 51.03 ? 222 HOH A O   1 
HETATM 1444 O O   . HOH B 2 .   ? 0.670   -16.699 18.009  1.00 34.50 ? 223 HOH A O   1 
HETATM 1445 O O   . HOH B 2 .   ? -8.446  -17.236 -2.992  1.00 56.22 ? 224 HOH A O   1 
HETATM 1446 O O   . HOH B 2 .   ? 7.566   8.348   -8.462  1.00 53.09 ? 225 HOH A O   1 
HETATM 1447 O O   . HOH B 2 .   ? 12.326  -16.508 0.833   1.00 32.64 ? 226 HOH A O   1 
HETATM 1448 O O   . HOH B 2 .   ? 3.370   -7.770  -4.111  1.00 26.24 ? 227 HOH A O   1 
HETATM 1449 O O   . HOH B 2 .   ? 9.503   -18.170 -2.633  1.00 42.67 ? 228 HOH A O   1 
HETATM 1450 O O   . HOH B 2 .   ? 4.310   -16.135 -8.473  1.00 49.35 ? 229 HOH A O   1 
HETATM 1451 O O   . HOH B 2 .   ? 12.266  -26.249 -1.655  1.00 33.23 ? 230 HOH A O   1 
HETATM 1452 O O   . HOH B 2 .   ? -7.051  -0.629  12.858  1.00 57.36 ? 231 HOH A O   1 
HETATM 1453 O O   . HOH B 2 .   ? -10.868 -2.373  0.329   1.00 37.39 ? 232 HOH A O   1 
HETATM 1454 O O   . HOH B 2 .   ? -4.934  4.462   -10.481 1.00 50.94 ? 233 HOH A O   1 
HETATM 1455 O O   . HOH B 2 .   ? -9.754  -1.552  -3.073  1.00 44.74 ? 234 HOH A O   1 
HETATM 1456 O O   . HOH B 2 .   ? 9.591   -13.932 -5.638  1.00 45.16 ? 235 HOH A O   1 
HETATM 1457 O O   . HOH B 2 .   ? -0.300  -17.991 -7.151  1.00 40.66 ? 236 HOH A O   1 
HETATM 1458 O O   . HOH B 2 .   ? -0.141  15.814  -18.632 1.00 43.59 ? 237 HOH A O   1 
HETATM 1459 O O   . HOH B 2 .   ? 6.647   -14.956 -9.194  1.00 45.32 ? 238 HOH A O   1 
HETATM 1460 O O   . HOH B 2 .   ? 10.713  -18.516 4.517   1.00 33.70 ? 239 HOH A O   1 
HETATM 1461 O O   . HOH B 2 .   ? -1.722  -14.493 -6.790  1.00 38.76 ? 240 HOH A O   1 
HETATM 1462 O O   . HOH B 2 .   ? -5.351  -24.358 15.361  1.00 35.07 ? 241 HOH A O   1 
HETATM 1463 O O   . HOH B 2 .   ? -4.893  -4.071  -16.713 1.00 45.44 ? 242 HOH A O   1 
HETATM 1464 O O   . HOH B 2 .   ? -11.705 -5.979  13.383  1.00 47.34 ? 243 HOH A O   1 
HETATM 1465 O O   . HOH B 2 .   ? 4.315   11.819  -13.350 1.00 36.65 ? 244 HOH A O   1 
HETATM 1466 O O   . HOH B 2 .   ? -3.396  9.036   4.130   1.00 41.64 ? 245 HOH A O   1 
HETATM 1467 O O   . HOH B 2 .   ? -0.212  1.894   9.330   1.00 42.28 ? 246 HOH A O   1 
HETATM 1468 O O   . HOH B 2 .   ? 11.902  -10.453 -0.227  1.00 47.82 ? 247 HOH A O   1 
HETATM 1469 O O   . HOH B 2 .   ? -8.291  14.322  -13.860 1.00 41.29 ? 248 HOH A O   1 
HETATM 1470 O O   . HOH B 2 .   ? 11.454  19.550  -5.681  1.00 41.72 ? 249 HOH A O   1 
HETATM 1471 O O   . HOH B 2 .   ? 15.452  15.222  -1.144  1.00 41.10 ? 250 HOH A O   1 
HETATM 1472 O O   . HOH B 2 .   ? 2.471   1.088   5.723   1.00 40.52 ? 251 HOH A O   1 
HETATM 1473 O O   . HOH B 2 .   ? -5.816  11.130  -7.957  1.00 37.82 ? 252 HOH A O   1 
HETATM 1474 O O   . HOH B 2 .   ? 0.945   10.238  -22.086 1.00 35.52 ? 253 HOH A O   1 
HETATM 1475 O O   . HOH B 2 .   ? 4.669   16.654  -13.800 1.00 43.02 ? 254 HOH A O   1 
HETATM 1476 O O   . HOH B 2 .   ? -6.800  14.087  -0.520  1.00 44.58 ? 255 HOH A O   1 
HETATM 1477 O O   . HOH B 2 .   ? -1.845  -28.346 12.145  1.00 42.56 ? 256 HOH A O   1 
HETATM 1478 O O   . HOH B 2 .   ? -8.109  12.927  -16.184 1.00 53.90 ? 257 HOH A O   1 
HETATM 1479 O O   . HOH B 2 .   ? -13.733 -7.684  4.341   1.00 49.85 ? 258 HOH A O   1 
HETATM 1480 O O   . HOH B 2 .   ? 5.235   -7.380  -10.452 1.00 43.68 ? 259 HOH A O   1 
HETATM 1481 O O   . HOH B 2 .   ? 12.111  3.371   0.307   1.00 36.73 ? 260 HOH A O   1 
HETATM 1482 O O   . HOH B 2 .   ? 7.985   -6.452  -5.077  1.00 36.13 ? 261 HOH A O   1 
HETATM 1483 O O   . HOH B 2 .   ? -7.450  3.015   -0.762  1.00 40.98 ? 262 HOH A O   1 
HETATM 1484 O O   . HOH B 2 .   ? -3.723  -7.904  -9.163  1.00 45.00 ? 263 HOH A O   1 
HETATM 1485 O O   . HOH B 2 .   ? 6.218   -23.203 13.512  1.00 44.21 ? 264 HOH A O   1 
HETATM 1486 O O   . HOH B 2 .   ? -0.776  -26.056 5.938   1.00 47.72 ? 265 HOH A O   1 
HETATM 1487 O O   . HOH B 2 .   ? 13.397  14.685  -12.831 1.00 56.52 ? 266 HOH A O   1 
HETATM 1488 O O   . HOH B 2 .   ? -2.891  -24.176 10.584  1.00 35.34 ? 267 HOH A O   1 
HETATM 1489 O O   . HOH B 2 .   ? -0.229  -22.973 3.477   1.00 44.93 ? 268 HOH A O   1 
HETATM 1490 O O   . HOH B 2 .   ? 11.087  3.804   2.992   1.00 43.97 ? 269 HOH A O   1 
HETATM 1491 O O   . HOH B 2 .   ? 13.187  10.270  12.047  1.00 51.24 ? 270 HOH A O   1 
HETATM 1492 O O   . HOH B 2 .   ? 10.791  15.845  2.205   1.00 49.19 ? 271 HOH A O   1 
HETATM 1493 O O   . HOH B 2 .   ? 7.874   11.774  -7.956  1.00 47.50 ? 272 HOH A O   1 
HETATM 1494 O O   . HOH B 2 .   ? -4.473  -22.337 7.739   1.00 54.31 ? 273 HOH A O   1 
HETATM 1495 O O   . HOH B 2 .   ? 8.247   6.548   -7.196  1.00 61.30 ? 274 HOH A O   1 
HETATM 1496 O O   . HOH B 2 .   ? -9.460  6.780   -2.903  1.00 45.04 ? 275 HOH A O   1 
HETATM 1497 O O   . HOH B 2 .   ? 1.657   -21.887 1.409   1.00 47.83 ? 276 HOH A O   1 
HETATM 1498 O O   . HOH B 2 .   ? -6.132  27.487  -12.733 1.00 56.99 ? 277 HOH A O   1 
HETATM 1499 O O   . HOH B 2 .   ? -4.635  -0.706  12.815  1.00 49.54 ? 278 HOH A O   1 
HETATM 1500 O O   . HOH B 2 .   ? 4.707   21.947  1.799   1.00 54.67 ? 279 HOH A O   1 
HETATM 1501 O O   . HOH B 2 .   ? 5.315   -7.183  -6.388  1.00 47.65 ? 280 HOH A O   1 
HETATM 1502 O O   . HOH B 2 .   ? 12.720  20.791  -3.506  1.00 45.44 ? 281 HOH A O   1 
HETATM 1503 O O   . HOH B 2 .   ? -9.887  13.063  -4.143  1.00 50.97 ? 282 HOH A O   1 
HETATM 1504 O O   . HOH B 2 .   ? 9.784   -14.194 10.113  1.00 54.99 ? 283 HOH A O   1 
HETATM 1505 O O   . HOH B 2 .   ? 2.497   -7.745  -12.305 1.00 43.02 ? 284 HOH A O   1 
HETATM 1506 O O   . HOH B 2 .   ? 7.019   -6.072  -11.759 1.00 54.10 ? 285 HOH A O   1 
HETATM 1507 O O   . HOH B 2 .   ? 1.799   -2.651  12.619  1.00 46.84 ? 286 HOH A O   1 
HETATM 1508 O O   . HOH B 2 .   ? -6.619  -11.995 -7.686  1.00 55.66 ? 287 HOH A O   1 
HETATM 1509 O O   . HOH B 2 .   ? -16.892 3.726   14.475  1.00 56.31 ? 288 HOH A O   1 
HETATM 1510 O O   . HOH B 2 .   ? -5.552  21.002  -17.136 1.00 55.91 ? 289 HOH A O   1 
HETATM 1511 O O   . HOH B 2 .   ? -10.589 -1.192  13.601  1.00 52.66 ? 290 HOH A O   1 
HETATM 1512 O O   . HOH B 2 .   ? 6.307   -26.499 1.505   1.00 51.79 ? 291 HOH A O   1 
HETATM 1513 O O   . HOH B 2 .   ? -5.962  11.362  0.557   1.00 45.91 ? 292 HOH A O   1 
HETATM 1514 O O   . HOH B 2 .   ? -4.871  -24.707 12.526  1.00 45.87 ? 293 HOH A O   1 
HETATM 1515 O O   . HOH B 2 .   ? 4.483   -23.622 -3.582  1.00 56.23 ? 294 HOH A O   1 
HETATM 1516 O O   . HOH B 2 .   ? 10.996  1.672   5.331   1.00 56.42 ? 295 HOH A O   1 
HETATM 1517 O O   . HOH B 2 .   ? 1.858   -28.983 6.847   1.00 51.67 ? 296 HOH A O   1 
HETATM 1518 O O   . HOH B 2 .   ? 5.737   -1.167  4.441   1.00 50.34 ? 297 HOH A O   1 
HETATM 1519 O O   . HOH B 2 .   ? -16.428 -11.257 -3.513  1.00 44.03 ? 298 HOH A O   1 
HETATM 1520 O O   . HOH B 2 .   ? 9.037   10.779  11.359  1.00 58.49 ? 299 HOH A O   1 
HETATM 1521 O O   . HOH B 2 .   ? -4.793  1.994   -9.649  1.00 49.80 ? 300 HOH A O   1 
HETATM 1522 O O   . HOH B 2 .   ? -7.593  10.067  -6.643  1.00 55.88 ? 301 HOH A O   1 
HETATM 1523 O O   . HOH B 2 .   ? 4.257   23.510  -4.948  1.00 57.50 ? 302 HOH A O   1 
HETATM 1524 O O   . HOH B 2 .   ? 11.689  -17.963 -1.656  1.00 56.83 ? 303 HOH A O   1 
HETATM 1525 O O   . HOH B 2 .   ? 2.826   -24.012 -1.598  1.00 54.54 ? 304 HOH A O   1 
HETATM 1526 O O   . HOH B 2 .   ? -4.549  -27.611 12.365  1.00 48.58 ? 305 HOH A O   1 
HETATM 1527 O O   . HOH B 2 .   ? -6.188  4.794   8.523   1.00 52.95 ? 306 HOH A O   1 
HETATM 1528 O O   . HOH B 2 .   ? 2.299   -31.586 -1.212  1.00 50.15 ? 307 HOH A O   1 
HETATM 1529 O O   . HOH B 2 .   ? -14.642 -11.464 4.858   1.00 50.36 ? 308 HOH A O   1 
HETATM 1530 O O   . HOH B 2 .   ? -8.151  2.452   2.005   1.00 55.84 ? 309 HOH A O   1 
HETATM 1531 O O   . HOH B 2 .   ? -0.625  17.533  3.422   1.00 54.92 ? 310 HOH A O   1 
HETATM 1532 O O   . HOH B 2 .   ? -5.974  6.833   -11.563 1.00 51.01 ? 311 HOH A O   1 
HETATM 1533 O O   . HOH B 2 .   ? 10.929  -21.402 0.198   1.00 48.88 ? 312 HOH A O   1 
HETATM 1534 O O   . HOH B 2 .   ? -1.595  13.358  -20.005 1.00 49.38 ? 313 HOH A O   1 
HETATM 1535 O O   . HOH B 2 .   ? -8.605  8.171   -8.567  1.00 51.32 ? 314 HOH A O   1 
HETATM 1536 O O   . HOH B 2 .   ? 6.216   -31.095 1.476   1.00 53.05 ? 315 HOH A O   1 
HETATM 1537 O O   . HOH B 2 .   ? 1.293   -22.577 -8.140  1.00 50.75 ? 316 HOH A O   1 
HETATM 1538 O O   . HOH B 2 .   ? -1.898  3.904   -20.509 1.00 55.42 ? 317 HOH A O   1 
HETATM 1539 O O   . HOH B 2 .   ? 13.026  -17.045 -4.509  1.00 58.48 ? 318 HOH A O   1 
HETATM 1540 O O   . HOH B 2 .   ? -9.025  6.019   -16.646 1.00 52.92 ? 319 HOH A O   1 
# 
